data_3KRZ
#
_entry.id   3KRZ
#
_cell.length_a   87.380
_cell.length_b   98.556
_cell.length_c   95.134
_cell.angle_alpha   90.00
_cell.angle_beta   92.40
_cell.angle_gamma   90.00
#
_symmetry.space_group_name_H-M   'P 1 21 1'
#
loop_
_entity.id
_entity.type
_entity.pdbx_description
1 polymer 'NADH:flavin oxidoreductase/NADH oxidase'
2 non-polymer 'FLAVIN MONONUCLEOTIDE'
3 non-polymer '1,4,5,6-TETRAHYDRONICOTINAMIDE ADENINE DINUCLEOTIDE'
4 water water
#
_entity_poly.entity_id   1
_entity_poly.type   'polypeptide(L)'
_entity_poly.pdbx_seq_one_letter_code
;MSILHMPLKIKDITIKNRIMMSPMCMYSASTDGMPNDWHIVHYATRAIGGVGLIMQEATAVESRGRITDHDLGIWNDEQV
KELKKIVDICKANGAVMGIQLAHAGRKCNISYEDVVGPSPIKAGDRYKLPRELSVEEIKSIVKAFGEAAKRANLAGYDVV
EIHAAHGYLIHEFLSPLSNKRKDEYGNSIENRARFLIEVIDEVRKNWPENKPIFVRVSADDYMEGGINIDMMVEYINMIK
DKVDLIDVSSGGLLNVDINLYPGYQVKYAETIKKRCNIKTSAVGLITTQELAEEILSNERADLVALGRELLRNPYWVLHT
YTSKEDWPKQYERAFKK
;
_entity_poly.pdbx_strand_id   A,B,C,D
#
loop_
_chem_comp.id
_chem_comp.type
_chem_comp.name
_chem_comp.formula
FMN non-polymer 'FLAVIN MONONUCLEOTIDE' 'C17 H21 N4 O9 P'
TXD non-polymer '1,4,5,6-TETRAHYDRONICOTINAMIDE ADENINE DINUCLEOTIDE' 'C21 H31 N7 O14 P2'
#
# COMPACT_ATOMS: atom_id res chain seq x y z
N SER A 2 15.91 1.74 12.19
CA SER A 2 15.72 3.08 11.57
C SER A 2 16.30 4.18 12.47
N ILE A 3 16.77 5.27 11.86
CA ILE A 3 17.14 6.46 12.64
C ILE A 3 15.97 7.00 13.49
N LEU A 4 14.75 6.69 13.06
CA LEU A 4 13.52 7.05 13.78
C LEU A 4 13.51 6.40 15.16
N HIS A 5 14.22 5.28 15.29
CA HIS A 5 14.15 4.50 16.52
C HIS A 5 15.17 4.88 17.58
N MET A 6 15.98 5.91 17.29
CA MET A 6 17.01 6.33 18.24
CA MET A 6 17.01 6.35 18.22
C MET A 6 16.40 7.16 19.35
N PRO A 7 16.74 6.83 20.62
CA PRO A 7 16.26 7.64 21.73
C PRO A 7 16.79 9.07 21.69
N LEU A 8 16.06 9.98 22.34
CA LEU A 8 16.50 11.35 22.48
C LEU A 8 16.36 11.74 23.96
N LYS A 9 17.47 12.09 24.60
CA LYS A 9 17.43 12.48 26.00
C LYS A 9 17.39 13.99 26.10
N ILE A 10 16.39 14.51 26.83
CA ILE A 10 16.29 15.94 27.09
C ILE A 10 16.16 16.12 28.60
N LYS A 11 17.18 16.76 29.20
CA LYS A 11 17.28 16.85 30.66
C LYS A 11 17.24 15.43 31.22
N ASP A 12 16.40 15.18 32.23
CA ASP A 12 16.30 13.83 32.78
C ASP A 12 15.27 12.94 32.10
N ILE A 13 14.71 13.37 30.96
CA ILE A 13 13.65 12.63 30.29
C ILE A 13 14.21 11.98 29.01
N THR A 14 14.00 10.67 28.84
CA THR A 14 14.46 9.99 27.63
C THR A 14 13.26 9.60 26.80
N ILE A 15 13.18 10.17 25.59
CA ILE A 15 12.13 9.80 24.65
C ILE A 15 12.67 8.59 23.87
N LYS A 16 11.88 7.53 23.76
CA LYS A 16 12.41 6.25 23.23
C LYS A 16 12.62 6.18 21.71
N ASN A 17 12.03 7.14 21.01
CA ASN A 17 12.18 7.24 19.55
C ASN A 17 11.97 8.69 19.12
N ARG A 18 12.00 8.96 17.82
CA ARG A 18 11.99 10.34 17.38
C ARG A 18 10.60 10.80 16.89
N ILE A 19 9.56 10.05 17.25
CA ILE A 19 8.20 10.39 16.81
C ILE A 19 7.37 11.04 17.93
N MET A 20 6.88 12.24 17.65
CA MET A 20 5.98 12.94 18.56
C MET A 20 4.55 12.98 17.97
N MET A 21 3.54 12.73 18.79
CA MET A 21 2.16 13.02 18.35
C MET A 21 1.93 14.52 18.53
N SER A 22 1.70 15.22 17.43
CA SER A 22 1.48 16.66 17.44
C SER A 22 0.19 16.95 18.22
N PRO A 23 0.17 18.05 19.00
CA PRO A 23 -1.06 18.38 19.74
C PRO A 23 -2.23 18.62 18.77
N MET A 24 -3.36 17.97 19.04
CA MET A 24 -4.58 18.14 18.22
C MET A 24 -5.83 18.23 19.09
N CYS A 25 -6.46 19.41 19.11
CA CYS A 25 -7.73 19.61 19.81
C CYS A 25 -8.77 18.59 19.34
N MET A 26 -9.48 18.00 20.31
CA MET A 26 -10.49 17.00 20.01
C MET A 26 -11.92 17.52 20.21
N TYR A 27 -12.04 18.73 20.75
CA TYR A 27 -13.36 19.40 20.93
C TYR A 27 -14.37 18.47 21.59
N SER A 28 -13.90 17.75 22.60
CA SER A 28 -14.70 16.69 23.20
C SER A 28 -14.89 16.88 24.73
N ALA A 29 -14.34 17.96 25.28
CA ALA A 29 -14.46 18.24 26.72
C ALA A 29 -15.83 18.84 27.04
N SER A 30 -16.21 18.81 28.33
CA SER A 30 -17.36 19.54 28.85
C SER A 30 -17.09 21.04 28.79
N THR A 31 -18.13 21.85 29.00
CA THR A 31 -17.95 23.29 29.16
C THR A 31 -17.13 23.61 30.41
N ASP A 32 -16.98 22.64 31.31
CA ASP A 32 -16.10 22.84 32.48
C ASP A 32 -14.62 22.49 32.17
N GLY A 33 -14.33 22.09 30.93
CA GLY A 33 -12.95 21.80 30.52
C GLY A 33 -12.36 20.47 30.98
N MET A 34 -13.23 19.54 31.41
CA MET A 34 -12.81 18.27 31.95
C MET A 34 -12.66 17.22 30.83
N PRO A 35 -11.58 16.43 30.87
CA PRO A 35 -11.45 15.34 29.91
C PRO A 35 -12.42 14.22 30.28
N ASN A 36 -12.67 13.28 29.39
CA ASN A 36 -13.52 12.15 29.71
C ASN A 36 -12.90 10.90 29.14
N ASP A 37 -13.65 9.79 29.19
CA ASP A 37 -13.11 8.52 28.73
C ASP A 37 -12.71 8.56 27.26
N TRP A 38 -13.34 9.44 26.48
CA TRP A 38 -12.96 9.59 25.10
C TRP A 38 -11.49 10.03 24.96
N HIS A 39 -11.10 11.03 25.75
CA HIS A 39 -9.71 11.51 25.73
C HIS A 39 -8.76 10.42 26.19
N ILE A 40 -9.15 9.68 27.24
CA ILE A 40 -8.26 8.70 27.83
C ILE A 40 -7.92 7.62 26.77
N VAL A 41 -8.95 7.09 26.10
CA VAL A 41 -8.73 6.07 25.05
C VAL A 41 -7.93 6.65 23.87
N HIS A 42 -8.28 7.86 23.47
CA HIS A 42 -7.68 8.54 22.31
C HIS A 42 -6.15 8.59 22.48
N TYR A 43 -5.71 9.07 23.63
CA TYR A 43 -4.26 9.21 23.85
C TYR A 43 -3.60 7.85 24.14
N ALA A 44 -4.26 7.01 24.95
CA ALA A 44 -3.73 5.68 25.27
C ALA A 44 -3.44 4.88 24.00
N THR A 45 -4.34 4.96 23.02
CA THR A 45 -4.23 4.22 21.72
C THR A 45 -2.87 4.51 21.04
N ARG A 46 -2.45 5.77 21.05
CA ARG A 46 -1.17 6.14 20.42
C ARG A 46 0.05 5.77 21.27
N ALA A 47 -0.13 5.69 22.58
CA ALA A 47 0.92 5.18 23.44
C ALA A 47 1.14 3.69 23.16
N ILE A 48 0.06 2.90 23.13
CA ILE A 48 0.10 1.48 22.70
CA ILE A 48 0.17 1.49 22.73
C ILE A 48 0.75 1.41 21.30
N GLY A 49 0.41 2.38 20.47
CA GLY A 49 0.91 2.44 19.09
C GLY A 49 2.39 2.77 18.96
N GLY A 50 3.07 2.96 20.08
CA GLY A 50 4.51 3.15 20.06
C GLY A 50 5.02 4.59 19.94
N VAL A 51 4.13 5.56 20.02
CA VAL A 51 4.59 6.97 19.92
C VAL A 51 5.59 7.33 21.06
N GLY A 52 6.73 7.96 20.73
CA GLY A 52 7.72 8.29 21.75
C GLY A 52 7.23 9.37 22.72
N LEU A 53 6.64 10.42 22.16
CA LEU A 53 6.22 11.57 22.97
C LEU A 53 4.82 11.96 22.52
N ILE A 54 3.87 11.87 23.44
CA ILE A 54 2.50 12.29 23.14
C ILE A 54 2.27 13.69 23.68
N MET A 55 2.02 14.64 22.78
CA MET A 55 1.72 16.04 23.18
C MET A 55 0.21 16.24 23.23
N GLN A 56 -0.30 16.42 24.44
CA GLN A 56 -1.73 16.70 24.61
C GLN A 56 -2.09 18.01 23.90
N GLU A 57 -3.28 18.01 23.29
CA GLU A 57 -3.93 19.17 22.66
C GLU A 57 -3.88 20.43 23.53
N ALA A 58 -4.04 21.58 22.88
CA ALA A 58 -4.02 22.89 23.54
C ALA A 58 -4.91 22.84 24.77
N THR A 59 -4.34 23.11 25.93
CA THR A 59 -5.07 23.02 27.21
C THR A 59 -5.03 24.41 27.85
N ALA A 60 -6.21 25.01 28.00
CA ALA A 60 -6.31 26.43 28.31
C ALA A 60 -5.89 26.76 29.74
N VAL A 61 -5.08 27.81 29.92
CA VAL A 61 -4.61 28.22 31.25
C VAL A 61 -5.66 29.04 32.03
N GLU A 62 -6.71 29.43 31.32
CA GLU A 62 -7.88 30.09 31.93
C GLU A 62 -9.06 29.99 30.98
N SER A 63 -10.28 30.13 31.49
CA SER A 63 -11.44 29.84 30.66
C SER A 63 -11.55 30.75 29.41
N ARG A 64 -11.15 32.02 29.50
CA ARG A 64 -11.19 32.94 28.34
C ARG A 64 -10.04 32.66 27.38
N GLY A 65 -9.15 31.74 27.78
CA GLY A 65 -8.04 31.30 26.94
C GLY A 65 -8.38 30.06 26.12
N ARG A 66 -9.61 29.55 26.26
CA ARG A 66 -10.05 28.45 25.37
C ARG A 66 -10.34 28.94 23.95
N ILE A 67 -10.16 28.05 22.98
CA ILE A 67 -10.63 28.30 21.63
C ILE A 67 -12.14 28.05 21.56
N THR A 68 -12.56 26.89 22.05
CA THR A 68 -14.00 26.56 22.08
C THR A 68 -14.38 26.13 23.49
N ASP A 69 -15.69 26.08 23.77
CA ASP A 69 -16.13 25.65 25.08
C ASP A 69 -16.21 24.11 25.22
N HIS A 70 -15.60 23.39 24.29
CA HIS A 70 -15.32 21.96 24.46
C HIS A 70 -13.82 21.65 24.51
N ASP A 71 -13.02 22.67 24.83
CA ASP A 71 -11.58 22.48 24.99
C ASP A 71 -11.23 22.00 26.40
N LEU A 72 -10.12 21.30 26.52
CA LEU A 72 -9.56 20.99 27.82
C LEU A 72 -9.03 22.24 28.52
N GLY A 73 -9.10 22.23 29.85
CA GLY A 73 -8.52 23.31 30.63
C GLY A 73 -7.68 22.78 31.77
N ILE A 74 -6.79 23.63 32.30
CA ILE A 74 -5.99 23.28 33.49
C ILE A 74 -5.89 24.48 34.43
N TRP A 75 -7.03 25.16 34.62
CA TRP A 75 -7.11 26.31 35.55
C TRP A 75 -7.58 25.96 36.98
N ASN A 76 -7.95 24.70 37.22
CA ASN A 76 -8.34 24.30 38.59
C ASN A 76 -7.94 22.87 38.94
N ASP A 77 -8.20 22.46 40.19
CA ASP A 77 -7.70 21.18 40.67
C ASP A 77 -8.56 19.98 40.26
N GLU A 78 -9.83 20.25 39.96
CA GLU A 78 -10.74 19.22 39.46
C GLU A 78 -10.26 18.72 38.09
N GLN A 79 -9.81 19.66 37.26
CA GLN A 79 -9.20 19.31 35.96
C GLN A 79 -7.95 18.45 36.12
N VAL A 80 -7.10 18.78 37.09
CA VAL A 80 -5.87 18.02 37.38
C VAL A 80 -6.16 16.55 37.70
N LYS A 81 -7.18 16.30 38.51
CA LYS A 81 -7.51 14.95 38.94
C LYS A 81 -7.88 14.10 37.71
N GLU A 82 -8.59 14.71 36.77
CA GLU A 82 -9.02 14.00 35.56
C GLU A 82 -7.90 13.85 34.52
N LEU A 83 -7.11 14.91 34.33
CA LEU A 83 -5.95 14.86 33.43
C LEU A 83 -4.94 13.81 33.89
N LYS A 84 -4.82 13.62 35.20
CA LYS A 84 -3.90 12.62 35.72
C LYS A 84 -4.20 11.21 35.14
N LYS A 85 -5.47 10.92 34.84
CA LYS A 85 -5.86 9.62 34.28
C LYS A 85 -5.23 9.41 32.89
N ILE A 86 -5.21 10.46 32.07
CA ILE A 86 -4.57 10.40 30.74
C ILE A 86 -3.08 10.16 30.93
N VAL A 87 -2.45 10.99 31.77
CA VAL A 87 -1.02 10.88 31.99
C VAL A 87 -0.59 9.47 32.42
N ASP A 88 -1.33 8.91 33.38
CA ASP A 88 -0.96 7.64 33.99
C ASP A 88 -1.00 6.50 32.97
N ILE A 89 -2.07 6.44 32.18
CA ILE A 89 -2.25 5.38 31.18
C ILE A 89 -1.24 5.47 30.02
N CYS A 90 -0.96 6.69 29.54
CA CYS A 90 0.05 6.88 28.52
C CYS A 90 1.46 6.49 28.99
N LYS A 91 1.85 6.90 30.19
CA LYS A 91 3.17 6.52 30.70
C LYS A 91 3.26 5.01 31.00
N ALA A 92 2.17 4.44 31.51
CA ALA A 92 2.09 2.99 31.75
C ALA A 92 2.35 2.21 30.45
N ASN A 93 1.90 2.79 29.35
CA ASN A 93 2.08 2.16 28.06
C ASN A 93 3.30 2.57 27.25
N GLY A 94 4.24 3.26 27.90
CA GLY A 94 5.55 3.51 27.35
C GLY A 94 5.84 4.85 26.70
N ALA A 95 4.90 5.79 26.78
CA ALA A 95 5.09 7.09 26.16
C ALA A 95 5.57 8.13 27.16
N VAL A 96 6.33 9.10 26.68
CA VAL A 96 6.56 10.33 27.42
C VAL A 96 5.33 11.24 27.18
N MET A 97 4.83 11.88 28.24
CA MET A 97 3.58 12.66 28.16
C MET A 97 3.84 14.15 28.28
N GLY A 98 3.41 14.89 27.28
CA GLY A 98 3.56 16.35 27.29
C GLY A 98 2.19 17.02 27.32
N ILE A 99 2.18 18.27 27.75
CA ILE A 99 0.96 19.09 27.71
C ILE A 99 1.27 20.41 27.05
N GLN A 100 0.43 20.82 26.10
CA GLN A 100 0.58 22.13 25.50
C GLN A 100 -0.29 23.15 26.26
N LEU A 101 0.37 24.05 26.98
CA LEU A 101 -0.33 25.14 27.70
C LEU A 101 -0.65 26.24 26.73
N ALA A 102 -1.91 26.68 26.76
CA ALA A 102 -2.41 27.53 25.69
C ALA A 102 -3.26 28.69 26.19
N HIS A 103 -3.35 29.73 25.36
CA HIS A 103 -4.27 30.85 25.58
C HIS A 103 -4.63 31.39 24.22
N ALA A 104 -5.91 31.28 23.87
CA ALA A 104 -6.37 31.60 22.50
C ALA A 104 -6.35 33.09 22.18
N GLY A 105 -6.30 33.93 23.21
CA GLY A 105 -6.29 35.38 22.98
C GLY A 105 -7.42 35.80 22.07
N ARG A 106 -7.10 36.56 21.02
CA ARG A 106 -8.16 37.17 20.19
C ARG A 106 -8.86 36.15 19.30
N LYS A 107 -8.31 34.93 19.24
CA LYS A 107 -8.93 33.83 18.48
C LYS A 107 -9.84 32.95 19.35
N CYS A 108 -10.08 33.35 20.60
CA CYS A 108 -11.11 32.69 21.40
C CYS A 108 -12.44 32.79 20.66
N ASN A 109 -13.08 31.64 20.39
CA ASN A 109 -14.31 31.61 19.59
C ASN A 109 -15.55 31.31 20.44
N ILE A 110 -15.52 31.68 21.71
CA ILE A 110 -16.65 31.41 22.59
C ILE A 110 -17.46 32.69 22.68
N SER A 111 -18.72 32.64 22.26
CA SER A 111 -19.51 33.86 22.06
C SER A 111 -19.63 34.72 23.32
N TYR A 112 -19.63 34.08 24.49
CA TYR A 112 -19.88 34.74 25.76
C TYR A 112 -18.63 35.03 26.60
N GLU A 113 -17.46 34.66 26.10
CA GLU A 113 -16.21 34.92 26.83
C GLU A 113 -15.66 36.35 26.73
N ASP A 114 -14.83 36.70 27.70
CA ASP A 114 -14.13 37.98 27.73
C ASP A 114 -12.87 37.83 26.88
N VAL A 115 -12.98 38.15 25.59
CA VAL A 115 -11.88 37.94 24.63
C VAL A 115 -10.87 39.07 24.74
N VAL A 116 -9.58 38.71 24.89
CA VAL A 116 -8.50 39.70 25.12
C VAL A 116 -7.36 39.55 24.12
N GLY A 117 -6.57 40.61 23.96
CA GLY A 117 -5.38 40.55 23.06
C GLY A 117 -4.48 41.73 23.41
N PRO A 118 -3.32 41.83 22.74
CA PRO A 118 -2.38 42.93 22.98
C PRO A 118 -2.90 44.28 22.45
N SER A 119 -3.69 44.22 21.37
CA SER A 119 -4.20 45.41 20.67
C SER A 119 -5.62 45.13 20.12
N PRO A 120 -6.49 46.16 20.06
CA PRO A 120 -7.89 45.96 19.65
C PRO A 120 -8.03 45.82 18.13
N ILE A 121 -7.70 44.64 17.62
CA ILE A 121 -7.71 44.37 16.17
C ILE A 121 -8.22 42.94 16.05
N LYS A 122 -9.24 42.72 15.21
CA LYS A 122 -9.78 41.38 14.99
C LYS A 122 -8.83 40.45 14.21
N ALA A 123 -8.92 39.16 14.52
CA ALA A 123 -8.20 38.12 13.77
C ALA A 123 -8.80 37.85 12.38
N GLY A 124 -10.05 38.26 12.19
CA GLY A 124 -10.77 38.05 10.93
C GLY A 124 -12.21 38.51 11.12
N ASP A 125 -12.95 38.61 10.01
CA ASP A 125 -14.34 39.12 10.00
C ASP A 125 -15.25 38.50 11.05
N ARG A 126 -15.17 37.19 11.20
CA ARG A 126 -16.09 36.49 12.08
C ARG A 126 -15.67 36.43 13.56
N TYR A 127 -14.53 37.04 13.90
CA TYR A 127 -14.06 37.02 15.28
C TYR A 127 -14.54 38.25 16.03
N LYS A 128 -14.49 38.18 17.36
CA LYS A 128 -14.85 39.33 18.20
C LYS A 128 -13.66 40.29 18.27
N LEU A 129 -13.94 41.58 18.48
CA LEU A 129 -12.87 42.55 18.72
C LEU A 129 -12.31 42.31 20.13
N PRO A 130 -10.99 42.02 20.23
CA PRO A 130 -10.45 41.75 21.56
C PRO A 130 -10.30 43.05 22.33
N ARG A 131 -10.46 43.00 23.64
CA ARG A 131 -10.06 44.19 24.37
C ARG A 131 -8.58 44.16 24.72
N GLU A 132 -7.98 45.34 24.70
CA GLU A 132 -6.56 45.55 24.90
C GLU A 132 -6.18 45.31 26.38
N LEU A 133 -5.27 44.38 26.61
CA LEU A 133 -4.86 44.06 27.98
C LEU A 133 -4.07 45.21 28.63
N SER A 134 -4.35 45.49 29.90
CA SER A 134 -3.49 46.38 30.68
C SER A 134 -2.23 45.63 31.13
N VAL A 135 -1.16 46.34 31.50
CA VAL A 135 0.04 45.64 32.00
C VAL A 135 -0.28 44.78 33.24
N GLU A 136 -1.20 45.26 34.08
CA GLU A 136 -1.63 44.49 35.26
C GLU A 136 -2.33 43.17 34.83
N GLU A 137 -3.18 43.24 33.81
CA GLU A 137 -3.83 42.04 33.30
C GLU A 137 -2.84 41.08 32.62
N ILE A 138 -1.85 41.63 31.93
CA ILE A 138 -0.79 40.79 31.36
C ILE A 138 -0.07 40.03 32.46
N LYS A 139 0.24 40.72 33.56
CA LYS A 139 0.88 40.06 34.69
C LYS A 139 0.03 38.89 35.20
N SER A 140 -1.29 39.07 35.26
CA SER A 140 -2.18 38.04 35.79
C SER A 140 -2.22 36.81 34.86
N ILE A 141 -2.11 37.04 33.54
CA ILE A 141 -2.02 35.91 32.59
C ILE A 141 -0.69 35.19 32.71
N VAL A 142 0.40 35.94 32.86
CA VAL A 142 1.71 35.31 33.13
C VAL A 142 1.62 34.39 34.37
N LYS A 143 1.00 34.89 35.44
CA LYS A 143 0.77 34.11 36.66
C LYS A 143 -0.06 32.85 36.38
N ALA A 144 -1.08 33.00 35.54
CA ALA A 144 -1.90 31.85 35.09
C ALA A 144 -1.08 30.77 34.39
N PHE A 145 -0.11 31.15 33.54
CA PHE A 145 0.76 30.13 32.92
C PHE A 145 1.63 29.44 33.98
N GLY A 146 2.11 30.20 34.95
CA GLY A 146 2.82 29.63 36.09
C GLY A 146 2.00 28.61 36.88
N GLU A 147 0.77 28.99 37.24
CA GLU A 147 -0.10 28.10 38.02
C GLU A 147 -0.44 26.85 37.21
N ALA A 148 -0.66 27.05 35.91
CA ALA A 148 -0.94 25.89 35.00
C ALA A 148 0.24 24.92 34.97
N ALA A 149 1.48 25.45 34.97
CA ALA A 149 2.66 24.58 34.93
C ALA A 149 2.78 23.82 36.27
N LYS A 150 2.46 24.49 37.36
CA LYS A 150 2.42 23.84 38.68
C LYS A 150 1.42 22.68 38.70
N ARG A 151 0.24 22.93 38.12
CA ARG A 151 -0.81 21.92 38.04
C ARG A 151 -0.40 20.76 37.12
N ALA A 152 0.28 21.09 36.02
CA ALA A 152 0.74 20.06 35.09
C ALA A 152 1.75 19.15 35.78
N ASN A 153 2.64 19.73 36.58
CA ASN A 153 3.59 18.91 37.35
C ASN A 153 2.88 17.95 38.31
N LEU A 154 1.84 18.44 38.97
CA LEU A 154 1.02 17.61 39.90
C LEU A 154 0.23 16.52 39.17
N ALA A 155 -0.22 16.80 37.95
CA ALA A 155 -0.81 15.77 37.11
C ALA A 155 0.20 14.69 36.66
N GLY A 156 1.50 15.00 36.71
CA GLY A 156 2.55 14.07 36.30
C GLY A 156 3.11 14.17 34.87
N TYR A 157 2.71 15.19 34.11
CA TYR A 157 3.31 15.40 32.75
C TYR A 157 4.85 15.47 32.84
N ASP A 158 5.49 14.86 31.84
CA ASP A 158 6.95 14.88 31.66
C ASP A 158 7.50 16.15 31.00
N VAL A 159 6.70 16.77 30.14
CA VAL A 159 7.15 17.85 29.29
C VAL A 159 6.04 18.88 29.28
N VAL A 160 6.40 20.14 29.34
CA VAL A 160 5.44 21.21 29.17
C VAL A 160 5.78 21.98 27.88
N GLU A 161 4.78 22.30 27.07
CA GLU A 161 5.02 23.09 25.87
C GLU A 161 4.21 24.37 25.99
N ILE A 162 4.86 25.50 25.72
CA ILE A 162 4.16 26.81 25.68
C ILE A 162 3.68 27.06 24.22
N HIS A 163 2.39 27.28 24.04
CA HIS A 163 1.82 27.51 22.70
C HIS A 163 2.01 28.97 22.30
N ALA A 164 3.04 29.25 21.52
CA ALA A 164 3.33 30.63 21.11
C ALA A 164 3.04 30.82 19.62
N ALA A 165 2.21 29.92 19.08
CA ALA A 165 1.99 29.85 17.65
C ALA A 165 0.53 30.03 17.25
N HIS A 166 0.26 29.87 15.96
CA HIS A 166 -1.11 29.68 15.41
C HIS A 166 -2.07 30.85 15.67
N GLY A 167 -1.52 32.04 15.79
CA GLY A 167 -2.32 33.27 15.91
C GLY A 167 -2.93 33.47 17.26
N TYR A 168 -2.55 32.64 18.27
CA TYR A 168 -3.11 32.78 19.62
C TYR A 168 -2.41 33.87 20.44
N LEU A 169 -2.61 33.90 21.76
CA LEU A 169 -2.26 35.13 22.51
C LEU A 169 -0.78 35.54 22.40
N ILE A 170 0.12 34.59 22.67
CA ILE A 170 1.56 34.92 22.62
C ILE A 170 2.01 35.34 21.20
N HIS A 171 1.60 34.57 20.19
CA HIS A 171 1.86 34.94 18.79
C HIS A 171 1.40 36.38 18.50
N GLU A 172 0.23 36.76 19.03
CA GLU A 172 -0.29 38.12 18.79
C GLU A 172 0.63 39.20 19.37
N PHE A 173 1.25 38.94 20.53
CA PHE A 173 2.26 39.87 21.03
C PHE A 173 3.53 39.88 20.14
N LEU A 174 3.90 38.72 19.62
CA LEU A 174 5.15 38.57 18.86
C LEU A 174 5.08 39.26 17.49
N SER A 175 3.90 39.27 16.86
CA SER A 175 3.83 39.83 15.51
C SER A 175 3.57 41.34 15.47
N PRO A 176 4.39 42.10 14.70
CA PRO A 176 4.09 43.53 14.50
C PRO A 176 2.72 43.76 13.83
N LEU A 177 2.17 42.73 13.17
CA LEU A 177 0.86 42.88 12.51
C LEU A 177 -0.32 42.89 13.47
N SER A 178 -0.14 42.35 14.67
CA SER A 178 -1.23 42.27 15.63
C SER A 178 -0.92 43.03 16.91
N ASN A 179 0.35 43.38 17.11
CA ASN A 179 0.81 44.12 18.30
C ASN A 179 1.15 45.57 17.93
N LYS A 180 0.22 46.48 18.22
CA LYS A 180 0.45 47.92 17.99
C LYS A 180 0.68 48.72 19.26
N ARG A 181 1.03 48.04 20.35
CA ARG A 181 1.20 48.67 21.64
C ARG A 181 2.35 49.67 21.60
N LYS A 182 2.27 50.70 22.45
CA LYS A 182 3.30 51.74 22.54
C LYS A 182 3.89 51.76 23.94
N ASP A 183 3.58 50.72 24.71
CA ASP A 183 4.15 50.59 26.05
C ASP A 183 5.28 49.57 26.04
N GLU A 184 5.65 49.03 27.21
CA GLU A 184 6.82 48.15 27.27
C GLU A 184 6.58 46.78 26.62
N TYR A 185 5.33 46.50 26.19
CA TYR A 185 5.03 45.24 25.50
C TYR A 185 4.92 45.39 23.99
N GLY A 186 5.26 46.57 23.48
CA GLY A 186 5.23 46.78 22.03
C GLY A 186 6.31 47.65 21.43
N ASN A 187 6.24 47.74 20.11
CA ASN A 187 7.18 48.48 19.27
CA ASN A 187 7.20 48.50 19.29
C ASN A 187 8.47 47.70 19.04
N SER A 188 9.46 47.83 19.92
CA SER A 188 10.74 47.21 19.66
C SER A 188 10.67 45.68 19.74
N ILE A 189 11.55 45.00 19.01
CA ILE A 189 11.54 43.53 19.01
C ILE A 189 11.68 42.92 20.43
N GLU A 190 12.54 43.52 21.26
CA GLU A 190 12.71 43.05 22.64
C GLU A 190 11.43 43.21 23.47
N ASN A 191 10.69 44.29 23.21
CA ASN A 191 9.39 44.53 23.88
C ASN A 191 8.30 43.56 23.39
N ARG A 192 8.25 43.29 22.09
CA ARG A 192 7.32 42.29 21.55
C ARG A 192 7.56 40.89 22.12
N ALA A 193 8.83 40.58 22.40
CA ALA A 193 9.23 39.32 23.02
C ALA A 193 8.95 39.26 24.51
N ARG A 194 8.65 40.42 25.13
CA ARG A 194 8.58 40.51 26.60
C ARG A 194 7.59 39.54 27.23
N PHE A 195 6.39 39.46 26.66
CA PHE A 195 5.35 38.58 27.22
C PHE A 195 5.81 37.12 27.15
N LEU A 196 6.31 36.67 26.00
CA LEU A 196 6.86 35.30 25.91
C LEU A 196 7.96 35.03 26.94
N ILE A 197 8.90 35.96 27.04
CA ILE A 197 10.00 35.82 27.99
C ILE A 197 9.46 35.68 29.42
N GLU A 198 8.50 36.54 29.77
CA GLU A 198 7.87 36.51 31.09
C GLU A 198 7.13 35.19 31.38
N VAL A 199 6.41 34.67 30.38
CA VAL A 199 5.73 33.39 30.50
C VAL A 199 6.73 32.26 30.73
N ILE A 200 7.81 32.23 29.94
CA ILE A 200 8.83 31.17 30.12
C ILE A 200 9.41 31.27 31.55
N ASP A 201 9.77 32.49 31.97
CA ASP A 201 10.30 32.70 33.33
C ASP A 201 9.37 32.22 34.44
N GLU A 202 8.08 32.52 34.34
CA GLU A 202 7.09 32.09 35.32
C GLU A 202 6.85 30.57 35.30
N VAL A 203 6.83 29.98 34.11
CA VAL A 203 6.74 28.53 33.98
C VAL A 203 7.94 27.87 34.68
N ARG A 204 9.15 28.38 34.43
CA ARG A 204 10.34 27.82 35.09
C ARG A 204 10.28 27.89 36.63
N LYS A 205 9.62 28.90 37.17
CA LYS A 205 9.45 29.05 38.62
CA LYS A 205 9.48 29.00 38.63
C LYS A 205 8.57 27.92 39.18
N ASN A 206 7.78 27.31 38.31
CA ASN A 206 6.72 26.35 38.67
C ASN A 206 6.88 24.97 38.04
N TRP A 207 8.03 24.75 37.42
CA TRP A 207 8.28 23.50 36.69
C TRP A 207 9.66 22.97 37.06
N PRO A 208 9.76 21.69 37.45
CA PRO A 208 11.05 21.14 37.88
C PRO A 208 12.18 21.36 36.87
N GLU A 209 13.35 21.77 37.36
CA GLU A 209 14.50 22.04 36.50
C GLU A 209 15.00 20.88 35.64
N ASN A 210 14.68 19.65 36.04
CA ASN A 210 15.12 18.48 35.31
C ASN A 210 14.10 17.96 34.29
N LYS A 211 12.99 18.68 34.11
CA LYS A 211 12.01 18.34 33.08
C LYS A 211 12.06 19.38 31.95
N PRO A 212 11.92 18.93 30.69
CA PRO A 212 12.04 19.81 29.55
C PRO A 212 10.91 20.83 29.40
N ILE A 213 11.24 21.97 28.79
CA ILE A 213 10.23 22.95 28.34
C ILE A 213 10.37 23.08 26.82
N PHE A 214 9.26 22.93 26.10
CA PHE A 214 9.23 23.13 24.65
C PHE A 214 8.49 24.44 24.38
N VAL A 215 8.72 25.05 23.22
CA VAL A 215 7.91 26.19 22.80
C VAL A 215 7.49 25.96 21.37
N ARG A 216 6.18 26.02 21.10
CA ARG A 216 5.71 25.95 19.69
C ARG A 216 5.58 27.34 19.14
N VAL A 217 6.14 27.57 17.95
CA VAL A 217 6.16 28.92 17.34
C VAL A 217 5.60 28.89 15.93
N SER A 218 5.07 30.02 15.47
CA SER A 218 4.78 30.19 14.04
C SER A 218 5.93 30.97 13.46
N ALA A 219 6.73 30.32 12.61
CA ALA A 219 7.96 30.93 12.12
C ALA A 219 7.76 31.88 10.93
N ASP A 220 6.51 32.02 10.45
CA ASP A 220 6.21 32.87 9.29
C ASP A 220 4.73 33.24 9.32
N ASP A 221 4.43 34.54 9.18
CA ASP A 221 3.05 35.04 9.05
C ASP A 221 2.61 35.08 7.57
N TYR A 222 3.56 34.83 6.67
CA TYR A 222 3.34 34.87 5.20
C TYR A 222 2.79 36.23 4.73
N MET A 223 3.20 37.31 5.41
CA MET A 223 2.73 38.66 5.09
C MET A 223 3.84 39.66 5.31
N GLU A 224 3.92 40.64 4.42
CA GLU A 224 4.85 41.75 4.55
C GLU A 224 4.65 42.42 5.90
N GLY A 225 5.74 42.63 6.64
CA GLY A 225 5.63 43.32 7.92
C GLY A 225 5.39 42.39 9.12
N GLY A 226 5.12 41.12 8.86
CA GLY A 226 4.88 40.17 9.92
C GLY A 226 6.11 39.37 10.28
N ILE A 227 5.91 38.33 11.08
CA ILE A 227 7.01 37.45 11.42
C ILE A 227 7.53 36.77 10.15
N ASN A 228 8.86 36.66 10.05
CA ASN A 228 9.48 35.80 9.03
C ASN A 228 10.55 34.99 9.72
N ILE A 229 11.21 34.09 8.99
CA ILE A 229 12.19 33.20 9.64
C ILE A 229 13.32 33.97 10.37
N ASP A 230 13.79 35.06 9.77
CA ASP A 230 14.87 35.84 10.41
C ASP A 230 14.39 36.45 11.73
N MET A 231 13.17 36.98 11.75
CA MET A 231 12.61 37.49 12.99
C MET A 231 12.44 36.38 14.05
N MET A 232 11.99 35.20 13.62
CA MET A 232 11.81 34.11 14.58
C MET A 232 13.17 33.66 15.16
N VAL A 233 14.21 33.65 14.33
CA VAL A 233 15.58 33.36 14.82
C VAL A 233 15.98 34.35 15.93
N GLU A 234 15.71 35.63 15.73
CA GLU A 234 15.94 36.62 16.79
C GLU A 234 15.21 36.29 18.09
N TYR A 235 13.92 35.99 18.00
CA TYR A 235 13.16 35.59 19.19
C TYR A 235 13.74 34.34 19.87
N ILE A 236 14.09 33.35 19.07
CA ILE A 236 14.56 32.10 19.66
C ILE A 236 15.89 32.33 20.38
N ASN A 237 16.75 33.18 19.81
CA ASN A 237 18.00 33.52 20.48
C ASN A 237 17.77 34.19 21.85
N MET A 238 16.63 34.88 22.00
CA MET A 238 16.32 35.52 23.29
C MET A 238 15.90 34.52 24.39
N ILE A 239 15.45 33.33 23.99
CA ILE A 239 14.87 32.36 24.94
C ILE A 239 15.61 31.01 25.01
N LYS A 240 16.50 30.76 24.05
CA LYS A 240 17.05 29.43 23.90
C LYS A 240 17.84 28.93 25.12
N ASP A 241 18.31 29.83 25.96
CA ASP A 241 19.05 29.37 27.14
C ASP A 241 18.12 28.89 28.27
N LYS A 242 16.83 29.12 28.09
CA LYS A 242 15.82 28.75 29.08
C LYS A 242 14.85 27.63 28.65
N VAL A 243 14.93 27.22 27.39
CA VAL A 243 14.05 26.16 26.87
C VAL A 243 14.82 25.09 26.11
N ASP A 244 14.20 23.93 25.91
CA ASP A 244 14.93 22.77 25.42
C ASP A 244 14.72 22.40 23.98
N LEU A 245 13.58 22.77 23.41
CA LEU A 245 13.28 22.37 22.03
C LEU A 245 12.23 23.31 21.47
N ILE A 246 12.42 23.68 20.20
CA ILE A 246 11.44 24.51 19.52
C ILE A 246 10.62 23.67 18.57
N ASP A 247 9.32 23.66 18.80
CA ASP A 247 8.38 22.88 18.03
C ASP A 247 7.94 23.84 16.90
N VAL A 248 8.41 23.60 15.67
CA VAL A 248 8.32 24.64 14.64
C VAL A 248 7.11 24.52 13.70
N SER A 249 6.24 25.53 13.72
CA SER A 249 5.08 25.58 12.85
C SER A 249 5.05 26.93 12.12
N SER A 250 3.88 27.32 11.60
CA SER A 250 3.76 28.59 10.88
C SER A 250 2.29 28.99 10.78
N GLY A 251 2.04 30.26 10.44
CA GLY A 251 0.68 30.72 10.09
C GLY A 251 -0.26 30.94 11.27
N GLY A 252 -1.49 31.34 10.95
CA GLY A 252 -2.56 31.35 11.93
C GLY A 252 -2.96 32.73 12.46
N LEU A 253 -2.10 33.73 12.28
CA LEU A 253 -2.40 35.05 12.83
C LEU A 253 -3.56 35.71 12.09
N LEU A 254 -3.51 35.59 10.76
CA LEU A 254 -4.50 36.19 9.85
C LEU A 254 -4.65 35.24 8.67
N ASN A 255 -5.82 35.22 8.04
CA ASN A 255 -5.98 34.37 6.86
C ASN A 255 -5.07 34.79 5.70
N VAL A 256 -4.34 33.80 5.19
CA VAL A 256 -3.45 33.96 4.05
C VAL A 256 -3.47 32.64 3.27
N ASP A 257 -3.32 32.73 1.96
CA ASP A 257 -3.18 31.56 1.10
C ASP A 257 -1.75 31.04 1.23
N ILE A 258 -1.61 29.84 1.78
CA ILE A 258 -0.32 29.19 2.03
C ILE A 258 -0.23 28.00 1.07
N ASN A 259 0.90 27.85 0.38
CA ASN A 259 1.18 26.66 -0.42
CA ASN A 259 1.18 26.67 -0.43
C ASN A 259 1.42 25.45 0.47
N LEU A 260 0.54 24.46 0.37
CA LEU A 260 0.64 23.27 1.22
C LEU A 260 1.19 22.09 0.46
N TYR A 261 2.16 21.41 1.05
CA TYR A 261 2.79 20.25 0.43
C TYR A 261 3.58 19.54 1.53
N PRO A 262 3.95 18.27 1.30
CA PRO A 262 4.65 17.56 2.38
C PRO A 262 5.93 18.28 2.77
N GLY A 263 6.15 18.49 4.07
CA GLY A 263 7.39 19.13 4.53
C GLY A 263 7.43 20.64 4.35
N TYR A 264 6.26 21.25 4.13
CA TYR A 264 6.20 22.70 3.89
C TYR A 264 6.70 23.57 5.07
N GLN A 265 6.90 22.98 6.25
CA GLN A 265 7.43 23.74 7.39
C GLN A 265 8.83 23.28 7.81
N VAL A 266 9.39 22.34 7.07
CA VAL A 266 10.66 21.72 7.45
C VAL A 266 11.84 22.67 7.32
N LYS A 267 11.83 23.54 6.31
CA LYS A 267 12.93 24.50 6.16
C LYS A 267 13.03 25.44 7.35
N TYR A 268 11.90 25.80 7.94
CA TYR A 268 11.91 26.63 9.15
C TYR A 268 12.56 25.90 10.33
N ALA A 269 12.23 24.62 10.50
CA ALA A 269 12.76 23.79 11.58
C ALA A 269 14.27 23.66 11.42
N GLU A 270 14.72 23.46 10.19
CA GLU A 270 16.18 23.30 9.93
C GLU A 270 16.94 24.62 10.18
N THR A 271 16.37 25.72 9.71
CA THR A 271 16.97 27.04 9.90
C THR A 271 17.12 27.43 11.38
N ILE A 272 16.06 27.22 12.16
CA ILE A 272 16.12 27.46 13.61
C ILE A 272 17.19 26.56 14.26
N LYS A 273 17.16 25.28 13.94
CA LYS A 273 18.11 24.32 14.52
C LYS A 273 19.55 24.76 14.24
N LYS A 274 19.84 25.13 13.00
CA LYS A 274 21.21 25.48 12.59
C LYS A 274 21.63 26.86 13.09
N ARG A 275 20.78 27.86 12.92
CA ARG A 275 21.16 29.22 13.28
CA ARG A 275 21.13 29.24 13.27
C ARG A 275 21.11 29.49 14.77
N CYS A 276 20.21 28.82 15.48
CA CYS A 276 20.11 29.01 16.94
C CYS A 276 20.80 27.93 17.77
N ASN A 277 21.22 26.84 17.13
CA ASN A 277 21.83 25.70 17.83
CA ASN A 277 21.85 25.73 17.85
C ASN A 277 20.95 25.22 18.98
N ILE A 278 19.72 24.87 18.62
CA ILE A 278 18.74 24.36 19.59
C ILE A 278 18.03 23.19 18.93
N LYS A 279 17.56 22.23 19.73
CA LYS A 279 16.79 21.14 19.15
C LYS A 279 15.47 21.66 18.55
N THR A 280 15.01 21.04 17.46
CA THR A 280 13.71 21.39 16.88
C THR A 280 12.90 20.16 16.53
N SER A 281 11.59 20.33 16.43
CA SER A 281 10.73 19.31 15.87
CA SER A 281 10.73 19.31 15.87
C SER A 281 10.11 19.86 14.58
N ALA A 282 9.96 18.99 13.59
CA ALA A 282 9.35 19.35 12.29
C ALA A 282 7.95 18.78 12.23
N VAL A 283 7.01 19.50 11.61
CA VAL A 283 5.62 19.04 11.50
C VAL A 283 5.04 19.65 10.22
N GLY A 284 4.09 18.96 9.62
CA GLY A 284 3.32 19.52 8.49
C GLY A 284 3.30 18.61 7.27
N LEU A 285 2.20 17.86 7.14
CA LEU A 285 1.94 16.97 5.98
C LEU A 285 3.01 15.90 5.79
N ILE A 286 3.55 15.42 6.92
CA ILE A 286 4.50 14.30 6.91
C ILE A 286 3.71 13.04 7.23
N THR A 287 3.76 12.03 6.35
CA THR A 287 2.95 10.83 6.56
C THR A 287 3.71 9.53 6.37
N THR A 288 4.87 9.58 5.70
CA THR A 288 5.65 8.39 5.33
C THR A 288 6.90 8.21 6.19
N GLN A 289 7.25 6.94 6.43
CA GLN A 289 8.49 6.63 7.10
C GLN A 289 9.65 7.20 6.28
N GLU A 290 9.53 7.15 4.95
CA GLU A 290 10.62 7.64 4.09
C GLU A 290 10.96 9.11 4.33
N LEU A 291 9.94 9.97 4.32
CA LEU A 291 10.16 11.40 4.56
C LEU A 291 10.63 11.67 6.00
N ALA A 292 10.06 10.95 6.97
CA ALA A 292 10.50 11.12 8.36
C ALA A 292 11.98 10.76 8.51
N GLU A 293 12.41 9.69 7.85
CA GLU A 293 13.83 9.29 7.88
C GLU A 293 14.74 10.32 7.21
N GLU A 294 14.30 10.86 6.05
CA GLU A 294 15.10 11.89 5.36
C GLU A 294 15.28 13.13 6.26
N ILE A 295 14.20 13.56 6.91
CA ILE A 295 14.25 14.74 7.78
C ILE A 295 15.29 14.56 8.90
N LEU A 296 15.23 13.42 9.58
CA LEU A 296 16.13 13.16 10.69
C LEU A 296 17.57 12.92 10.22
N SER A 297 17.72 12.17 9.13
CA SER A 297 19.06 11.83 8.68
C SER A 297 19.82 13.01 8.10
N ASN A 298 19.10 13.92 7.43
CA ASN A 298 19.70 15.14 6.89
C ASN A 298 19.82 16.25 7.96
N GLU A 299 19.58 15.86 9.22
CA GLU A 299 19.68 16.78 10.37
C GLU A 299 18.83 18.06 10.24
N ARG A 300 17.63 17.90 9.71
CA ARG A 300 16.73 19.04 9.55
CA ARG A 300 16.68 18.99 9.52
C ARG A 300 15.91 19.29 10.81
N ALA A 301 15.77 18.27 11.65
CA ALA A 301 15.08 18.40 12.94
C ALA A 301 15.52 17.23 13.81
N ASP A 302 15.22 17.32 15.11
CA ASP A 302 15.55 16.27 16.08
C ASP A 302 14.40 15.30 16.35
N LEU A 303 13.17 15.82 16.21
CA LEU A 303 11.94 15.01 16.33
C LEU A 303 11.08 15.28 15.10
N VAL A 304 10.30 14.28 14.70
CA VAL A 304 9.32 14.43 13.63
C VAL A 304 7.97 14.32 14.29
N ALA A 305 7.13 15.34 14.13
CA ALA A 305 5.79 15.31 14.72
C ALA A 305 4.78 14.93 13.65
N LEU A 306 3.85 14.05 14.02
CA LEU A 306 2.77 13.62 13.14
C LEU A 306 1.45 14.02 13.78
N GLY A 307 0.60 14.65 12.99
CA GLY A 307 -0.75 14.99 13.46
C GLY A 307 -1.76 14.07 12.81
N ARG A 308 -2.25 14.49 11.65
CA ARG A 308 -3.37 13.78 11.05
C ARG A 308 -3.03 12.32 10.72
N GLU A 309 -1.77 12.02 10.40
CA GLU A 309 -1.42 10.62 10.13
C GLU A 309 -1.72 9.74 11.35
N LEU A 310 -1.49 10.26 12.55
CA LEU A 310 -1.74 9.48 13.77
C LEU A 310 -3.22 9.44 14.14
N LEU A 311 -4.02 10.36 13.59
CA LEU A 311 -5.47 10.24 13.74
C LEU A 311 -5.96 9.02 12.97
N ARG A 312 -5.59 8.92 11.69
CA ARG A 312 -6.10 7.83 10.88
C ARG A 312 -5.33 6.50 11.02
N ASN A 313 -4.08 6.57 11.49
CA ASN A 313 -3.16 5.41 11.51
C ASN A 313 -2.42 5.41 12.87
N PRO A 314 -3.14 5.10 13.95
CA PRO A 314 -2.55 5.30 15.29
C PRO A 314 -1.36 4.39 15.61
N TYR A 315 -1.23 3.26 14.90
CA TYR A 315 -0.12 2.31 15.14
C TYR A 315 1.04 2.47 14.14
N TRP A 316 1.10 3.63 13.49
CA TRP A 316 2.16 4.00 12.53
C TRP A 316 3.55 3.57 13.00
N VAL A 317 3.89 3.87 14.25
CA VAL A 317 5.22 3.52 14.74
C VAL A 317 5.42 1.99 14.78
N LEU A 318 4.41 1.25 15.25
CA LEU A 318 4.52 -0.22 15.31
C LEU A 318 4.88 -0.80 13.93
N HIS A 319 4.30 -0.21 12.89
CA HIS A 319 4.52 -0.69 11.54
C HIS A 319 5.98 -0.53 11.12
N THR A 320 6.71 0.39 11.75
CA THR A 320 8.10 0.65 11.41
C THR A 320 9.05 -0.35 12.05
N TYR A 321 8.60 -1.08 13.08
CA TYR A 321 9.49 -2.00 13.82
C TYR A 321 9.85 -3.24 12.99
N THR A 322 11.07 -3.73 13.18
CA THR A 322 11.59 -4.83 12.37
C THR A 322 11.67 -6.15 13.11
N SER A 323 11.26 -6.16 14.38
CA SER A 323 11.26 -7.39 15.17
C SER A 323 10.00 -7.46 16.02
N LYS A 324 9.49 -8.68 16.21
CA LYS A 324 8.24 -8.86 16.98
C LYS A 324 8.41 -8.48 18.44
N GLU A 325 9.63 -8.56 18.95
CA GLU A 325 9.94 -8.20 20.34
C GLU A 325 9.72 -6.71 20.65
N ASP A 326 9.66 -5.89 19.61
CA ASP A 326 9.44 -4.46 19.74
C ASP A 326 7.94 -4.15 19.96
N TRP A 327 7.09 -5.10 19.58
CA TRP A 327 5.64 -4.91 19.70
C TRP A 327 5.12 -5.08 21.14
N PRO A 328 3.95 -4.50 21.47
CA PRO A 328 3.30 -4.82 22.74
C PRO A 328 3.16 -6.33 22.82
N LYS A 329 3.46 -6.90 23.99
CA LYS A 329 3.46 -8.36 24.15
C LYS A 329 2.15 -8.98 23.68
N GLN A 330 1.04 -8.32 24.00
CA GLN A 330 -0.30 -8.81 23.66
C GLN A 330 -0.53 -8.97 22.16
N TYR A 331 0.24 -8.24 21.36
CA TYR A 331 0.01 -8.15 19.91
C TYR A 331 1.15 -8.78 19.12
N GLU A 332 2.09 -9.43 19.80
CA GLU A 332 3.26 -9.90 19.06
C GLU A 332 2.94 -10.95 17.98
N ARG A 333 1.83 -11.67 18.14
CA ARG A 333 1.37 -12.60 17.08
C ARG A 333 0.97 -11.92 15.78
N ALA A 334 0.77 -10.61 15.82
CA ALA A 334 0.36 -9.84 14.65
C ALA A 334 1.54 -9.29 13.85
N PHE A 335 2.76 -9.44 14.39
CA PHE A 335 3.94 -8.94 13.69
C PHE A 335 4.06 -9.61 12.32
N LYS A 336 4.25 -8.82 11.27
CA LYS A 336 4.35 -9.38 9.92
C LYS A 336 5.43 -8.66 9.11
N ILE B 3 -21.77 -5.44 0.26
CA ILE B 3 -22.38 -6.12 1.44
C ILE B 3 -21.59 -5.79 2.72
N LEU B 4 -20.32 -5.42 2.58
CA LEU B 4 -19.47 -5.19 3.77
C LEU B 4 -20.11 -4.21 4.76
N HIS B 5 -20.71 -3.14 4.25
CA HIS B 5 -21.28 -2.09 5.10
C HIS B 5 -22.77 -2.26 5.33
N MET B 6 -23.30 -3.42 4.97
CA MET B 6 -24.73 -3.67 5.11
C MET B 6 -25.00 -4.25 6.49
N PRO B 7 -26.04 -3.73 7.17
CA PRO B 7 -26.40 -4.24 8.50
C PRO B 7 -26.81 -5.70 8.47
N LEU B 8 -26.67 -6.36 9.60
CA LEU B 8 -27.17 -7.71 9.75
C LEU B 8 -27.95 -7.77 11.04
N LYS B 9 -29.26 -8.02 10.92
CA LYS B 9 -30.12 -8.14 12.08
C LYS B 9 -30.21 -9.60 12.51
N ILE B 10 -29.90 -9.87 13.77
CA ILE B 10 -30.07 -11.21 14.33
C ILE B 10 -30.91 -11.05 15.59
N LYS B 11 -32.09 -11.69 15.58
CA LYS B 11 -33.10 -11.45 16.60
C LYS B 11 -33.32 -9.93 16.76
N ASP B 12 -33.21 -9.37 17.96
CA ASP B 12 -33.44 -7.93 18.13
C ASP B 12 -32.16 -7.11 18.06
N ILE B 13 -31.06 -7.75 17.68
CA ILE B 13 -29.77 -7.08 17.65
C ILE B 13 -29.38 -6.77 16.19
N THR B 14 -29.08 -5.50 15.93
CA THR B 14 -28.66 -5.07 14.59
C THR B 14 -27.16 -4.73 14.60
N ILE B 15 -26.39 -5.52 13.86
CA ILE B 15 -24.96 -5.28 13.67
C ILE B 15 -24.82 -4.36 12.47
N LYS B 16 -24.10 -3.24 12.63
CA LYS B 16 -24.09 -2.20 11.60
C LYS B 16 -23.30 -2.51 10.33
N ASN B 17 -22.40 -3.49 10.41
CA ASN B 17 -21.64 -3.95 9.24
C ASN B 17 -21.29 -5.42 9.43
N ARG B 18 -20.58 -6.02 8.48
CA ARG B 18 -20.34 -7.47 8.51
C ARG B 18 -18.98 -7.85 9.10
N ILE B 19 -18.33 -6.92 9.79
CA ILE B 19 -17.01 -7.22 10.36
C ILE B 19 -17.11 -7.50 11.87
N MET B 20 -16.63 -8.67 12.28
CA MET B 20 -16.52 -9.02 13.69
C MET B 20 -15.04 -9.06 14.09
N MET B 21 -14.72 -8.52 15.26
CA MET B 21 -13.41 -8.75 15.86
C MET B 21 -13.44 -10.13 16.47
N SER B 22 -12.59 -11.01 15.94
CA SER B 22 -12.56 -12.40 16.39
C SER B 22 -12.07 -12.40 17.86
N PRO B 23 -12.60 -13.30 18.70
CA PRO B 23 -12.15 -13.33 20.11
C PRO B 23 -10.66 -13.65 20.20
N MET B 24 -9.90 -12.87 20.98
CA MET B 24 -8.46 -13.06 21.08
C MET B 24 -7.97 -12.82 22.49
N CYS B 25 -7.58 -13.90 23.17
CA CYS B 25 -7.03 -13.78 24.53
C CYS B 25 -5.88 -12.78 24.61
N MET B 26 -5.91 -11.95 25.66
CA MET B 26 -4.87 -10.93 25.84
C MET B 26 -3.91 -11.24 27.02
N TYR B 27 -4.25 -12.29 27.78
CA TYR B 27 -3.40 -12.77 28.89
C TYR B 27 -2.97 -11.61 29.80
N SER B 28 -3.89 -10.71 30.09
CA SER B 28 -3.60 -9.48 30.83
C SER B 28 -4.47 -9.28 32.08
N ALA B 29 -5.32 -10.26 32.39
CA ALA B 29 -6.18 -10.16 33.59
C ALA B 29 -5.40 -10.55 34.83
N SER B 30 -5.95 -10.21 36.00
CA SER B 30 -5.46 -10.68 37.30
C SER B 30 -5.72 -12.17 37.50
N THR B 31 -5.07 -12.75 38.52
CA THR B 31 -5.30 -14.16 38.85
C THR B 31 -6.74 -14.37 39.35
N ASP B 32 -7.45 -13.27 39.63
CA ASP B 32 -8.87 -13.33 40.00
C ASP B 32 -9.81 -13.14 38.79
N GLY B 33 -9.23 -13.12 37.60
CA GLY B 33 -9.99 -13.04 36.35
C GLY B 33 -10.53 -11.65 36.04
N MET B 34 -10.03 -10.62 36.73
CA MET B 34 -10.56 -9.27 36.60
C MET B 34 -9.93 -8.51 35.42
N PRO B 35 -10.76 -7.83 34.58
CA PRO B 35 -10.15 -7.01 33.54
C PRO B 35 -9.57 -5.75 34.18
N ASN B 36 -8.83 -4.99 33.38
CA ASN B 36 -8.30 -3.71 33.86
C ASN B 36 -8.29 -2.72 32.71
N ASP B 37 -7.64 -1.56 32.90
CA ASP B 37 -7.72 -0.49 31.92
C ASP B 37 -7.10 -0.92 30.59
N TRP B 38 -6.19 -1.88 30.64
CA TRP B 38 -5.63 -2.41 29.41
C TRP B 38 -6.73 -2.99 28.48
N HIS B 39 -7.62 -3.83 29.02
CA HIS B 39 -8.72 -4.40 28.25
C HIS B 39 -9.66 -3.33 27.73
N ILE B 40 -9.95 -2.33 28.57
CA ILE B 40 -10.93 -1.32 28.21
C ILE B 40 -10.45 -0.56 26.98
N VAL B 41 -9.19 -0.15 27.02
CA VAL B 41 -8.59 0.56 25.87
C VAL B 41 -8.50 -0.35 24.64
N HIS B 42 -8.01 -1.56 24.84
CA HIS B 42 -7.91 -2.57 23.75
C HIS B 42 -9.22 -2.72 22.97
N TYR B 43 -10.34 -2.97 23.67
CA TYR B 43 -11.61 -3.16 22.96
C TYR B 43 -12.22 -1.85 22.44
N ALA B 44 -12.13 -0.80 23.26
CA ALA B 44 -12.63 0.54 22.85
C ALA B 44 -11.99 1.02 21.54
N THR B 45 -10.70 0.75 21.36
CA THR B 45 -9.98 1.18 20.16
C THR B 45 -10.63 0.60 18.88
N ARG B 46 -11.04 -0.66 18.93
CA ARG B 46 -11.66 -1.27 17.76
C ARG B 46 -13.13 -0.85 17.56
N ALA B 47 -13.78 -0.43 18.63
CA ALA B 47 -15.12 0.14 18.52
C ALA B 47 -15.00 1.50 17.79
N ILE B 48 -14.05 2.32 18.24
CA ILE B 48 -13.72 3.61 17.57
C ILE B 48 -13.35 3.32 16.09
N GLY B 49 -12.62 2.24 15.89
CA GLY B 49 -12.24 1.78 14.54
C GLY B 49 -13.34 1.29 13.62
N GLY B 50 -14.58 1.25 14.12
CA GLY B 50 -15.74 0.95 13.28
C GLY B 50 -16.15 -0.50 13.20
N VAL B 51 -15.55 -1.36 14.03
CA VAL B 51 -15.94 -2.78 14.06
C VAL B 51 -17.44 -2.92 14.40
N GLY B 52 -18.15 -3.76 13.65
CA GLY B 52 -19.58 -3.96 13.86
C GLY B 52 -19.89 -4.74 15.11
N LEU B 53 -19.18 -5.84 15.31
CA LEU B 53 -19.41 -6.74 16.43
C LEU B 53 -18.05 -7.07 17.06
N ILE B 54 -17.85 -6.68 18.30
CA ILE B 54 -16.61 -6.99 19.02
C ILE B 54 -16.87 -8.21 19.88
N MET B 55 -16.18 -9.31 19.59
CA MET B 55 -16.32 -10.51 20.40
C MET B 55 -15.18 -10.55 21.41
N GLN B 56 -15.53 -10.35 22.68
CA GLN B 56 -14.56 -10.48 23.75
C GLN B 56 -13.92 -11.88 23.77
N GLU B 57 -12.62 -11.89 24.08
CA GLU B 57 -11.80 -13.09 24.24
C GLU B 57 -12.46 -14.12 25.14
N ALA B 58 -12.00 -15.36 25.01
CA ALA B 58 -12.47 -16.49 25.83
C ALA B 58 -12.55 -16.06 27.31
N THR B 59 -13.76 -16.09 27.88
CA THR B 59 -13.96 -15.67 29.28
C THR B 59 -14.47 -16.89 30.06
N ALA B 60 -13.69 -17.32 31.06
CA ALA B 60 -13.89 -18.63 31.71
C ALA B 60 -15.14 -18.68 32.60
N VAL B 61 -15.96 -19.73 32.43
CA VAL B 61 -17.19 -19.88 33.23
C VAL B 61 -16.90 -20.52 34.61
N GLU B 62 -15.68 -21.03 34.75
CA GLU B 62 -15.15 -21.58 36.03
C GLU B 62 -13.67 -21.26 36.10
N SER B 63 -13.13 -21.11 37.31
CA SER B 63 -11.69 -20.81 37.42
C SER B 63 -10.85 -21.95 36.81
N ARG B 64 -11.34 -23.19 36.93
CA ARG B 64 -10.62 -24.34 36.36
C ARG B 64 -10.84 -24.43 34.85
N GLY B 65 -11.74 -23.61 34.33
CA GLY B 65 -11.95 -23.51 32.88
C GLY B 65 -11.13 -22.40 32.20
N ARG B 66 -10.25 -21.72 32.94
CA ARG B 66 -9.30 -20.79 32.30
C ARG B 66 -8.23 -21.56 31.53
N ILE B 67 -7.72 -20.96 30.45
CA ILE B 67 -6.53 -21.44 29.78
C ILE B 67 -5.27 -21.08 30.60
N THR B 68 -5.19 -19.81 31.01
CA THR B 68 -4.07 -19.36 31.87
C THR B 68 -4.60 -18.56 33.05
N ASP B 69 -3.77 -18.33 34.06
CA ASP B 69 -4.25 -17.54 35.20
C ASP B 69 -4.17 -16.03 35.00
N HIS B 70 -4.07 -15.59 33.73
CA HIS B 70 -4.26 -14.18 33.35
C HIS B 70 -5.44 -13.98 32.38
N ASP B 71 -6.34 -14.97 32.37
CA ASP B 71 -7.56 -14.93 31.53
C ASP B 71 -8.67 -14.16 32.24
N LEU B 72 -9.57 -13.57 31.46
CA LEU B 72 -10.81 -12.99 32.01
C LEU B 72 -11.70 -14.11 32.52
N GLY B 73 -12.47 -13.78 33.54
CA GLY B 73 -13.46 -14.72 34.11
C GLY B 73 -14.85 -14.13 34.25
N ILE B 74 -15.85 -15.00 34.24
CA ILE B 74 -17.20 -14.58 34.53
C ILE B 74 -17.85 -15.65 35.42
N TRP B 75 -17.07 -16.18 36.36
CA TRP B 75 -17.55 -17.27 37.24
C TRP B 75 -18.10 -16.76 38.56
N ASN B 76 -17.99 -15.45 38.80
CA ASN B 76 -18.63 -14.87 39.96
C ASN B 76 -19.29 -13.53 39.68
N ASP B 77 -20.18 -13.13 40.58
CA ASP B 77 -20.92 -11.89 40.40
C ASP B 77 -20.03 -10.65 40.51
N GLU B 78 -18.89 -10.75 41.18
CA GLU B 78 -17.98 -9.59 41.34
C GLU B 78 -17.29 -9.17 40.04
N GLN B 79 -17.13 -10.12 39.13
CA GLN B 79 -16.52 -9.84 37.83
C GLN B 79 -17.46 -9.01 36.93
N VAL B 80 -18.76 -9.10 37.20
CA VAL B 80 -19.77 -8.40 36.40
C VAL B 80 -19.54 -6.88 36.32
N LYS B 81 -19.36 -6.24 37.46
CA LYS B 81 -19.22 -4.77 37.50
C LYS B 81 -18.01 -4.32 36.66
N GLU B 82 -16.95 -5.13 36.65
CA GLU B 82 -15.73 -4.77 35.92
C GLU B 82 -15.89 -5.03 34.42
N LEU B 83 -16.46 -6.18 34.05
CA LEU B 83 -16.73 -6.45 32.64
C LEU B 83 -17.69 -5.42 32.03
N LYS B 84 -18.62 -4.92 32.83
CA LYS B 84 -19.57 -3.91 32.35
C LYS B 84 -18.88 -2.65 31.80
N LYS B 85 -17.71 -2.32 32.34
CA LYS B 85 -16.93 -1.15 31.87
C LYS B 85 -16.50 -1.31 30.42
N ILE B 86 -16.12 -2.53 30.04
CA ILE B 86 -15.78 -2.85 28.64
C ILE B 86 -17.04 -2.72 27.77
N VAL B 87 -18.12 -3.37 28.20
CA VAL B 87 -19.35 -3.34 27.44
C VAL B 87 -19.79 -1.90 27.21
N ASP B 88 -19.79 -1.11 28.27
CA ASP B 88 -20.33 0.26 28.18
C ASP B 88 -19.57 1.14 27.19
N ILE B 89 -18.24 1.06 27.23
CA ILE B 89 -17.43 1.92 26.37
C ILE B 89 -17.52 1.49 24.89
N CYS B 90 -17.60 0.18 24.65
CA CYS B 90 -17.72 -0.32 23.27
C CYS B 90 -19.07 0.05 22.65
N LYS B 91 -20.14 -0.09 23.42
CA LYS B 91 -21.48 0.29 22.95
C LYS B 91 -21.59 1.82 22.73
N ALA B 92 -20.99 2.59 23.63
CA ALA B 92 -20.97 4.05 23.54
C ALA B 92 -20.30 4.50 22.25
N ASN B 93 -19.30 3.74 21.84
CA ASN B 93 -18.52 4.06 20.65
C ASN B 93 -18.99 3.35 19.39
N GLY B 94 -20.16 2.74 19.48
CA GLY B 94 -20.93 2.29 18.31
C GLY B 94 -20.85 0.83 17.92
N ALA B 95 -20.22 0.00 18.75
CA ALA B 95 -20.16 -1.44 18.44
C ALA B 95 -21.25 -2.25 19.18
N VAL B 96 -21.58 -3.42 18.62
CA VAL B 96 -22.31 -4.50 19.32
C VAL B 96 -21.28 -5.31 20.07
N MET B 97 -21.57 -5.62 21.35
CA MET B 97 -20.62 -6.34 22.21
C MET B 97 -21.00 -7.80 22.41
N GLY B 98 -20.06 -8.69 22.12
CA GLY B 98 -20.26 -10.11 22.35
C GLY B 98 -19.28 -10.61 23.40
N ILE B 99 -19.64 -11.73 24.02
CA ILE B 99 -18.74 -12.41 24.93
C ILE B 99 -18.66 -13.87 24.58
N GLN B 100 -17.43 -14.38 24.45
CA GLN B 100 -17.21 -15.81 24.22
C GLN B 100 -17.12 -16.50 25.59
N LEU B 101 -18.14 -17.28 25.94
CA LEU B 101 -18.12 -18.07 27.18
C LEU B 101 -17.33 -19.33 26.94
N ALA B 102 -16.38 -19.62 27.83
CA ALA B 102 -15.38 -20.66 27.56
C ALA B 102 -15.12 -21.57 28.74
N HIS B 103 -14.61 -22.76 28.43
CA HIS B 103 -14.11 -23.67 29.45
C HIS B 103 -13.00 -24.48 28.78
N ALA B 104 -11.77 -24.31 29.27
CA ALA B 104 -10.58 -24.91 28.64
C ALA B 104 -10.49 -26.45 28.75
N GLY B 105 -11.24 -27.05 29.67
CA GLY B 105 -11.18 -28.51 29.87
C GLY B 105 -9.75 -28.98 30.07
N ARG B 106 -9.35 -30.03 29.35
CA ARG B 106 -8.01 -30.60 29.55
C ARG B 106 -6.87 -29.70 29.06
N LYS B 107 -7.21 -28.64 28.33
CA LYS B 107 -6.23 -27.68 27.85
C LYS B 107 -6.04 -26.48 28.80
N CYS B 108 -6.63 -26.56 30.00
CA CYS B 108 -6.30 -25.62 31.09
C CYS B 108 -4.80 -25.73 31.35
N ASN B 109 -4.08 -24.61 31.23
CA ASN B 109 -2.64 -24.58 31.41
C ASN B 109 -2.25 -23.96 32.74
N ILE B 110 -3.10 -24.12 33.74
CA ILE B 110 -2.76 -23.70 35.09
C ILE B 110 -2.41 -24.97 35.91
N SER B 111 -1.13 -25.12 36.26
CA SER B 111 -0.63 -26.37 36.81
C SER B 111 -1.32 -26.75 38.13
N TYR B 112 -1.75 -25.74 38.88
CA TYR B 112 -2.33 -25.97 40.20
C TYR B 112 -3.87 -26.09 40.21
N GLU B 113 -4.50 -25.90 39.04
CA GLU B 113 -5.96 -25.95 38.95
C GLU B 113 -6.51 -27.37 38.87
N ASP B 114 -7.81 -27.49 39.12
CA ASP B 114 -8.52 -28.76 39.13
C ASP B 114 -8.92 -29.12 37.70
N VAL B 115 -7.94 -29.55 36.89
CA VAL B 115 -8.13 -29.79 35.44
C VAL B 115 -9.04 -30.99 35.17
N VAL B 116 -10.09 -30.79 34.35
CA VAL B 116 -11.09 -31.81 34.05
C VAL B 116 -11.32 -32.03 32.55
N GLY B 117 -11.83 -33.21 32.17
CA GLY B 117 -12.14 -33.48 30.77
C GLY B 117 -13.10 -34.66 30.67
N PRO B 118 -13.52 -35.00 29.44
CA PRO B 118 -14.42 -36.15 29.31
C PRO B 118 -13.74 -37.51 29.59
N SER B 119 -12.44 -37.60 29.27
CA SER B 119 -11.67 -38.85 29.38
C SER B 119 -10.27 -38.49 29.89
N PRO B 120 -9.64 -39.39 30.67
CA PRO B 120 -8.35 -39.08 31.31
C PRO B 120 -7.18 -39.20 30.33
N ILE B 121 -7.05 -38.20 29.45
CA ILE B 121 -6.05 -38.21 28.39
C ILE B 121 -5.49 -36.80 28.34
N LYS B 122 -4.16 -36.66 28.40
CA LYS B 122 -3.51 -35.33 28.35
C LYS B 122 -3.70 -34.66 27.00
N ALA B 123 -3.77 -33.32 27.00
CA ALA B 123 -3.77 -32.55 25.76
C ALA B 123 -2.38 -32.57 25.11
N GLY B 124 -1.36 -32.86 25.91
CA GLY B 124 0.03 -32.94 25.45
C GLY B 124 0.92 -33.17 26.66
N ASP B 125 2.21 -33.46 26.41
CA ASP B 125 3.12 -33.85 27.50
C ASP B 125 3.25 -32.81 28.60
N ARG B 126 3.09 -31.53 28.24
CA ARG B 126 3.24 -30.44 29.18
C ARG B 126 2.02 -30.23 30.08
N TYR B 127 0.90 -30.87 29.74
CA TYR B 127 -0.37 -30.67 30.44
C TYR B 127 -0.56 -31.65 31.60
N LYS B 128 -1.40 -31.24 32.56
CA LYS B 128 -1.83 -32.08 33.68
C LYS B 128 -2.81 -33.13 33.15
N LEU B 129 -2.72 -34.33 33.70
CA LEU B 129 -3.68 -35.37 33.37
C LEU B 129 -5.05 -34.93 33.89
N PRO B 130 -6.07 -34.86 33.02
CA PRO B 130 -7.36 -34.39 33.53
C PRO B 130 -8.11 -35.46 34.32
N ARG B 131 -8.88 -35.04 35.32
CA ARG B 131 -9.79 -35.97 35.97
CA ARG B 131 -9.84 -35.92 36.00
C ARG B 131 -10.98 -36.18 35.04
N GLU B 132 -11.39 -37.44 34.93
CA GLU B 132 -12.57 -37.82 34.14
C GLU B 132 -13.87 -37.37 34.84
N LEU B 133 -14.63 -36.52 34.18
CA LEU B 133 -15.84 -35.95 34.73
C LEU B 133 -16.90 -37.02 34.95
N SER B 134 -17.55 -36.96 36.11
CA SER B 134 -18.77 -37.73 36.34
C SER B 134 -19.95 -37.02 35.69
N VAL B 135 -21.05 -37.75 35.54
CA VAL B 135 -22.28 -37.19 35.01
C VAL B 135 -22.81 -36.04 35.88
N GLU B 136 -22.72 -36.19 37.20
CA GLU B 136 -23.10 -35.11 38.10
C GLU B 136 -22.22 -33.85 37.93
N GLU B 137 -20.90 -34.04 37.78
CA GLU B 137 -20.00 -32.91 37.56
C GLU B 137 -20.30 -32.23 36.22
N ILE B 138 -20.66 -33.02 35.22
CA ILE B 138 -21.04 -32.45 33.92
C ILE B 138 -22.23 -31.52 34.10
N LYS B 139 -23.25 -31.99 34.85
N LYS B 139 -23.25 -31.98 34.85
CA LYS B 139 -24.41 -31.17 35.18
CA LYS B 139 -24.41 -31.16 35.16
C LYS B 139 -24.04 -29.85 35.82
C LYS B 139 -24.03 -29.84 35.81
N SER B 140 -23.03 -29.87 36.69
CA SER B 140 -22.59 -28.66 37.38
C SER B 140 -21.90 -27.67 36.42
N ILE B 141 -21.18 -28.18 35.43
CA ILE B 141 -20.52 -27.31 34.43
C ILE B 141 -21.58 -26.72 33.50
N VAL B 142 -22.60 -27.52 33.15
CA VAL B 142 -23.75 -26.98 32.39
C VAL B 142 -24.37 -25.82 33.17
N LYS B 143 -24.58 -26.02 34.48
CA LYS B 143 -25.06 -24.95 35.34
CA LYS B 143 -25.06 -24.96 35.35
C LYS B 143 -24.15 -23.72 35.32
N ALA B 144 -22.84 -23.95 35.28
CA ALA B 144 -21.88 -22.84 35.27
C ALA B 144 -22.01 -22.02 33.99
N PHE B 145 -22.25 -22.68 32.86
CA PHE B 145 -22.50 -21.93 31.61
C PHE B 145 -23.77 -21.10 31.73
N GLY B 146 -24.80 -21.67 32.35
CA GLY B 146 -26.06 -20.94 32.55
C GLY B 146 -25.83 -19.70 33.41
N GLU B 147 -25.10 -19.87 34.52
CA GLU B 147 -24.86 -18.75 35.44
C GLU B 147 -24.04 -17.68 34.74
N ALA B 148 -23.05 -18.12 33.95
CA ALA B 148 -22.24 -17.18 33.16
C ALA B 148 -23.08 -16.31 32.19
N ALA B 149 -24.05 -16.93 31.52
CA ALA B 149 -24.92 -16.21 30.59
C ALA B 149 -25.81 -15.22 31.35
N LYS B 150 -26.30 -15.61 32.52
CA LYS B 150 -27.09 -14.68 33.35
C LYS B 150 -26.22 -13.47 33.71
N ARG B 151 -24.97 -13.72 34.12
CA ARG B 151 -24.04 -12.65 34.44
C ARG B 151 -23.74 -11.77 33.22
N ALA B 152 -23.54 -12.41 32.06
CA ALA B 152 -23.27 -11.65 30.83
C ALA B 152 -24.41 -10.69 30.49
N ASN B 153 -25.63 -11.15 30.72
CA ASN B 153 -26.80 -10.31 30.44
C ASN B 153 -26.82 -9.10 31.37
N LEU B 154 -26.53 -9.34 32.65
CA LEU B 154 -26.40 -8.28 33.63
C LEU B 154 -25.32 -7.24 33.26
N ALA B 155 -24.20 -7.71 32.71
CA ALA B 155 -23.10 -6.81 32.27
C ALA B 155 -23.49 -5.99 31.03
N GLY B 156 -24.47 -6.50 30.29
CA GLY B 156 -25.02 -5.81 29.15
C GLY B 156 -24.54 -6.29 27.79
N TYR B 157 -23.86 -7.44 27.72
CA TYR B 157 -23.52 -8.00 26.40
C TYR B 157 -24.76 -8.20 25.52
N ASP B 158 -24.58 -7.97 24.22
CA ASP B 158 -25.63 -8.12 23.20
C ASP B 158 -25.69 -9.55 22.64
N VAL B 159 -24.55 -10.24 22.63
CA VAL B 159 -24.44 -11.53 21.98
C VAL B 159 -23.63 -12.44 22.89
N VAL B 160 -24.06 -13.69 23.01
CA VAL B 160 -23.29 -14.69 23.72
C VAL B 160 -22.77 -15.74 22.72
N GLU B 161 -21.48 -16.08 22.80
CA GLU B 161 -20.91 -17.17 21.99
C GLU B 161 -20.40 -18.30 22.89
N ILE B 162 -20.81 -19.53 22.58
CA ILE B 162 -20.33 -20.70 23.30
C ILE B 162 -19.07 -21.21 22.58
N HIS B 163 -17.96 -21.27 23.29
CA HIS B 163 -16.71 -21.75 22.71
C HIS B 163 -16.67 -23.28 22.68
N ALA B 164 -17.05 -23.87 21.54
CA ALA B 164 -17.05 -25.32 21.35
C ALA B 164 -15.91 -25.79 20.43
N ALA B 165 -14.84 -25.00 20.38
CA ALA B 165 -13.73 -25.27 19.46
C ALA B 165 -12.36 -25.32 20.11
N HIS B 166 -11.34 -25.42 19.24
CA HIS B 166 -9.94 -25.20 19.60
C HIS B 166 -9.40 -26.13 20.70
N GLY B 167 -9.99 -27.31 20.80
CA GLY B 167 -9.50 -28.34 21.68
C GLY B 167 -9.93 -28.22 23.14
N TYR B 168 -10.81 -27.27 23.44
CA TYR B 168 -11.24 -27.03 24.83
C TYR B 168 -12.37 -27.99 25.25
N LEU B 169 -13.04 -27.71 26.38
CA LEU B 169 -13.89 -28.76 26.99
C LEU B 169 -14.96 -29.34 26.04
N ILE B 170 -15.76 -28.47 25.44
CA ILE B 170 -16.86 -28.96 24.58
C ILE B 170 -16.34 -29.72 23.36
N HIS B 171 -15.33 -29.18 22.68
CA HIS B 171 -14.64 -29.86 21.57
C HIS B 171 -14.17 -31.26 21.98
N GLU B 172 -13.61 -31.35 23.20
CA GLU B 172 -13.15 -32.65 23.74
C GLU B 172 -14.27 -33.71 23.83
N PHE B 173 -15.46 -33.31 24.23
CA PHE B 173 -16.65 -34.21 24.15
C PHE B 173 -17.06 -34.53 22.71
N LEU B 174 -16.99 -33.52 21.84
CA LEU B 174 -17.36 -33.67 20.42
C LEU B 174 -16.50 -34.62 19.63
N SER B 175 -15.20 -34.71 19.94
CA SER B 175 -14.31 -35.49 19.10
C SER B 175 -14.11 -36.92 19.61
N PRO B 176 -14.30 -37.93 18.74
CA PRO B 176 -13.92 -39.31 19.13
C PRO B 176 -12.45 -39.50 19.54
N LEU B 177 -11.57 -38.59 19.12
CA LEU B 177 -10.16 -38.68 19.49
C LEU B 177 -9.92 -38.39 20.98
N SER B 178 -10.82 -37.62 21.60
CA SER B 178 -10.62 -37.20 22.99
C SER B 178 -11.68 -37.77 23.93
N ASN B 179 -12.81 -38.18 23.35
CA ASN B 179 -13.95 -38.69 24.13
C ASN B 179 -14.04 -40.21 24.03
N LYS B 180 -13.55 -40.89 25.07
CA LYS B 180 -13.58 -42.37 25.09
C LYS B 180 -14.64 -42.90 26.04
N ARG B 181 -15.63 -42.06 26.39
CA ARG B 181 -16.65 -42.41 27.37
C ARG B 181 -17.58 -43.50 26.84
N LYS B 182 -18.12 -44.30 27.76
CA LYS B 182 -19.04 -45.37 27.38
C LYS B 182 -20.40 -45.17 28.06
N ASP B 183 -20.64 -43.96 28.57
CA ASP B 183 -21.92 -43.58 29.16
C ASP B 183 -22.74 -42.73 28.20
N GLU B 184 -23.71 -41.98 28.72
CA GLU B 184 -24.62 -41.21 27.84
C GLU B 184 -23.94 -40.02 27.15
N TYR B 185 -22.68 -39.76 27.50
CA TYR B 185 -21.96 -38.64 26.91
C TYR B 185 -20.86 -39.09 25.95
N GLY B 186 -20.90 -40.37 25.56
CA GLY B 186 -19.88 -40.91 24.68
C GLY B 186 -20.39 -42.00 23.75
N ASN B 187 -19.51 -42.40 22.83
CA ASN B 187 -19.72 -43.49 21.90
C ASN B 187 -20.43 -42.92 20.66
N SER B 188 -21.77 -42.86 20.68
CA SER B 188 -22.54 -42.44 19.49
C SER B 188 -22.47 -40.94 19.23
N ILE B 189 -22.71 -40.53 17.99
CA ILE B 189 -22.76 -39.11 17.66
C ILE B 189 -23.75 -38.33 18.55
N GLU B 190 -24.94 -38.87 18.75
CA GLU B 190 -25.93 -38.20 19.62
C GLU B 190 -25.38 -38.00 21.03
N ASN B 191 -24.68 -39.00 21.54
CA ASN B 191 -24.12 -38.91 22.89
C ASN B 191 -22.97 -37.90 22.95
N ARG B 192 -22.12 -37.89 21.94
CA ARG B 192 -20.99 -36.93 21.90
C ARG B 192 -21.51 -35.48 21.84
N ALA B 193 -22.66 -35.27 21.23
CA ALA B 193 -23.26 -33.94 21.15
C ALA B 193 -24.03 -33.53 22.40
N ARG B 194 -24.36 -34.50 23.26
CA ARG B 194 -25.21 -34.23 24.41
C ARG B 194 -24.73 -33.05 25.28
N PHE B 195 -23.44 -32.99 25.58
CA PHE B 195 -22.93 -31.91 26.46
C PHE B 195 -23.14 -30.53 25.81
N LEU B 196 -22.78 -30.42 24.53
CA LEU B 196 -23.00 -29.16 23.81
C LEU B 196 -24.48 -28.78 23.82
N ILE B 197 -25.37 -29.74 23.59
CA ILE B 197 -26.80 -29.47 23.54
C ILE B 197 -27.31 -28.99 24.91
N GLU B 198 -26.86 -29.64 25.99
CA GLU B 198 -27.27 -29.27 27.33
C GLU B 198 -26.78 -27.87 27.71
N VAL B 199 -25.57 -27.54 27.28
CA VAL B 199 -25.01 -26.19 27.51
C VAL B 199 -25.85 -25.13 26.80
N ILE B 200 -26.19 -25.40 25.54
CA ILE B 200 -27.02 -24.48 24.76
C ILE B 200 -28.38 -24.29 25.44
N ASP B 201 -29.03 -25.37 25.83
CA ASP B 201 -30.31 -25.28 26.53
C ASP B 201 -30.19 -24.45 27.81
N GLU B 202 -29.12 -24.65 28.56
CA GLU B 202 -28.98 -23.93 29.83
C GLU B 202 -28.69 -22.44 29.60
N VAL B 203 -27.86 -22.14 28.61
CA VAL B 203 -27.62 -20.75 28.23
C VAL B 203 -28.95 -20.09 27.86
N ARG B 204 -29.77 -20.76 27.06
CA ARG B 204 -31.05 -20.15 26.67
C ARG B 204 -31.97 -19.89 27.87
N LYS B 205 -31.96 -20.77 28.86
CA LYS B 205 -32.74 -20.54 30.09
C LYS B 205 -32.35 -19.22 30.76
N ASN B 206 -31.14 -18.77 30.49
CA ASN B 206 -30.53 -17.65 31.20
C ASN B 206 -30.22 -16.43 30.31
N TRP B 207 -30.68 -16.48 29.06
CA TRP B 207 -30.32 -15.47 28.08
C TRP B 207 -31.62 -14.98 27.40
N PRO B 208 -31.86 -13.65 27.40
CA PRO B 208 -33.11 -13.11 26.87
C PRO B 208 -33.39 -13.60 25.47
N GLU B 209 -34.65 -13.96 25.23
CA GLU B 209 -35.04 -14.61 23.99
C GLU B 209 -34.82 -13.74 22.76
N ASN B 210 -34.69 -12.44 22.96
CA ASN B 210 -34.46 -11.55 21.83
C ASN B 210 -33.00 -11.21 21.58
N LYS B 211 -32.10 -11.91 22.26
CA LYS B 211 -30.65 -11.78 22.02
C LYS B 211 -30.09 -13.07 21.40
N PRO B 212 -29.18 -12.94 20.42
CA PRO B 212 -28.65 -14.12 19.76
C PRO B 212 -27.62 -14.95 20.51
N ILE B 213 -27.50 -16.22 20.13
CA ILE B 213 -26.50 -17.15 20.62
C ILE B 213 -25.69 -17.61 19.41
N PHE B 214 -24.38 -17.42 19.47
CA PHE B 214 -23.47 -17.97 18.46
C PHE B 214 -22.82 -19.21 19.07
N VAL B 215 -22.31 -20.10 18.22
CA VAL B 215 -21.45 -21.18 18.68
C VAL B 215 -20.20 -21.26 17.81
N ARG B 216 -19.01 -21.22 18.43
CA ARG B 216 -17.76 -21.42 17.67
C ARG B 216 -17.40 -22.89 17.69
N VAL B 217 -17.12 -23.43 16.50
CA VAL B 217 -16.77 -24.84 16.36
C VAL B 217 -15.43 -25.05 15.64
N SER B 218 -14.82 -26.21 15.87
CA SER B 218 -13.69 -26.64 15.06
C SER B 218 -14.22 -27.67 14.08
N ALA B 219 -14.27 -27.31 12.81
CA ALA B 219 -14.98 -28.15 11.82
C ALA B 219 -14.11 -29.29 11.29
N ASP B 220 -12.85 -29.34 11.71
CA ASP B 220 -11.91 -30.38 11.28
C ASP B 220 -10.82 -30.55 12.34
N ASP B 221 -10.53 -31.80 12.71
CA ASP B 221 -9.40 -32.15 13.60
C ASP B 221 -8.13 -32.43 12.76
N TYR B 222 -8.32 -32.58 11.46
CA TYR B 222 -7.22 -32.89 10.53
C TYR B 222 -6.53 -34.22 10.84
N MET B 223 -7.29 -35.18 11.35
CA MET B 223 -6.75 -36.47 11.81
C MET B 223 -7.78 -37.56 11.61
N GLU B 224 -7.34 -38.70 11.09
CA GLU B 224 -8.20 -39.87 10.97
C GLU B 224 -8.91 -40.20 12.28
N GLY B 225 -10.21 -40.41 12.19
CA GLY B 225 -11.02 -40.79 13.34
C GLY B 225 -11.54 -39.62 14.17
N GLY B 226 -11.11 -38.40 13.84
CA GLY B 226 -11.58 -37.18 14.50
C GLY B 226 -12.71 -36.48 13.78
N ILE B 227 -13.02 -35.25 14.21
CA ILE B 227 -14.01 -34.44 13.53
C ILE B 227 -13.56 -34.11 12.10
N ASN B 228 -14.52 -34.18 11.19
CA ASN B 228 -14.36 -33.69 9.81
C ASN B 228 -15.61 -32.93 9.44
N ILE B 229 -15.61 -32.29 8.28
CA ILE B 229 -16.73 -31.40 7.94
C ILE B 229 -18.08 -32.13 7.89
N ASP B 230 -18.10 -33.37 7.43
CA ASP B 230 -19.34 -34.16 7.42
C ASP B 230 -19.89 -34.39 8.83
N MET B 231 -19.02 -34.77 9.75
CA MET B 231 -19.41 -34.88 11.17
C MET B 231 -19.95 -33.55 11.74
N MET B 232 -19.25 -32.45 11.46
CA MET B 232 -19.66 -31.14 11.99
C MET B 232 -21.01 -30.73 11.40
N VAL B 233 -21.24 -31.05 10.13
CA VAL B 233 -22.58 -30.80 9.55
C VAL B 233 -23.66 -31.53 10.35
N GLU B 234 -23.43 -32.80 10.71
N GLU B 234 -23.40 -32.79 10.69
CA GLU B 234 -24.41 -33.51 11.53
CA GLU B 234 -24.31 -33.57 11.54
C GLU B 234 -24.63 -32.86 12.90
C GLU B 234 -24.59 -32.88 12.88
N TYR B 235 -23.53 -32.46 13.56
CA TYR B 235 -23.66 -31.72 14.85
C TYR B 235 -24.47 -30.42 14.71
N ILE B 236 -24.19 -29.65 13.67
CA ILE B 236 -24.87 -28.37 13.51
C ILE B 236 -26.38 -28.61 13.27
N ASN B 237 -26.70 -29.64 12.48
CA ASN B 237 -28.10 -30.00 12.24
C ASN B 237 -28.85 -30.29 13.55
N MET B 238 -28.11 -30.75 14.55
CA MET B 238 -28.69 -31.04 15.87
C MET B 238 -29.01 -29.80 16.70
N ILE B 239 -28.30 -28.69 16.45
CA ILE B 239 -28.41 -27.48 17.27
C ILE B 239 -28.98 -26.26 16.54
N LYS B 240 -29.21 -26.39 15.23
CA LYS B 240 -29.51 -25.19 14.41
C LYS B 240 -30.83 -24.53 14.78
N ASP B 241 -31.75 -25.29 15.35
CA ASP B 241 -33.02 -24.68 15.78
C ASP B 241 -32.93 -23.93 17.11
N LYS B 242 -31.75 -23.95 17.73
CA LYS B 242 -31.53 -23.30 19.02
C LYS B 242 -30.52 -22.15 19.03
N VAL B 243 -29.75 -22.04 17.96
CA VAL B 243 -28.70 -21.00 17.89
C VAL B 243 -28.80 -20.25 16.57
N ASP B 244 -28.17 -19.07 16.52
CA ASP B 244 -28.39 -18.12 15.44
C ASP B 244 -27.28 -18.05 14.39
N LEU B 245 -26.07 -18.42 14.78
CA LEU B 245 -24.93 -18.30 13.87
C LEU B 245 -23.82 -19.23 14.31
N ILE B 246 -23.17 -19.85 13.33
CA ILE B 246 -22.04 -20.72 13.62
C ILE B 246 -20.75 -20.02 13.22
N ASP B 247 -19.89 -19.78 14.21
CA ASP B 247 -18.60 -19.13 14.00
C ASP B 247 -17.61 -20.26 13.69
N VAL B 248 -17.18 -20.38 12.42
CA VAL B 248 -16.51 -21.63 11.97
C VAL B 248 -14.98 -21.54 11.99
N SER B 249 -14.37 -22.35 12.85
CA SER B 249 -12.92 -22.46 12.91
C SER B 249 -12.51 -23.90 12.67
N SER B 250 -11.28 -24.25 13.08
CA SER B 250 -10.77 -25.62 12.96
C SER B 250 -9.58 -25.86 13.90
N GLY B 251 -9.23 -27.12 14.07
CA GLY B 251 -8.02 -27.51 14.81
C GLY B 251 -8.07 -27.35 16.33
N GLY B 252 -6.96 -27.64 16.99
CA GLY B 252 -6.82 -27.34 18.42
C GLY B 252 -6.83 -28.54 19.36
N LEU B 253 -7.43 -29.66 18.92
CA LEU B 253 -7.54 -30.82 19.80
C LEU B 253 -6.19 -31.47 20.09
N LEU B 254 -5.43 -31.69 19.02
CA LEU B 254 -4.09 -32.25 19.10
C LEU B 254 -3.21 -31.56 18.08
N ASN B 255 -1.89 -31.56 18.31
CA ASN B 255 -0.97 -30.93 17.37
C ASN B 255 -0.99 -31.62 16.01
N VAL B 256 -1.16 -30.82 14.96
CA VAL B 256 -1.22 -31.31 13.58
C VAL B 256 -0.68 -30.25 12.65
N ASP B 257 -0.10 -30.67 11.55
CA ASP B 257 0.31 -29.71 10.53
C ASP B 257 -0.87 -29.43 9.61
N ILE B 258 -1.09 -28.14 9.38
CA ILE B 258 -2.24 -27.62 8.65
C ILE B 258 -1.66 -26.73 7.56
N ASN B 259 -2.12 -26.91 6.33
CA ASN B 259 -1.72 -26.01 5.24
CA ASN B 259 -1.73 -26.02 5.24
C ASN B 259 -2.39 -24.64 5.44
N LEU B 260 -1.58 -23.61 5.65
CA LEU B 260 -2.08 -22.25 5.92
C LEU B 260 -2.00 -21.34 4.70
N TYR B 261 -3.10 -20.64 4.42
CA TYR B 261 -3.19 -19.68 3.31
C TYR B 261 -4.44 -18.81 3.58
N PRO B 262 -4.56 -17.67 2.90
CA PRO B 262 -5.73 -16.82 3.12
C PRO B 262 -7.04 -17.55 2.83
N GLY B 263 -7.98 -17.50 3.78
CA GLY B 263 -9.28 -18.15 3.60
C GLY B 263 -9.26 -19.67 3.74
N TYR B 264 -8.26 -20.22 4.43
CA TYR B 264 -8.15 -21.68 4.60
C TYR B 264 -9.28 -22.34 5.40
N GLN B 265 -10.07 -21.55 6.11
CA GLN B 265 -11.24 -22.09 6.81
C GLN B 265 -12.58 -21.71 6.18
N VAL B 266 -12.52 -20.97 5.08
CA VAL B 266 -13.72 -20.44 4.43
C VAL B 266 -14.60 -21.54 3.82
N LYS B 267 -13.98 -22.59 3.26
CA LYS B 267 -14.80 -23.67 2.71
C LYS B 267 -15.62 -24.37 3.78
N TYR B 268 -15.11 -24.44 5.01
CA TYR B 268 -15.91 -25.03 6.11
C TYR B 268 -17.13 -24.15 6.40
N ALA B 269 -16.94 -22.83 6.39
CA ALA B 269 -18.01 -21.89 6.68
C ALA B 269 -19.12 -21.97 5.63
N GLU B 270 -18.71 -22.06 4.37
CA GLU B 270 -19.65 -22.13 3.25
C GLU B 270 -20.44 -23.45 3.29
N THR B 271 -19.74 -24.56 3.52
CA THR B 271 -20.37 -25.89 3.56
C THR B 271 -21.44 -25.99 4.65
N ILE B 272 -21.11 -25.50 5.85
CA ILE B 272 -22.08 -25.46 6.94
C ILE B 272 -23.27 -24.56 6.61
N LYS B 273 -23.00 -23.42 5.99
CA LYS B 273 -24.06 -22.45 5.67
C LYS B 273 -25.06 -23.07 4.68
N LYS B 274 -24.52 -23.74 3.65
CA LYS B 274 -25.34 -24.38 2.60
C LYS B 274 -26.02 -25.67 3.05
N ARG B 275 -25.26 -26.58 3.65
CA ARG B 275 -25.83 -27.84 4.08
C ARG B 275 -26.82 -27.72 5.24
N CYS B 276 -26.54 -26.81 6.18
CA CYS B 276 -27.36 -26.67 7.38
C CYS B 276 -28.39 -25.54 7.33
N ASN B 277 -28.27 -24.62 6.36
CA ASN B 277 -29.13 -23.45 6.23
CA ASN B 277 -29.20 -23.51 6.25
C ASN B 277 -29.15 -22.63 7.50
N ILE B 278 -27.95 -22.21 7.89
CA ILE B 278 -27.75 -21.41 9.07
C ILE B 278 -26.74 -20.32 8.75
N LYS B 279 -26.82 -19.18 9.43
CA LYS B 279 -25.80 -18.12 9.24
C LYS B 279 -24.45 -18.60 9.74
N THR B 280 -23.38 -18.17 9.07
CA THR B 280 -22.03 -18.52 9.49
C THR B 280 -21.11 -17.29 9.48
N SER B 281 -20.03 -17.39 10.24
CA SER B 281 -18.96 -16.40 10.15
CA SER B 281 -18.96 -16.40 10.14
C SER B 281 -17.70 -17.13 9.71
N ALA B 282 -16.91 -16.47 8.87
CA ALA B 282 -15.65 -17.00 8.36
C ALA B 282 -14.47 -16.29 9.03
N VAL B 283 -13.41 -17.04 9.28
CA VAL B 283 -12.21 -16.47 9.95
C VAL B 283 -10.97 -17.26 9.50
N GLY B 284 -9.83 -16.59 9.44
CA GLY B 284 -8.57 -17.30 9.22
C GLY B 284 -7.78 -16.72 8.07
N LEU B 285 -6.78 -15.92 8.43
CA LEU B 285 -5.84 -15.29 7.50
C LEU B 285 -6.51 -14.40 6.45
N ILE B 286 -7.63 -13.79 6.83
CA ILE B 286 -8.28 -12.77 6.00
C ILE B 286 -7.74 -11.40 6.45
N THR B 287 -7.15 -10.65 5.52
CA THR B 287 -6.58 -9.33 5.87
C THR B 287 -7.00 -8.19 4.95
N THR B 288 -7.49 -8.52 3.75
CA THR B 288 -7.81 -7.47 2.76
C THR B 288 -9.30 -7.22 2.66
N GLN B 289 -9.66 -5.97 2.40
CA GLN B 289 -11.05 -5.66 2.07
C GLN B 289 -11.51 -6.54 0.89
N GLU B 290 -10.62 -6.79 -0.05
CA GLU B 290 -11.00 -7.48 -1.27
C GLU B 290 -11.49 -8.90 -0.98
N LEU B 291 -10.70 -9.66 -0.20
CA LEU B 291 -11.11 -11.00 0.18
C LEU B 291 -12.36 -10.98 1.05
N ALA B 292 -12.45 -10.04 2.01
CA ALA B 292 -13.64 -9.95 2.86
C ALA B 292 -14.91 -9.74 2.02
N GLU B 293 -14.80 -8.86 1.02
CA GLU B 293 -15.95 -8.60 0.15
C GLU B 293 -16.33 -9.83 -0.69
N GLU B 294 -15.33 -10.56 -1.20
CA GLU B 294 -15.59 -11.77 -1.99
C GLU B 294 -16.36 -12.81 -1.19
N ILE B 295 -15.90 -13.07 0.04
CA ILE B 295 -16.54 -14.01 0.94
C ILE B 295 -18.02 -13.65 1.16
N LEU B 296 -18.29 -12.37 1.46
CA LEU B 296 -19.62 -11.93 1.79
C LEU B 296 -20.54 -11.92 0.56
N SER B 297 -20.01 -11.43 -0.56
CA SER B 297 -20.81 -11.27 -1.77
C SER B 297 -21.09 -12.56 -2.50
N ASN B 298 -20.16 -13.51 -2.42
CA ASN B 298 -20.38 -14.89 -2.94
C ASN B 298 -21.18 -15.78 -1.97
N GLU B 299 -21.63 -15.16 -0.87
CA GLU B 299 -22.50 -15.79 0.13
C GLU B 299 -21.86 -17.01 0.77
N ARG B 300 -20.56 -16.92 1.04
CA ARG B 300 -19.86 -18.02 1.68
CA ARG B 300 -19.79 -17.99 1.68
C ARG B 300 -19.97 -17.96 3.20
N ALA B 301 -20.28 -16.78 3.72
CA ALA B 301 -20.52 -16.54 5.14
C ALA B 301 -21.35 -15.25 5.28
N ASP B 302 -21.91 -15.03 6.46
CA ASP B 302 -22.72 -13.83 6.76
C ASP B 302 -21.92 -12.71 7.42
N LEU B 303 -20.86 -13.10 8.14
CA LEU B 303 -19.94 -12.21 8.82
C LEU B 303 -18.55 -12.65 8.47
N VAL B 304 -17.64 -11.70 8.43
CA VAL B 304 -16.21 -11.97 8.32
C VAL B 304 -15.53 -11.54 9.61
N ALA B 305 -14.80 -12.47 10.21
CA ALA B 305 -14.11 -12.18 11.46
C ALA B 305 -12.65 -11.93 11.18
N LEU B 306 -12.12 -10.87 11.79
CA LEU B 306 -10.71 -10.52 11.65
C LEU B 306 -10.07 -10.66 13.04
N GLY B 307 -8.96 -11.38 13.13
CA GLY B 307 -8.23 -11.49 14.38
C GLY B 307 -6.97 -10.66 14.31
N ARG B 308 -5.90 -11.28 13.82
CA ARG B 308 -4.57 -10.65 13.84
C ARG B 308 -4.54 -9.32 13.07
N GLU B 309 -5.29 -9.25 11.98
CA GLU B 309 -5.37 -7.96 11.25
C GLU B 309 -5.85 -6.78 12.13
N LEU B 310 -6.83 -7.02 13.01
CA LEU B 310 -7.31 -5.93 13.91
C LEU B 310 -6.35 -5.64 15.07
N LEU B 311 -5.43 -6.55 15.35
CA LEU B 311 -4.38 -6.28 16.33
C LEU B 311 -3.39 -5.28 15.75
N ARG B 312 -2.93 -5.48 14.52
CA ARG B 312 -1.92 -4.57 13.93
C ARG B 312 -2.53 -3.33 13.29
N ASN B 313 -3.81 -3.42 12.92
CA ASN B 313 -4.50 -2.40 12.09
C ASN B 313 -5.92 -2.18 12.64
N PRO B 314 -6.02 -1.54 13.82
CA PRO B 314 -7.29 -1.45 14.55
C PRO B 314 -8.36 -0.62 13.84
N TYR B 315 -7.96 0.32 12.98
CA TYR B 315 -8.93 1.13 12.25
C TYR B 315 -9.20 0.59 10.83
N TRP B 316 -8.95 -0.71 10.63
CA TRP B 316 -9.22 -1.38 9.33
C TRP B 316 -10.57 -0.98 8.70
N VAL B 317 -11.65 -1.00 9.49
CA VAL B 317 -12.98 -0.64 8.96
C VAL B 317 -13.08 0.82 8.50
N LEU B 318 -12.53 1.75 9.29
CA LEU B 318 -12.51 3.17 8.90
C LEU B 318 -11.87 3.38 7.54
N HIS B 319 -10.80 2.63 7.26
CA HIS B 319 -10.12 2.73 5.98
C HIS B 319 -10.99 2.31 4.81
N THR B 320 -12.06 1.54 5.07
CA THR B 320 -12.98 1.14 4.00
C THR B 320 -14.09 2.17 3.68
N TYR B 321 -14.24 3.20 4.51
CA TYR B 321 -15.31 4.18 4.31
C TYR B 321 -14.96 5.13 3.19
N THR B 322 -15.98 5.58 2.45
CA THR B 322 -15.73 6.47 1.31
C THR B 322 -16.04 7.95 1.53
N SER B 323 -16.52 8.29 2.72
CA SER B 323 -16.77 9.70 3.04
C SER B 323 -16.33 10.04 4.46
N LYS B 324 -15.90 11.29 4.64
CA LYS B 324 -15.46 11.75 5.96
C LYS B 324 -16.55 11.66 7.04
N GLU B 325 -17.82 11.74 6.65
CA GLU B 325 -18.93 11.69 7.60
C GLU B 325 -19.07 10.33 8.28
N ASP B 326 -18.45 9.29 7.73
CA ASP B 326 -18.52 7.95 8.33
C ASP B 326 -17.47 7.79 9.43
N TRP B 327 -16.54 8.73 9.53
CA TRP B 327 -15.46 8.69 10.53
C TRP B 327 -15.92 9.29 11.83
N PRO B 328 -15.28 8.92 12.96
CA PRO B 328 -15.56 9.63 14.22
C PRO B 328 -15.39 11.12 13.98
N LYS B 329 -16.31 11.96 14.50
CA LYS B 329 -16.25 13.41 14.25
C LYS B 329 -14.89 14.00 14.57
N GLN B 330 -14.29 13.57 15.68
CA GLN B 330 -12.97 14.07 16.09
C GLN B 330 -11.85 13.84 15.06
N TYR B 331 -12.02 12.86 14.16
CA TYR B 331 -10.96 12.47 13.19
C TYR B 331 -11.29 12.87 11.75
N GLU B 332 -12.39 13.59 11.56
CA GLU B 332 -12.83 13.95 10.22
C GLU B 332 -11.77 14.60 9.35
N ARG B 333 -10.93 15.45 9.97
CA ARG B 333 -9.87 16.15 9.22
C ARG B 333 -8.80 15.23 8.65
N ALA B 334 -8.77 13.99 9.13
CA ALA B 334 -7.77 13.02 8.70
C ALA B 334 -8.27 12.11 7.58
N PHE B 335 -9.52 12.29 7.17
CA PHE B 335 -10.04 11.46 6.09
C PHE B 335 -9.25 11.72 4.79
N LYS B 336 -8.92 10.66 4.06
CA LYS B 336 -8.06 10.75 2.87
C LYS B 336 -8.50 9.80 1.76
N ILE C 3 4.12 20.80 -7.72
CA ILE C 3 5.23 21.05 -8.70
C ILE C 3 5.53 19.78 -9.52
N LEU C 4 5.20 18.61 -8.97
CA LEU C 4 5.53 17.34 -9.61
C LEU C 4 5.05 17.24 -11.07
N HIS C 5 3.81 17.68 -11.32
CA HIS C 5 3.22 17.58 -12.65
C HIS C 5 3.38 18.87 -13.46
N MET C 6 4.17 19.81 -12.94
CA MET C 6 4.38 21.09 -13.63
C MET C 6 5.49 20.92 -14.68
N PRO C 7 5.27 21.44 -15.90
CA PRO C 7 6.34 21.33 -16.88
C PRO C 7 7.60 22.13 -16.50
N LEU C 8 8.74 21.75 -17.10
CA LEU C 8 9.98 22.49 -16.95
C LEU C 8 10.56 22.75 -18.34
N LYS C 9 10.69 24.02 -18.71
CA LYS C 9 11.32 24.34 -19.99
C LYS C 9 12.82 24.62 -19.81
N ILE C 10 13.61 23.93 -20.62
CA ILE C 10 15.05 24.15 -20.63
C ILE C 10 15.44 24.38 -22.09
N LYS C 11 15.89 25.60 -22.39
CA LYS C 11 16.09 26.02 -23.79
C LYS C 11 14.83 25.79 -24.60
N ASP C 12 14.90 25.10 -25.74
CA ASP C 12 13.71 24.88 -26.56
C ASP C 12 12.98 23.57 -26.22
N ILE C 13 13.41 22.88 -25.18
CA ILE C 13 12.82 21.57 -24.81
C ILE C 13 11.91 21.73 -23.58
N THR C 14 10.69 21.23 -23.66
CA THR C 14 9.77 21.26 -22.52
C THR C 14 9.55 19.85 -22.00
N ILE C 15 9.89 19.65 -20.73
CA ILE C 15 9.68 18.38 -20.04
C ILE C 15 8.33 18.48 -19.33
N LYS C 16 7.46 17.51 -19.55
CA LYS C 16 6.06 17.65 -19.14
C LYS C 16 5.80 17.51 -17.63
N ASN C 17 6.77 16.95 -16.92
CA ASN C 17 6.69 16.80 -15.46
C ASN C 17 8.11 16.75 -14.91
N ARG C 18 8.25 16.60 -13.60
CA ARG C 18 9.57 16.75 -12.99
C ARG C 18 10.29 15.42 -12.71
N ILE C 19 9.81 14.33 -13.29
CA ILE C 19 10.40 13.02 -13.02
C ILE C 19 11.31 12.61 -14.17
N MET C 20 12.55 12.30 -13.82
CA MET C 20 13.52 11.79 -14.77
C MET C 20 13.85 10.33 -14.42
N MET C 21 13.91 9.48 -15.43
CA MET C 21 14.43 8.13 -15.22
C MET C 21 15.94 8.25 -15.20
N SER C 22 16.54 7.95 -14.03
CA SER C 22 17.98 8.06 -13.86
C SER C 22 18.65 7.06 -14.83
N PRO C 23 19.81 7.42 -15.43
CA PRO C 23 20.48 6.46 -16.32
C PRO C 23 20.85 5.20 -15.57
N MET C 24 20.53 4.04 -16.14
CA MET C 24 20.87 2.75 -15.51
C MET C 24 21.31 1.73 -16.52
N CYS C 25 22.59 1.38 -16.48
CA CYS C 25 23.19 0.34 -17.34
C CYS C 25 22.41 -0.96 -17.23
N MET C 26 22.12 -1.56 -18.38
CA MET C 26 21.33 -2.79 -18.43
C MET C 26 22.19 -4.00 -18.84
N TYR C 27 23.46 -3.74 -19.21
CA TYR C 27 24.42 -4.80 -19.59
C TYR C 27 23.78 -5.82 -20.52
N SER C 28 23.05 -5.33 -21.52
CA SER C 28 22.29 -6.21 -22.42
C SER C 28 22.61 -5.99 -23.91
N ALA C 29 23.59 -5.16 -24.20
CA ALA C 29 24.01 -4.96 -25.59
C ALA C 29 24.97 -6.08 -26.07
N SER C 30 25.19 -6.15 -27.37
CA SER C 30 26.22 -6.99 -27.98
C SER C 30 27.62 -6.42 -27.72
N THR C 31 28.66 -7.18 -28.04
CA THR C 31 30.02 -6.65 -28.00
C THR C 31 30.27 -5.49 -28.99
N ASP C 32 29.36 -5.32 -29.95
CA ASP C 32 29.41 -4.21 -30.89
C ASP C 32 28.73 -2.95 -30.34
N GLY C 33 28.19 -3.05 -29.12
CA GLY C 33 27.58 -1.91 -28.44
C GLY C 33 26.21 -1.53 -28.99
N MET C 34 25.58 -2.46 -29.74
CA MET C 34 24.29 -2.18 -30.38
C MET C 34 23.14 -2.48 -29.42
N PRO C 35 22.10 -1.62 -29.42
CA PRO C 35 20.95 -1.96 -28.59
C PRO C 35 20.12 -2.99 -29.32
N ASN C 36 19.20 -3.62 -28.60
CA ASN C 36 18.34 -4.60 -29.21
C ASN C 36 16.91 -4.43 -28.69
N ASP C 37 16.03 -5.39 -28.97
CA ASP C 37 14.62 -5.28 -28.57
C ASP C 37 14.45 -5.15 -27.06
N TRP C 38 15.39 -5.74 -26.32
CA TRP C 38 15.36 -5.63 -24.88
C TRP C 38 15.41 -4.15 -24.44
N HIS C 39 16.38 -3.40 -24.94
CA HIS C 39 16.47 -1.97 -24.64
C HIS C 39 15.23 -1.21 -25.09
N ILE C 40 14.70 -1.53 -26.28
CA ILE C 40 13.56 -0.78 -26.82
C ILE C 40 12.32 -0.90 -25.90
N VAL C 41 12.02 -2.12 -25.48
CA VAL C 41 10.89 -2.35 -24.59
C VAL C 41 11.17 -1.70 -23.23
N HIS C 42 12.40 -1.85 -22.75
CA HIS C 42 12.79 -1.34 -21.43
C HIS C 42 12.49 0.14 -21.30
N TYR C 43 12.97 0.94 -22.26
CA TYR C 43 12.79 2.37 -22.20
C TYR C 43 11.36 2.77 -22.57
N ALA C 44 10.78 2.14 -23.61
CA ALA C 44 9.40 2.44 -24.00
C ALA C 44 8.43 2.26 -22.84
N THR C 45 8.66 1.22 -22.04
CA THR C 45 7.77 0.92 -20.89
C THR C 45 7.66 2.15 -19.96
N ARG C 46 8.77 2.83 -19.68
CA ARG C 46 8.71 3.99 -18.76
C ARG C 46 8.14 5.24 -19.43
N ALA C 47 8.28 5.32 -20.76
CA ALA C 47 7.65 6.40 -21.51
C ALA C 47 6.14 6.23 -21.41
N ILE C 48 5.66 5.01 -21.68
CA ILE C 48 4.24 4.66 -21.45
C ILE C 48 3.81 4.94 -19.98
N GLY C 49 4.71 4.62 -19.04
CA GLY C 49 4.49 4.91 -17.61
C GLY C 49 4.50 6.37 -17.20
N GLY C 50 4.67 7.28 -18.17
CA GLY C 50 4.53 8.73 -17.93
C GLY C 50 5.77 9.51 -17.52
N VAL C 51 6.94 8.89 -17.56
CA VAL C 51 8.17 9.59 -17.16
C VAL C 51 8.40 10.80 -18.07
N GLY C 52 8.74 11.96 -17.49
CA GLY C 52 8.92 13.20 -18.25
C GLY C 52 10.18 13.19 -19.11
N LEU C 53 11.29 12.75 -18.52
CA LEU C 53 12.59 12.72 -19.21
CA LEU C 53 12.58 12.73 -19.19
C LEU C 53 13.25 11.37 -18.97
N ILE C 54 13.46 10.62 -20.03
CA ILE C 54 14.10 9.32 -19.90
C ILE C 54 15.58 9.49 -20.21
N MET C 55 16.45 9.25 -19.23
CA MET C 55 17.89 9.36 -19.49
C MET C 55 18.45 7.96 -19.77
N GLN C 56 18.83 7.74 -21.02
CA GLN C 56 19.50 6.50 -21.39
C GLN C 56 20.79 6.28 -20.60
N GLU C 57 20.99 5.02 -20.23
CA GLU C 57 22.18 4.52 -19.52
C GLU C 57 23.48 5.00 -20.15
N ALA C 58 24.56 4.91 -19.39
CA ALA C 58 25.91 5.28 -19.85
C ALA C 58 26.20 4.66 -21.23
N THR C 59 26.44 5.53 -22.21
CA THR C 59 26.65 5.12 -23.61
C THR C 59 28.07 5.56 -24.01
N ALA C 60 28.93 4.58 -24.31
CA ALA C 60 30.36 4.86 -24.44
C ALA C 60 30.72 5.64 -25.69
N VAL C 61 31.54 6.69 -25.53
CA VAL C 61 32.00 7.52 -26.65
C VAL C 61 33.22 6.91 -27.40
N GLU C 62 33.84 5.90 -26.80
CA GLU C 62 34.92 5.09 -27.41
C GLU C 62 34.74 3.67 -26.89
N SER C 63 35.19 2.67 -27.66
CA SER C 63 35.02 1.28 -27.21
C SER C 63 35.81 1.00 -25.91
N ARG C 64 36.96 1.66 -25.74
CA ARG C 64 37.73 1.53 -24.50
C ARG C 64 37.09 2.30 -23.33
N GLY C 65 36.06 3.09 -23.60
CA GLY C 65 35.34 3.84 -22.55
C GLY C 65 34.09 3.11 -22.06
N ARG C 66 33.87 1.89 -22.54
CA ARG C 66 32.82 1.04 -21.98
C ARG C 66 33.19 0.57 -20.58
N ILE C 67 32.17 0.33 -19.76
CA ILE C 67 32.38 -0.33 -18.48
C ILE C 67 32.51 -1.85 -18.71
N THR C 68 31.56 -2.43 -19.43
CA THR C 68 31.59 -3.86 -19.81
C THR C 68 31.37 -3.97 -21.32
N ASP C 69 31.63 -5.16 -21.88
CA ASP C 69 31.41 -5.32 -23.33
C ASP C 69 29.95 -5.69 -23.67
N HIS C 70 29.04 -5.44 -22.72
CA HIS C 70 27.60 -5.46 -23.00
C HIS C 70 26.95 -4.07 -22.83
N ASP C 71 27.79 -3.03 -22.89
CA ASP C 71 27.33 -1.64 -22.77
C ASP C 71 26.91 -1.09 -24.11
N LEU C 72 25.99 -0.12 -24.10
CA LEU C 72 25.66 0.60 -25.31
C LEU C 72 26.83 1.48 -25.71
N GLY C 73 27.01 1.66 -27.02
CA GLY C 73 28.05 2.56 -27.54
C GLY C 73 27.49 3.56 -28.53
N ILE C 74 28.23 4.65 -28.73
CA ILE C 74 27.87 5.65 -29.73
C ILE C 74 29.19 6.15 -30.34
N TRP C 75 30.14 5.22 -30.47
CA TRP C 75 31.48 5.55 -30.97
C TRP C 75 31.62 5.44 -32.48
N ASN C 76 30.55 5.02 -33.14
CA ASN C 76 30.55 4.90 -34.59
C ASN C 76 29.20 5.18 -35.23
N ASP C 77 29.21 5.52 -36.51
CA ASP C 77 27.99 5.96 -37.19
C ASP C 77 26.98 4.83 -37.38
N GLU C 78 27.45 3.59 -37.30
CA GLU C 78 26.57 2.41 -37.46
C GLU C 78 25.60 2.25 -36.27
N GLN C 79 25.99 2.80 -35.12
CA GLN C 79 25.19 2.69 -33.90
C GLN C 79 23.98 3.64 -33.91
N VAL C 80 24.08 4.72 -34.69
CA VAL C 80 23.04 5.74 -34.77
C VAL C 80 21.65 5.18 -35.17
N LYS C 81 21.59 4.34 -36.21
CA LYS C 81 20.29 3.85 -36.69
C LYS C 81 19.57 2.93 -35.68
N GLU C 82 20.35 2.25 -34.86
CA GLU C 82 19.79 1.36 -33.86
C GLU C 82 19.34 2.19 -32.64
N LEU C 83 20.18 3.13 -32.21
CA LEU C 83 19.82 3.97 -31.08
C LEU C 83 18.61 4.82 -31.44
N LYS C 84 18.49 5.19 -32.72
CA LYS C 84 17.32 5.94 -33.18
C LYS C 84 15.99 5.22 -32.86
N LYS C 85 16.01 3.89 -32.82
CA LYS C 85 14.79 3.14 -32.55
C LYS C 85 14.30 3.38 -31.13
N ILE C 86 15.25 3.48 -30.19
CA ILE C 86 14.91 3.81 -28.80
C ILE C 86 14.33 5.20 -28.73
N VAL C 87 15.01 6.17 -29.35
CA VAL C 87 14.55 7.55 -29.31
C VAL C 87 13.13 7.67 -29.83
N ASP C 88 12.86 7.03 -30.97
CA ASP C 88 11.62 7.26 -31.68
C ASP C 88 10.42 6.76 -30.89
N ILE C 89 10.59 5.59 -30.28
CA ILE C 89 9.50 4.95 -29.51
C ILE C 89 9.21 5.69 -28.21
N CYS C 90 10.24 6.21 -27.56
CA CYS C 90 10.03 6.97 -26.32
C CYS C 90 9.33 8.30 -26.59
N LYS C 91 9.79 9.01 -27.63
CA LYS C 91 9.12 10.28 -27.99
C LYS C 91 7.69 10.06 -28.48
N ALA C 92 7.45 8.97 -29.20
CA ALA C 92 6.10 8.65 -29.69
C ALA C 92 5.15 8.42 -28.52
N ASN C 93 5.72 7.92 -27.42
CA ASN C 93 4.93 7.61 -26.23
C ASN C 93 4.96 8.71 -25.15
N GLY C 94 5.51 9.86 -25.52
CA GLY C 94 5.31 11.11 -24.77
C GLY C 94 6.45 11.60 -23.90
N ALA C 95 7.60 10.92 -23.96
CA ALA C 95 8.74 11.29 -23.15
C ALA C 95 9.74 12.14 -23.92
N VAL C 96 10.49 12.96 -23.19
CA VAL C 96 11.68 13.63 -23.69
C VAL C 96 12.81 12.62 -23.54
N MET C 97 13.66 12.48 -24.55
CA MET C 97 14.72 11.46 -24.55
C MET C 97 16.11 12.06 -24.37
N GLY C 98 16.84 11.57 -23.37
CA GLY C 98 18.21 12.03 -23.12
C GLY C 98 19.18 10.87 -23.24
N ILE C 99 20.46 11.19 -23.47
CA ILE C 99 21.51 10.19 -23.56
C ILE C 99 22.66 10.61 -22.67
N GLN C 100 23.17 9.67 -21.87
CA GLN C 100 24.33 9.95 -21.06
C GLN C 100 25.59 9.54 -21.83
N LEU C 101 26.35 10.54 -22.29
CA LEU C 101 27.63 10.25 -22.96
C LEU C 101 28.67 9.93 -21.90
N ALA C 102 29.36 8.80 -22.06
CA ALA C 102 30.20 8.29 -20.99
C ALA C 102 31.56 7.79 -21.48
N HIS C 103 32.51 7.75 -20.55
CA HIS C 103 33.82 7.12 -20.75
C HIS C 103 34.29 6.60 -19.41
N ALA C 104 34.43 5.28 -19.31
CA ALA C 104 34.71 4.60 -18.03
C ALA C 104 36.11 4.85 -17.47
N GLY C 105 37.04 5.29 -18.32
CA GLY C 105 38.43 5.56 -17.89
C GLY C 105 39.00 4.35 -17.17
N ARG C 106 39.63 4.57 -16.02
CA ARG C 106 40.29 3.47 -15.29
C ARG C 106 39.37 2.39 -14.71
N LYS C 107 38.05 2.64 -14.75
CA LYS C 107 37.06 1.66 -14.29
C LYS C 107 36.49 0.76 -15.41
N CYS C 108 37.03 0.92 -16.62
CA CYS C 108 36.74 -0.01 -17.70
C CYS C 108 37.09 -1.44 -17.26
N ASN C 109 36.12 -2.33 -17.28
CA ASN C 109 36.34 -3.68 -16.80
C ASN C 109 36.48 -4.72 -17.91
N ILE C 110 36.87 -4.27 -19.10
CA ILE C 110 37.05 -5.19 -20.23
C ILE C 110 38.54 -5.55 -20.28
N SER C 111 38.84 -6.82 -20.06
CA SER C 111 40.23 -7.28 -19.92
C SER C 111 41.10 -6.95 -21.12
N TYR C 112 40.51 -7.07 -22.32
CA TYR C 112 41.24 -6.88 -23.56
C TYR C 112 41.28 -5.43 -24.08
N GLU C 113 40.64 -4.50 -23.37
CA GLU C 113 40.57 -3.11 -23.86
C GLU C 113 41.77 -2.28 -23.43
N ASP C 114 41.92 -1.11 -24.06
CA ASP C 114 43.01 -0.17 -23.78
C ASP C 114 42.57 0.75 -22.63
N VAL C 115 42.75 0.29 -21.39
CA VAL C 115 42.27 1.03 -20.21
C VAL C 115 43.17 2.25 -19.97
N VAL C 116 42.54 3.43 -19.92
CA VAL C 116 43.28 4.68 -19.77
C VAL C 116 42.76 5.52 -18.60
N GLY C 117 43.58 6.48 -18.17
CA GLY C 117 43.20 7.42 -17.13
C GLY C 117 44.21 8.57 -17.08
N PRO C 118 43.95 9.56 -16.21
CA PRO C 118 44.87 10.71 -16.07
C PRO C 118 46.22 10.34 -15.46
N SER C 119 46.23 9.34 -14.59
CA SER C 119 47.42 8.93 -13.84
C SER C 119 47.40 7.41 -13.65
N PRO C 120 48.59 6.77 -13.57
CA PRO C 120 48.70 5.32 -13.48
C PRO C 120 48.43 4.75 -12.08
N ILE C 121 47.16 4.78 -11.67
CA ILE C 121 46.74 4.37 -10.34
C ILE C 121 45.46 3.58 -10.50
N LYS C 122 45.38 2.41 -9.86
CA LYS C 122 44.17 1.57 -9.93
C LYS C 122 42.99 2.16 -9.17
N ALA C 123 41.78 1.83 -9.63
CA ALA C 123 40.54 2.23 -8.94
C ALA C 123 40.25 1.31 -7.76
N GLY C 124 40.97 0.19 -7.70
CA GLY C 124 40.81 -0.82 -6.66
C GLY C 124 41.54 -2.09 -7.06
N ASP C 125 41.59 -3.06 -6.15
CA ASP C 125 42.36 -4.30 -6.33
C ASP C 125 42.04 -5.11 -7.59
N ARG C 126 40.76 -5.22 -7.93
CA ARG C 126 40.34 -6.05 -9.06
C ARG C 126 40.48 -5.36 -10.41
N TYR C 127 40.89 -4.09 -10.38
CA TYR C 127 41.01 -3.30 -11.58
C TYR C 127 42.37 -3.39 -12.25
N LYS C 128 42.37 -3.06 -13.54
CA LYS C 128 43.58 -3.02 -14.36
C LYS C 128 44.30 -1.70 -14.10
N LEU C 129 45.64 -1.72 -14.12
CA LEU C 129 46.40 -0.48 -14.06
C LEU C 129 46.13 0.36 -15.33
N PRO C 130 45.69 1.63 -15.13
CA PRO C 130 45.43 2.42 -16.33
C PRO C 130 46.73 2.94 -16.97
N ARG C 131 46.71 3.03 -18.28
CA ARG C 131 47.78 3.65 -19.04
C ARG C 131 47.57 5.16 -18.89
N GLU C 132 48.64 5.89 -18.57
CA GLU C 132 48.58 7.36 -18.39
C GLU C 132 48.45 8.13 -19.71
N LEU C 133 47.36 8.86 -19.87
CA LEU C 133 47.09 9.61 -21.10
C LEU C 133 48.09 10.72 -21.44
N SER C 134 48.56 10.75 -22.69
CA SER C 134 49.26 11.92 -23.22
C SER C 134 48.28 13.05 -23.55
N VAL C 135 48.79 14.27 -23.66
CA VAL C 135 48.00 15.43 -24.06
C VAL C 135 47.33 15.21 -25.44
N GLU C 136 48.07 14.63 -26.38
CA GLU C 136 47.51 14.29 -27.70
CA GLU C 136 47.49 14.33 -27.68
C GLU C 136 46.33 13.33 -27.56
N GLU C 137 46.48 12.32 -26.72
CA GLU C 137 45.40 11.34 -26.51
C GLU C 137 44.19 11.97 -25.80
N ILE C 138 44.45 12.87 -24.85
CA ILE C 138 43.35 13.62 -24.20
C ILE C 138 42.55 14.38 -25.25
N LYS C 139 43.26 15.10 -26.14
CA LYS C 139 42.59 15.83 -27.23
C LYS C 139 41.75 14.89 -28.12
N SER C 140 42.24 13.67 -28.38
CA SER C 140 41.48 12.65 -29.13
C SER C 140 40.20 12.24 -28.41
N ILE C 141 40.25 12.13 -27.08
CA ILE C 141 39.05 11.76 -26.30
C ILE C 141 38.02 12.88 -26.30
N VAL C 142 38.49 14.12 -26.21
CA VAL C 142 37.63 15.31 -26.31
C VAL C 142 36.93 15.31 -27.69
N LYS C 143 37.69 15.06 -28.75
CA LYS C 143 37.13 14.91 -30.11
C LYS C 143 36.05 13.81 -30.16
N ALA C 144 36.31 12.69 -29.49
CA ALA C 144 35.35 11.56 -29.41
C ALA C 144 34.03 11.96 -28.75
N PHE C 145 34.09 12.79 -27.71
CA PHE C 145 32.85 13.29 -27.08
C PHE C 145 32.08 14.14 -28.06
N GLY C 146 32.80 14.98 -28.81
CA GLY C 146 32.15 15.85 -29.81
C GLY C 146 31.47 15.02 -30.88
N GLU C 147 32.16 13.99 -31.35
CA GLU C 147 31.63 13.12 -32.38
C GLU C 147 30.37 12.38 -31.85
N ALA C 148 30.45 11.94 -30.61
CA ALA C 148 29.29 11.30 -29.96
C ALA C 148 28.07 12.23 -29.89
N ALA C 149 28.29 13.51 -29.54
CA ALA C 149 27.18 14.48 -29.49
C ALA C 149 26.57 14.71 -30.87
N LYS C 150 27.41 14.76 -31.91
CA LYS C 150 26.92 14.88 -33.27
C LYS C 150 26.03 13.69 -33.65
N ARG C 151 26.48 12.49 -33.28
CA ARG C 151 25.70 11.26 -33.52
C ARG C 151 24.39 11.25 -32.73
N ALA C 152 24.43 11.74 -31.48
CA ALA C 152 23.23 11.81 -30.66
C ALA C 152 22.19 12.74 -31.28
N ASN C 153 22.66 13.86 -31.82
CA ASN C 153 21.74 14.78 -32.48
C ASN C 153 21.08 14.13 -33.69
N LEU C 154 21.87 13.37 -34.45
CA LEU C 154 21.37 12.69 -35.64
CA LEU C 154 21.37 12.69 -35.64
C LEU C 154 20.36 11.59 -35.29
N ALA C 155 20.58 10.92 -34.16
CA ALA C 155 19.63 9.90 -33.66
C ALA C 155 18.33 10.51 -33.13
N GLY C 156 18.37 11.81 -32.81
CA GLY C 156 17.18 12.56 -32.41
C GLY C 156 16.98 12.80 -30.92
N TYR C 157 18.00 12.52 -30.11
CA TYR C 157 17.91 12.81 -28.68
C TYR C 157 17.65 14.30 -28.44
N ASP C 158 16.88 14.59 -27.39
CA ASP C 158 16.51 15.94 -26.99
C ASP C 158 17.55 16.60 -26.05
N VAL C 159 18.24 15.75 -25.28
CA VAL C 159 19.11 16.18 -24.20
C VAL C 159 20.36 15.31 -24.21
N VAL C 160 21.52 15.95 -24.00
N VAL C 160 21.52 15.95 -24.04
CA VAL C 160 22.77 15.22 -23.78
CA VAL C 160 22.77 15.24 -23.76
C VAL C 160 23.35 15.49 -22.39
C VAL C 160 23.19 15.46 -22.32
N GLU C 161 23.70 14.41 -21.69
CA GLU C 161 24.30 14.50 -20.36
C GLU C 161 25.73 14.02 -20.46
N ILE C 162 26.67 14.84 -19.98
CA ILE C 162 28.07 14.42 -19.86
C ILE C 162 28.27 13.70 -18.52
N HIS C 163 28.77 12.45 -18.55
CA HIS C 163 28.96 11.67 -17.33
C HIS C 163 30.30 12.02 -16.69
N ALA C 164 30.27 12.95 -15.73
CA ALA C 164 31.46 13.43 -15.03
C ALA C 164 31.52 12.86 -13.61
N ALA C 165 30.84 11.75 -13.39
CA ALA C 165 30.69 11.21 -12.02
C ALA C 165 31.14 9.77 -11.89
N HIS C 166 30.90 9.23 -10.69
CA HIS C 166 30.95 7.81 -10.40
C HIS C 166 32.30 7.16 -10.67
N GLY C 167 33.35 7.96 -10.61
CA GLY C 167 34.71 7.46 -10.64
C GLY C 167 35.25 7.18 -12.03
N TYR C 168 34.50 7.61 -13.05
CA TYR C 168 34.87 7.30 -14.44
C TYR C 168 35.81 8.37 -14.95
N LEU C 169 36.04 8.45 -16.27
CA LEU C 169 37.19 9.24 -16.75
C LEU C 169 37.23 10.71 -16.30
N ILE C 170 36.14 11.43 -16.52
CA ILE C 170 36.15 12.86 -16.22
C ILE C 170 36.33 13.07 -14.71
N HIS C 171 35.59 12.30 -13.92
CA HIS C 171 35.70 12.33 -12.44
C HIS C 171 37.16 12.12 -12.02
N GLU C 172 37.84 11.19 -12.68
CA GLU C 172 39.25 10.90 -12.37
C GLU C 172 40.18 12.11 -12.54
N PHE C 173 39.94 12.93 -13.58
CA PHE C 173 40.67 14.19 -13.76
C PHE C 173 40.31 15.23 -12.70
N LEU C 174 39.03 15.23 -12.30
CA LEU C 174 38.53 16.22 -11.33
C LEU C 174 39.07 16.00 -9.91
N SER C 175 39.27 14.75 -9.51
CA SER C 175 39.68 14.47 -8.11
C SER C 175 41.20 14.42 -7.92
N PRO C 176 41.71 15.21 -6.97
CA PRO C 176 43.12 15.14 -6.55
C PRO C 176 43.56 13.74 -6.16
N LEU C 177 42.62 12.90 -5.73
CA LEU C 177 42.96 11.52 -5.32
C LEU C 177 43.37 10.60 -6.47
N SER C 178 42.94 10.94 -7.68
CA SER C 178 43.21 10.11 -8.86
C SER C 178 44.00 10.85 -9.94
N ASN C 179 44.08 12.18 -9.84
CA ASN C 179 44.83 13.01 -10.77
C ASN C 179 46.12 13.50 -10.12
N LYS C 180 47.25 12.86 -10.45
CA LYS C 180 48.56 13.27 -9.96
C LYS C 180 49.40 13.91 -11.07
N ARG C 181 48.74 14.39 -12.14
CA ARG C 181 49.43 15.00 -13.27
C ARG C 181 50.10 16.29 -12.87
N LYS C 182 51.21 16.59 -13.56
CA LYS C 182 51.91 17.83 -13.33
CA LYS C 182 51.98 17.81 -13.36
C LYS C 182 51.96 18.73 -14.58
N ASP C 183 51.22 18.35 -15.62
CA ASP C 183 51.09 19.19 -16.82
C ASP C 183 49.84 20.09 -16.70
N GLU C 184 49.34 20.60 -17.82
CA GLU C 184 48.20 21.52 -17.82
C GLU C 184 46.87 20.88 -17.40
N TYR C 185 46.86 19.56 -17.21
CA TYR C 185 45.63 18.84 -16.79
C TYR C 185 45.63 18.43 -15.33
N GLY C 186 46.60 18.91 -14.56
CA GLY C 186 46.69 18.57 -13.14
C GLY C 186 47.30 19.65 -12.26
N ASN C 187 47.24 19.42 -10.95
CA ASN C 187 48.03 20.19 -9.96
C ASN C 187 47.58 21.63 -9.66
N SER C 188 46.35 21.96 -10.02
CA SER C 188 45.64 23.17 -9.61
C SER C 188 44.18 22.93 -9.96
N ILE C 189 43.26 23.61 -9.29
CA ILE C 189 41.84 23.35 -9.51
C ILE C 189 41.43 23.70 -10.95
N GLU C 190 41.98 24.76 -11.51
CA GLU C 190 41.69 25.14 -12.89
C GLU C 190 42.20 24.09 -13.89
N ASN C 191 43.38 23.54 -13.64
CA ASN C 191 43.92 22.47 -14.49
C ASN C 191 43.15 21.16 -14.37
N ARG C 192 42.67 20.84 -13.18
CA ARG C 192 41.88 19.62 -12.99
C ARG C 192 40.50 19.69 -13.68
N ALA C 193 39.96 20.90 -13.80
CA ALA C 193 38.71 21.14 -14.51
C ALA C 193 38.88 21.23 -16.04
N ARG C 194 40.13 21.31 -16.49
CA ARG C 194 40.42 21.56 -17.90
C ARG C 194 39.80 20.52 -18.82
N PHE C 195 39.95 19.24 -18.49
CA PHE C 195 39.40 18.17 -19.32
C PHE C 195 37.87 18.30 -19.45
N LEU C 196 37.17 18.48 -18.33
CA LEU C 196 35.72 18.69 -18.37
C LEU C 196 35.32 19.89 -19.21
N ILE C 197 36.03 21.01 -19.03
CA ILE C 197 35.74 22.23 -19.75
C ILE C 197 35.91 21.99 -21.27
N GLU C 198 36.96 21.28 -21.64
CA GLU C 198 37.23 21.01 -23.05
C GLU C 198 36.19 20.08 -23.65
N VAL C 199 35.71 19.13 -22.86
CA VAL C 199 34.67 18.20 -23.29
C VAL C 199 33.36 18.98 -23.54
N ILE C 200 32.99 19.85 -22.59
CA ILE C 200 31.80 20.67 -22.73
C ILE C 200 31.90 21.55 -23.98
N ASP C 201 33.05 22.17 -24.17
CA ASP C 201 33.27 23.03 -25.36
C ASP C 201 33.06 22.25 -26.66
N GLU C 202 33.62 21.04 -26.74
CA GLU C 202 33.53 20.27 -27.96
C GLU C 202 32.11 19.71 -28.19
N VAL C 203 31.44 19.29 -27.11
CA VAL C 203 30.04 18.94 -27.21
C VAL C 203 29.22 20.11 -27.78
N ARG C 204 29.44 21.32 -27.27
CA ARG C 204 28.70 22.51 -27.71
C ARG C 204 28.86 22.78 -29.21
N LYS C 205 30.04 22.47 -29.74
CA LYS C 205 30.30 22.63 -31.18
C LYS C 205 29.55 21.62 -32.02
N ASN C 206 29.07 20.56 -31.38
CA ASN C 206 28.41 19.45 -32.08
C ASN C 206 26.98 19.20 -31.61
N TRP C 207 26.43 20.14 -30.84
CA TRP C 207 25.11 19.97 -30.24
C TRP C 207 24.34 21.26 -30.44
N PRO C 208 23.10 21.21 -30.97
CA PRO C 208 22.30 22.41 -31.23
C PRO C 208 22.19 23.35 -30.02
N GLU C 209 22.38 24.65 -30.27
CA GLU C 209 22.40 25.63 -29.16
C GLU C 209 21.08 25.72 -28.39
N ASN C 210 19.99 25.28 -29.03
CA ASN C 210 18.66 25.30 -28.41
C ASN C 210 18.24 23.98 -27.76
N LYS C 211 19.19 23.04 -27.62
CA LYS C 211 18.94 21.80 -26.86
C LYS C 211 19.82 21.79 -25.60
N PRO C 212 19.28 21.28 -24.48
CA PRO C 212 20.02 21.34 -23.21
C PRO C 212 21.20 20.41 -23.14
N ILE C 213 22.16 20.78 -22.29
CA ILE C 213 23.27 19.94 -21.91
C ILE C 213 23.22 19.81 -20.40
N PHE C 214 23.19 18.58 -19.90
CA PHE C 214 23.27 18.28 -18.47
C PHE C 214 24.68 17.77 -18.19
N VAL C 215 25.15 17.91 -16.94
CA VAL C 215 26.37 17.22 -16.52
C VAL C 215 26.07 16.49 -15.22
N ARG C 216 26.42 15.21 -15.13
CA ARG C 216 26.26 14.47 -13.87
C ARG C 216 27.58 14.49 -13.16
N VAL C 217 27.56 14.89 -11.88
CA VAL C 217 28.80 15.01 -11.09
C VAL C 217 28.72 14.17 -9.83
N SER C 218 29.88 13.78 -9.30
CA SER C 218 29.97 13.25 -7.96
C SER C 218 30.44 14.39 -7.05
N ALA C 219 29.55 14.85 -6.18
CA ALA C 219 29.82 16.04 -5.37
C ALA C 219 30.64 15.77 -4.10
N ASP C 220 30.92 14.49 -3.83
CA ASP C 220 31.72 14.09 -2.67
C ASP C 220 32.39 12.77 -2.96
N ASP C 221 33.71 12.68 -2.68
CA ASP C 221 34.47 11.44 -2.70
C ASP C 221 34.43 10.74 -1.33
N TYR C 222 33.96 11.45 -0.31
CA TYR C 222 33.86 10.96 1.07
C TYR C 222 35.24 10.55 1.63
N MET C 223 36.27 11.28 1.22
CA MET C 223 37.64 10.95 1.60
C MET C 223 38.44 12.22 1.72
N GLU C 224 39.30 12.29 2.74
CA GLU C 224 40.20 13.41 2.86
C GLU C 224 41.06 13.48 1.60
N GLY C 225 41.23 14.69 1.08
CA GLY C 225 42.03 14.90 -0.11
C GLY C 225 41.24 14.92 -1.40
N GLY C 226 40.01 14.41 -1.37
CA GLY C 226 39.17 14.28 -2.59
C GLY C 226 38.16 15.41 -2.76
N ILE C 227 37.26 15.23 -3.71
CA ILE C 227 36.18 16.17 -3.93
C ILE C 227 35.29 16.27 -2.70
N ASN C 228 34.89 17.49 -2.38
CA ASN C 228 33.88 17.77 -1.38
C ASN C 228 32.95 18.78 -2.01
N ILE C 229 31.83 19.06 -1.34
CA ILE C 229 30.82 19.96 -1.89
C ILE C 229 31.35 21.34 -2.26
N ASP C 230 32.25 21.90 -1.44
CA ASP C 230 32.81 23.21 -1.71
C ASP C 230 33.61 23.20 -3.01
N MET C 231 34.42 22.15 -3.20
CA MET C 231 35.19 22.00 -4.43
C MET C 231 34.28 21.87 -5.65
N MET C 232 33.19 21.10 -5.50
CA MET C 232 32.25 20.94 -6.61
C MET C 232 31.56 22.25 -6.96
N VAL C 233 31.20 23.04 -5.95
CA VAL C 233 30.67 24.37 -6.21
C VAL C 233 31.67 25.20 -7.06
N GLU C 234 32.96 25.13 -6.74
CA GLU C 234 33.97 25.83 -7.53
C GLU C 234 33.95 25.36 -8.99
N TYR C 235 33.90 24.06 -9.21
CA TYR C 235 33.85 23.50 -10.58
C TYR C 235 32.58 23.91 -11.32
N ILE C 236 31.46 23.85 -10.63
CA ILE C 236 30.19 24.20 -11.29
C ILE C 236 30.19 25.66 -11.70
N ASN C 237 30.76 26.52 -10.85
CA ASN C 237 30.90 27.94 -11.23
C ASN C 237 31.74 28.14 -12.50
N MET C 238 32.67 27.21 -12.77
CA MET C 238 33.49 27.29 -14.00
C MET C 238 32.71 26.95 -15.26
N ILE C 239 31.65 26.13 -15.14
CA ILE C 239 30.95 25.61 -16.31
C ILE C 239 29.51 26.07 -16.46
N LYS C 240 28.99 26.81 -15.48
CA LYS C 240 27.55 27.02 -15.39
C LYS C 240 27.00 27.89 -16.51
N ASP C 241 27.84 28.72 -17.12
CA ASP C 241 27.38 29.52 -18.25
C ASP C 241 27.30 28.72 -19.56
N LYS C 242 27.76 27.47 -19.53
CA LYS C 242 27.82 26.64 -20.73
C LYS C 242 26.92 25.40 -20.69
N VAL C 243 26.36 25.10 -19.53
CA VAL C 243 25.47 23.95 -19.40
C VAL C 243 24.18 24.35 -18.69
N ASP C 244 23.16 23.49 -18.71
CA ASP C 244 21.80 23.87 -18.33
C ASP C 244 21.30 23.31 -17.00
N LEU C 245 21.85 22.17 -16.59
CA LEU C 245 21.39 21.51 -15.35
C LEU C 245 22.49 20.60 -14.85
N ILE C 246 22.67 20.54 -13.54
CA ILE C 246 23.63 19.64 -12.92
C ILE C 246 22.87 18.50 -12.29
N ASP C 247 23.17 17.30 -12.76
CA ASP C 247 22.55 16.07 -12.26
C ASP C 247 23.45 15.64 -11.09
N VAL C 248 22.98 15.82 -9.85
CA VAL C 248 23.90 15.67 -8.68
C VAL C 248 23.93 14.28 -8.03
N SER C 249 25.10 13.65 -8.03
CA SER C 249 25.31 12.34 -7.42
C SER C 249 26.56 12.42 -6.53
N SER C 250 27.16 11.27 -6.20
CA SER C 250 28.35 11.24 -5.32
C SER C 250 29.03 9.88 -5.39
N GLY C 251 30.26 9.78 -4.86
CA GLY C 251 30.96 8.51 -4.77
C GLY C 251 31.49 7.92 -6.08
N GLY C 252 32.04 6.72 -5.98
CA GLY C 252 32.47 5.95 -7.15
C GLY C 252 33.95 5.93 -7.46
N LEU C 253 34.70 6.92 -6.98
CA LEU C 253 36.11 7.02 -7.35
C LEU C 253 36.92 5.91 -6.72
N LEU C 254 36.70 5.71 -5.43
CA LEU C 254 37.38 4.69 -4.63
C LEU C 254 36.36 4.15 -3.64
N ASN C 255 36.55 2.87 -3.28
CA ASN C 255 35.69 2.21 -2.31
C ASN C 255 35.65 2.96 -0.98
N VAL C 256 34.45 3.32 -0.52
CA VAL C 256 34.25 4.04 0.75
C VAL C 256 32.91 3.63 1.37
N ASP C 257 32.82 3.73 2.69
CA ASP C 257 31.53 3.50 3.34
C ASP C 257 30.77 4.79 3.38
N ILE C 258 29.51 4.72 2.96
CA ILE C 258 28.65 5.88 2.81
C ILE C 258 27.40 5.54 3.59
N ASN C 259 26.94 6.46 4.43
N ASN C 259 26.95 6.47 4.42
CA ASN C 259 25.66 6.32 5.12
CA ASN C 259 25.68 6.36 5.09
C ASN C 259 24.48 6.52 4.17
C ASN C 259 24.54 6.47 4.07
N LEU C 260 23.69 5.46 3.99
CA LEU C 260 22.60 5.42 3.01
C LEU C 260 21.25 5.57 3.67
N TYR C 261 20.45 6.49 3.15
CA TYR C 261 19.11 6.72 3.64
C TYR C 261 18.37 7.53 2.56
N PRO C 262 17.03 7.57 2.62
CA PRO C 262 16.29 8.33 1.60
C PRO C 262 16.76 9.78 1.54
N GLY C 263 17.09 10.25 0.34
CA GLY C 263 17.48 11.65 0.18
C GLY C 263 18.92 11.95 0.60
N TYR C 264 19.78 10.94 0.66
CA TYR C 264 21.16 11.16 1.17
C TYR C 264 22.07 12.01 0.26
N GLN C 265 21.65 12.27 -0.97
CA GLN C 265 22.40 13.14 -1.89
C GLN C 265 21.68 14.46 -2.17
N VAL C 266 20.53 14.67 -1.51
CA VAL C 266 19.70 15.84 -1.77
C VAL C 266 20.34 17.16 -1.29
N LYS C 267 21.04 17.12 -0.15
CA LYS C 267 21.72 18.32 0.34
C LYS C 267 22.77 18.85 -0.65
N TYR C 268 23.46 17.93 -1.32
CA TYR C 268 24.41 18.34 -2.38
C TYR C 268 23.70 19.06 -3.52
N ALA C 269 22.55 18.55 -3.92
CA ALA C 269 21.78 19.14 -5.01
C ALA C 269 21.29 20.54 -4.65
N GLU C 270 20.85 20.69 -3.39
CA GLU C 270 20.38 22.00 -2.92
C GLU C 270 21.50 23.04 -2.80
N THR C 271 22.65 22.62 -2.27
CA THR C 271 23.81 23.50 -2.13
C THR C 271 24.29 24.00 -3.49
N ILE C 272 24.40 23.10 -4.44
CA ILE C 272 24.78 23.52 -5.81
C ILE C 272 23.74 24.48 -6.43
N LYS C 273 22.46 24.13 -6.33
CA LYS C 273 21.37 24.96 -6.85
C LYS C 273 21.44 26.39 -6.30
N LYS C 274 21.61 26.50 -4.99
CA LYS C 274 21.61 27.79 -4.30
C LYS C 274 22.90 28.57 -4.47
N ARG C 275 24.04 27.91 -4.25
CA ARG C 275 25.32 28.59 -4.32
C ARG C 275 25.73 28.92 -5.75
N CYS C 276 25.32 28.10 -6.72
CA CYS C 276 25.69 28.34 -8.12
C CYS C 276 24.61 29.00 -8.97
N ASN C 277 23.39 29.09 -8.45
CA ASN C 277 22.25 29.59 -9.22
C ASN C 277 22.08 28.86 -10.57
N ILE C 278 21.99 27.54 -10.49
CA ILE C 278 21.81 26.66 -11.67
C ILE C 278 20.74 25.62 -11.34
N LYS C 279 20.05 25.12 -12.36
CA LYS C 279 19.10 24.03 -12.15
C LYS C 279 19.83 22.76 -11.74
N THR C 280 19.22 21.98 -10.86
CA THR C 280 19.78 20.70 -10.45
C THR C 280 18.75 19.58 -10.44
N SER C 281 19.23 18.35 -10.58
CA SER C 281 18.37 17.20 -10.33
CA SER C 281 18.41 17.15 -10.37
C SER C 281 18.90 16.43 -9.11
N ALA C 282 17.98 15.87 -8.34
CA ALA C 282 18.30 15.13 -7.12
C ALA C 282 18.04 13.66 -7.36
N VAL C 283 18.87 12.78 -6.76
CA VAL C 283 18.73 11.34 -6.90
C VAL C 283 19.34 10.62 -5.69
N GLY C 284 18.78 9.45 -5.37
CA GLY C 284 19.35 8.53 -4.41
C GLY C 284 18.35 8.13 -3.35
N LEU C 285 17.79 6.93 -3.51
CA LEU C 285 16.89 6.29 -2.53
C LEU C 285 15.58 7.05 -2.31
N ILE C 286 15.17 7.78 -3.34
CA ILE C 286 13.86 8.42 -3.38
C ILE C 286 12.85 7.44 -4.02
N THR C 287 11.79 7.10 -3.30
CA THR C 287 10.83 6.12 -3.84
C THR C 287 9.38 6.54 -3.76
N THR C 288 9.09 7.56 -2.95
CA THR C 288 7.72 7.98 -2.68
C THR C 288 7.36 9.31 -3.36
N GLN C 289 6.09 9.44 -3.75
CA GLN C 289 5.58 10.70 -4.25
C GLN C 289 5.78 11.78 -3.20
N GLU C 290 5.54 11.42 -1.93
CA GLU C 290 5.70 12.35 -0.82
C GLU C 290 7.10 13.00 -0.76
N LEU C 291 8.16 12.20 -0.76
CA LEU C 291 9.52 12.75 -0.73
C LEU C 291 9.82 13.52 -2.03
N ALA C 292 9.42 13.00 -3.18
CA ALA C 292 9.65 13.73 -4.43
C ALA C 292 9.03 15.11 -4.37
N GLU C 293 7.80 15.18 -3.85
CA GLU C 293 7.11 16.47 -3.75
C GLU C 293 7.78 17.44 -2.79
N GLU C 294 8.26 16.93 -1.67
CA GLU C 294 8.95 17.78 -0.70
C GLU C 294 10.21 18.37 -1.33
N ILE C 295 10.99 17.53 -2.00
CA ILE C 295 12.23 17.99 -2.66
C ILE C 295 11.95 19.12 -3.65
N LEU C 296 10.96 18.94 -4.50
CA LEU C 296 10.64 19.94 -5.54
C LEU C 296 10.04 21.21 -4.94
N SER C 297 9.13 21.04 -3.99
CA SER C 297 8.42 22.19 -3.41
C SER C 297 9.23 23.05 -2.46
N ASN C 298 10.19 22.43 -1.76
CA ASN C 298 11.14 23.16 -0.92
C ASN C 298 12.32 23.67 -1.77
N GLU C 299 12.20 23.54 -3.09
CA GLU C 299 13.18 24.06 -4.06
C GLU C 299 14.60 23.56 -3.81
N ARG C 300 14.70 22.29 -3.46
CA ARG C 300 16.01 21.67 -3.27
CA ARG C 300 15.99 21.62 -3.27
C ARG C 300 16.60 21.17 -4.60
N ALA C 301 15.74 20.99 -5.61
CA ALA C 301 16.14 20.57 -6.95
C ALA C 301 15.00 20.92 -7.91
N ASP C 302 15.29 20.93 -9.21
CA ASP C 302 14.31 21.19 -10.27
C ASP C 302 13.72 19.94 -10.90
N LEU C 303 14.45 18.83 -10.84
CA LEU C 303 13.98 17.50 -11.29
C LEU C 303 14.30 16.51 -10.19
N VAL C 304 13.47 15.48 -10.09
CA VAL C 304 13.72 14.34 -9.23
C VAL C 304 13.98 13.15 -10.13
N ALA C 305 15.14 12.51 -9.95
CA ALA C 305 15.47 11.33 -10.72
C ALA C 305 15.18 10.08 -9.89
N LEU C 306 14.58 9.09 -10.54
CA LEU C 306 14.30 7.81 -9.91
C LEU C 306 15.03 6.75 -10.72
N GLY C 307 15.78 5.91 -10.01
CA GLY C 307 16.48 4.81 -10.66
C GLY C 307 15.80 3.51 -10.30
N ARG C 308 16.23 2.90 -9.19
CA ARG C 308 15.68 1.59 -8.84
C ARG C 308 14.15 1.53 -8.72
N GLU C 309 13.51 2.60 -8.21
CA GLU C 309 12.05 2.57 -8.13
C GLU C 309 11.41 2.37 -9.51
N LEU C 310 11.97 2.96 -10.55
CA LEU C 310 11.42 2.78 -11.89
C LEU C 310 11.74 1.43 -12.53
N LEU C 311 12.73 0.72 -11.99
CA LEU C 311 12.98 -0.67 -12.40
C LEU C 311 11.85 -1.58 -11.90
N ARG C 312 11.51 -1.45 -10.61
CA ARG C 312 10.51 -2.32 -9.98
C ARG C 312 9.06 -1.86 -10.24
N ASN C 313 8.90 -0.56 -10.50
CA ASN C 313 7.58 0.10 -10.53
C ASN C 313 7.55 1.08 -11.72
N PRO C 314 7.53 0.54 -12.96
CA PRO C 314 7.72 1.40 -14.14
C PRO C 314 6.59 2.40 -14.38
N TYR C 315 5.39 2.15 -13.84
CA TYR C 315 4.27 3.08 -14.00
C TYR C 315 4.05 3.99 -12.81
N TRP C 316 5.10 4.18 -12.01
CA TRP C 316 5.08 5.10 -10.86
C TRP C 316 4.38 6.44 -11.14
N VAL C 317 4.71 7.10 -12.27
CA VAL C 317 4.12 8.42 -12.58
C VAL C 317 2.61 8.33 -12.80
N LEU C 318 2.19 7.31 -13.55
CA LEU C 318 0.77 7.08 -13.81
C LEU C 318 -0.03 6.99 -12.50
N HIS C 319 0.55 6.36 -11.50
CA HIS C 319 -0.12 6.25 -10.19
C HIS C 319 -0.27 7.57 -9.45
N THR C 320 0.50 8.59 -9.84
CA THR C 320 0.39 9.92 -9.26
C THR C 320 -0.71 10.78 -9.89
N TYR C 321 -1.22 10.38 -11.07
CA TYR C 321 -2.27 11.15 -11.76
C TYR C 321 -3.62 11.04 -11.07
N THR C 322 -4.40 12.11 -11.12
CA THR C 322 -5.70 12.12 -10.44
C THR C 322 -6.89 12.00 -11.39
N SER C 323 -6.62 12.00 -12.70
CA SER C 323 -7.70 11.78 -13.67
C SER C 323 -7.35 10.74 -14.74
N LYS C 324 -8.37 10.02 -15.22
CA LYS C 324 -8.17 9.02 -16.26
C LYS C 324 -7.61 9.58 -17.56
N GLU C 325 -7.87 10.86 -17.85
CA GLU C 325 -7.41 11.48 -19.10
C GLU C 325 -5.90 11.58 -19.21
N ASP C 326 -5.21 11.48 -18.07
CA ASP C 326 -3.76 11.54 -17.99
C ASP C 326 -3.12 10.19 -18.35
N TRP C 327 -3.93 9.13 -18.34
CA TRP C 327 -3.44 7.78 -18.62
C TRP C 327 -3.39 7.49 -20.13
N PRO C 328 -2.54 6.52 -20.57
CA PRO C 328 -2.61 6.06 -21.97
C PRO C 328 -4.05 5.66 -22.26
N LYS C 329 -4.58 6.07 -23.42
CA LYS C 329 -5.98 5.81 -23.73
C LYS C 329 -6.30 4.33 -23.63
N GLN C 330 -5.36 3.49 -24.02
CA GLN C 330 -5.58 2.04 -24.02
C GLN C 330 -5.80 1.47 -22.60
N TYR C 331 -5.36 2.21 -21.60
CA TYR C 331 -5.40 1.73 -20.21
C TYR C 331 -6.41 2.50 -19.35
N GLU C 332 -7.19 3.36 -20.01
CA GLU C 332 -8.13 4.23 -19.33
C GLU C 332 -9.07 3.47 -18.40
N ARG C 333 -9.50 2.28 -18.82
CA ARG C 333 -10.44 1.49 -18.00
C ARG C 333 -9.82 0.94 -16.71
N ALA C 334 -8.52 1.09 -16.54
CA ALA C 334 -7.82 0.59 -15.34
C ALA C 334 -7.57 1.71 -14.31
N PHE C 335 -7.93 2.94 -14.66
CA PHE C 335 -7.76 4.08 -13.75
C PHE C 335 -8.56 3.87 -12.45
N LYS C 336 -7.93 4.16 -11.32
CA LYS C 336 -8.52 4.01 -9.99
C LYS C 336 -9.09 5.33 -9.47
N SER D 2 4.75 -19.00 -2.76
CA SER D 2 3.28 -18.92 -3.00
C SER D 2 2.76 -20.03 -3.92
N ILE D 3 1.51 -20.45 -3.68
CA ILE D 3 0.83 -21.40 -4.58
C ILE D 3 0.71 -20.84 -6.02
N LEU D 4 0.69 -19.51 -6.13
CA LEU D 4 0.66 -18.81 -7.41
C LEU D 4 1.85 -19.22 -8.26
N HIS D 5 2.94 -19.63 -7.60
CA HIS D 5 4.20 -19.86 -8.29
C HIS D 5 4.40 -21.29 -8.81
N MET D 6 3.41 -22.16 -8.64
CA MET D 6 3.52 -23.56 -9.04
C MET D 6 3.22 -23.70 -10.52
N PRO D 7 4.05 -24.46 -11.26
CA PRO D 7 3.74 -24.62 -12.68
C PRO D 7 2.48 -25.43 -12.93
N LEU D 8 1.96 -25.32 -14.16
CA LEU D 8 0.82 -26.10 -14.61
C LEU D 8 1.18 -26.60 -16.00
N LYS D 9 1.20 -27.92 -16.18
CA LYS D 9 1.44 -28.50 -17.50
C LYS D 9 0.12 -28.88 -18.14
N ILE D 10 -0.10 -28.42 -19.38
CA ILE D 10 -1.28 -28.79 -20.14
C ILE D 10 -0.77 -29.30 -21.48
N LYS D 11 -1.04 -30.59 -21.80
CA LYS D 11 -0.44 -31.24 -22.97
C LYS D 11 1.07 -31.05 -22.89
N ASP D 12 1.73 -30.64 -23.97
CA ASP D 12 3.18 -30.43 -23.93
C ASP D 12 3.65 -29.06 -23.44
N ILE D 13 2.70 -28.23 -22.99
CA ILE D 13 3.06 -26.86 -22.66
C ILE D 13 3.09 -26.68 -21.13
N THR D 14 4.20 -26.17 -20.61
CA THR D 14 4.33 -25.87 -19.18
C THR D 14 4.23 -24.36 -18.94
N ILE D 15 3.20 -23.98 -18.19
CA ILE D 15 3.05 -22.60 -17.73
C ILE D 15 3.78 -22.49 -16.39
N LYS D 16 4.66 -21.51 -16.25
CA LYS D 16 5.58 -21.48 -15.09
C LYS D 16 4.94 -21.07 -13.77
N ASN D 17 3.77 -20.44 -13.85
CA ASN D 17 3.02 -20.00 -12.66
C ASN D 17 1.54 -20.00 -12.99
N ARG D 18 0.70 -19.60 -12.02
CA ARG D 18 -0.74 -19.74 -12.23
C ARG D 18 -1.42 -18.42 -12.64
N ILE D 19 -0.64 -17.48 -13.12
CA ILE D 19 -1.16 -16.18 -13.50
C ILE D 19 -1.29 -16.06 -15.02
N MET D 20 -2.50 -15.77 -15.48
CA MET D 20 -2.76 -15.50 -16.91
C MET D 20 -3.11 -14.03 -17.11
N MET D 21 -2.55 -13.40 -18.15
CA MET D 21 -3.05 -12.07 -18.54
C MET D 21 -4.31 -12.28 -19.38
N SER D 22 -5.44 -11.82 -18.84
CA SER D 22 -6.73 -11.96 -19.51
C SER D 22 -6.68 -11.20 -20.84
N PRO D 23 -7.30 -11.75 -21.89
CA PRO D 23 -7.29 -11.05 -23.20
C PRO D 23 -7.97 -9.68 -23.07
N MET D 24 -7.33 -8.63 -23.58
CA MET D 24 -7.89 -7.28 -23.53
C MET D 24 -7.62 -6.51 -24.81
N CYS D 25 -8.68 -6.22 -25.59
CA CYS D 25 -8.59 -5.40 -26.81
C CYS D 25 -7.93 -4.06 -26.50
N MET D 26 -7.00 -3.66 -27.37
CA MET D 26 -6.25 -2.43 -27.19
C MET D 26 -6.69 -1.37 -28.23
N TYR D 27 -7.51 -1.80 -29.19
CA TYR D 27 -8.07 -0.90 -30.21
C TYR D 27 -6.96 -0.03 -30.81
N SER D 28 -5.83 -0.65 -31.11
CA SER D 28 -4.65 0.10 -31.55
C SER D 28 -4.10 -0.39 -32.89
N ALA D 29 -4.79 -1.35 -33.50
CA ALA D 29 -4.34 -1.92 -34.78
C ALA D 29 -4.78 -1.00 -35.94
N SER D 30 -4.18 -1.22 -37.11
CA SER D 30 -4.62 -0.59 -38.37
C SER D 30 -6.00 -1.11 -38.80
N THR D 31 -6.63 -0.45 -39.78
CA THR D 31 -7.88 -1.00 -40.34
C THR D 31 -7.63 -2.31 -41.09
N ASP D 32 -6.37 -2.64 -41.32
CA ASP D 32 -5.97 -3.89 -41.98
C ASP D 32 -5.71 -5.01 -40.95
N GLY D 33 -6.00 -4.71 -39.68
CA GLY D 33 -5.89 -5.70 -38.59
C GLY D 33 -4.47 -6.01 -38.15
N MET D 34 -3.49 -5.18 -38.56
CA MET D 34 -2.09 -5.45 -38.30
C MET D 34 -1.63 -4.89 -36.93
N PRO D 35 -0.84 -5.67 -36.18
CA PRO D 35 -0.30 -5.09 -34.94
C PRO D 35 0.82 -4.12 -35.29
N ASN D 36 1.24 -3.33 -34.31
CA ASN D 36 2.36 -2.42 -34.51
C ASN D 36 3.21 -2.41 -33.25
N ASP D 37 4.18 -1.50 -33.19
CA ASP D 37 5.10 -1.44 -32.05
C ASP D 37 4.40 -1.27 -30.71
N TRP D 38 3.21 -0.66 -30.74
CA TRP D 38 2.46 -0.47 -29.51
C TRP D 38 2.07 -1.83 -28.89
N HIS D 39 1.53 -2.73 -29.71
CA HIS D 39 1.22 -4.09 -29.24
C HIS D 39 2.47 -4.86 -28.78
N ILE D 40 3.57 -4.73 -29.52
CA ILE D 40 4.77 -5.49 -29.16
C ILE D 40 5.26 -5.10 -27.75
N VAL D 41 5.37 -3.79 -27.50
CA VAL D 41 5.75 -3.30 -26.16
C VAL D 41 4.72 -3.70 -25.09
N HIS D 42 3.45 -3.45 -25.39
CA HIS D 42 2.35 -3.79 -24.47
C HIS D 42 2.43 -5.23 -23.94
N TYR D 43 2.59 -6.23 -24.83
CA TYR D 43 2.61 -7.62 -24.38
C TYR D 43 3.96 -8.01 -23.77
N ALA D 44 5.06 -7.55 -24.38
CA ALA D 44 6.42 -7.82 -23.87
C ALA D 44 6.60 -7.33 -22.42
N THR D 45 5.96 -6.21 -22.09
CA THR D 45 6.06 -5.61 -20.73
C THR D 45 5.55 -6.62 -19.66
N ARG D 46 4.44 -7.27 -19.96
CA ARG D 46 3.86 -8.23 -19.02
C ARG D 46 4.64 -9.54 -18.98
N ALA D 47 5.32 -9.88 -20.08
CA ALA D 47 6.23 -11.04 -20.09
C ALA D 47 7.42 -10.78 -19.18
N ILE D 48 8.03 -9.60 -19.37
CA ILE D 48 9.07 -9.10 -18.46
C ILE D 48 8.53 -9.09 -17.02
N GLY D 49 7.25 -8.72 -16.87
CA GLY D 49 6.61 -8.65 -15.54
C GLY D 49 6.30 -10.00 -14.89
N GLY D 50 6.67 -11.10 -15.56
CA GLY D 50 6.56 -12.42 -14.97
C GLY D 50 5.27 -13.20 -15.20
N VAL D 51 4.37 -12.69 -16.03
CA VAL D 51 3.12 -13.40 -16.31
C VAL D 51 3.40 -14.79 -16.91
N GLY D 52 2.72 -15.82 -16.38
CA GLY D 52 2.94 -17.19 -16.87
C GLY D 52 2.37 -17.41 -18.26
N LEU D 53 1.14 -16.98 -18.48
CA LEU D 53 0.46 -17.16 -19.75
C LEU D 53 -0.10 -15.82 -20.18
N ILE D 54 0.41 -15.29 -21.29
CA ILE D 54 -0.18 -14.09 -21.89
C ILE D 54 -1.22 -14.45 -22.95
N MET D 55 -2.49 -14.13 -22.68
CA MET D 55 -3.52 -14.31 -23.70
C MET D 55 -3.72 -13.03 -24.53
N GLN D 56 -3.31 -13.09 -25.79
CA GLN D 56 -3.57 -12.00 -26.73
C GLN D 56 -5.07 -11.67 -26.86
N GLU D 57 -5.39 -10.38 -26.95
CA GLU D 57 -6.75 -9.85 -27.15
C GLU D 57 -7.51 -10.54 -28.27
N ALA D 58 -8.84 -10.41 -28.26
CA ALA D 58 -9.70 -10.96 -29.32
C ALA D 58 -9.12 -10.64 -30.71
N THR D 59 -8.76 -11.69 -31.44
CA THR D 59 -8.13 -11.55 -32.78
C THR D 59 -9.10 -12.15 -33.79
N ALA D 60 -9.57 -11.33 -34.74
CA ALA D 60 -10.71 -11.68 -35.57
C ALA D 60 -10.37 -12.71 -36.66
N VAL D 61 -11.21 -13.74 -36.79
CA VAL D 61 -10.97 -14.78 -37.81
C VAL D 61 -11.49 -14.41 -39.20
N GLU D 62 -12.29 -13.34 -39.27
CA GLU D 62 -12.80 -12.76 -40.53
C GLU D 62 -12.85 -11.26 -40.27
N SER D 63 -12.74 -10.43 -41.32
CA SER D 63 -12.84 -8.98 -41.08
C SER D 63 -14.22 -8.56 -40.54
N ARG D 64 -15.30 -9.24 -40.96
CA ARG D 64 -16.65 -8.98 -40.43
C ARG D 64 -16.82 -9.47 -38.99
N GLY D 65 -15.82 -10.24 -38.51
CA GLY D 65 -15.80 -10.70 -37.13
C GLY D 65 -15.03 -9.81 -36.15
N ARG D 66 -14.56 -8.65 -36.60
CA ARG D 66 -13.97 -7.66 -35.68
C ARG D 66 -15.06 -6.95 -34.88
N ILE D 67 -14.70 -6.46 -33.69
CA ILE D 67 -15.60 -5.58 -32.94
C ILE D 67 -15.46 -4.18 -33.50
N THR D 68 -14.22 -3.74 -33.69
CA THR D 68 -13.93 -2.40 -34.24
C THR D 68 -12.91 -2.53 -35.34
N ASP D 69 -12.76 -1.49 -36.16
CA ASP D 69 -11.75 -1.55 -37.22
C ASP D 69 -10.35 -1.14 -36.73
N HIS D 70 -10.12 -1.20 -35.42
CA HIS D 70 -8.74 -1.15 -34.91
C HIS D 70 -8.39 -2.42 -34.12
N ASP D 71 -9.10 -3.52 -34.43
CA ASP D 71 -8.83 -4.80 -33.80
C ASP D 71 -7.75 -5.56 -34.55
N LEU D 72 -7.07 -6.45 -33.85
CA LEU D 72 -6.17 -7.37 -34.48
C LEU D 72 -6.93 -8.38 -35.30
N GLY D 73 -6.32 -8.82 -36.39
CA GLY D 73 -6.91 -9.88 -37.21
C GLY D 73 -5.96 -11.02 -37.50
N ILE D 74 -6.53 -12.16 -37.83
CA ILE D 74 -5.73 -13.29 -38.29
C ILE D 74 -6.49 -13.99 -39.43
N TRP D 75 -7.11 -13.17 -40.29
CA TRP D 75 -7.95 -13.69 -41.38
C TRP D 75 -7.20 -13.85 -42.71
N ASN D 76 -5.94 -13.44 -42.74
CA ASN D 76 -5.13 -13.62 -43.93
C ASN D 76 -3.67 -13.95 -43.58
N ASP D 77 -2.98 -14.57 -44.54
CA ASP D 77 -1.60 -15.00 -44.32
C ASP D 77 -0.61 -13.84 -44.09
N GLU D 78 -0.96 -12.63 -44.53
CA GLU D 78 -0.09 -11.45 -44.32
C GLU D 78 0.03 -10.99 -42.85
N GLN D 79 -1.02 -11.25 -42.06
CA GLN D 79 -1.04 -10.88 -40.64
C GLN D 79 -0.06 -11.72 -39.81
N VAL D 80 0.19 -12.96 -40.25
CA VAL D 80 1.07 -13.92 -39.55
C VAL D 80 2.46 -13.38 -39.18
N LYS D 81 3.19 -12.83 -40.16
CA LYS D 81 4.55 -12.40 -39.86
C LYS D 81 4.58 -11.21 -38.91
N GLU D 82 3.50 -10.45 -38.83
CA GLU D 82 3.46 -9.36 -37.85
C GLU D 82 3.10 -9.86 -36.44
N LEU D 83 2.09 -10.72 -36.35
CA LEU D 83 1.75 -11.36 -35.07
C LEU D 83 2.94 -12.15 -34.53
N LYS D 84 3.74 -12.74 -35.41
CA LYS D 84 4.92 -13.50 -34.97
C LYS D 84 5.91 -12.65 -34.15
N LYS D 85 5.93 -11.34 -34.39
CA LYS D 85 6.79 -10.44 -33.60
C LYS D 85 6.38 -10.39 -32.12
N ILE D 86 5.06 -10.37 -31.88
CA ILE D 86 4.52 -10.39 -30.50
C ILE D 86 4.87 -11.74 -29.84
N VAL D 87 4.56 -12.83 -30.53
CA VAL D 87 4.87 -14.18 -30.02
C VAL D 87 6.35 -14.32 -29.64
N ASP D 88 7.24 -13.91 -30.54
CA ASP D 88 8.66 -14.14 -30.34
C ASP D 88 9.20 -13.38 -29.13
N ILE D 89 8.82 -12.10 -29.00
CA ILE D 89 9.31 -11.30 -27.86
C ILE D 89 8.77 -11.80 -26.51
N CYS D 90 7.51 -12.25 -26.48
CA CYS D 90 6.93 -12.75 -25.24
C CYS D 90 7.58 -14.04 -24.78
N LYS D 91 7.78 -14.96 -25.73
CA LYS D 91 8.44 -16.22 -25.40
C LYS D 91 9.91 -16.01 -25.04
N ALA D 92 10.56 -15.05 -25.70
CA ALA D 92 11.97 -14.76 -25.39
C ALA D 92 12.08 -14.29 -23.95
N ASN D 93 11.03 -13.64 -23.47
CA ASN D 93 11.03 -13.13 -22.11
C ASN D 93 10.32 -14.01 -21.08
N GLY D 94 10.06 -15.27 -21.45
CA GLY D 94 9.67 -16.31 -20.50
C GLY D 94 8.19 -16.62 -20.36
N ALA D 95 7.35 -15.99 -21.17
CA ALA D 95 5.92 -16.25 -21.12
C ALA D 95 5.48 -17.34 -22.11
N VAL D 96 4.40 -18.04 -21.78
CA VAL D 96 3.67 -18.88 -22.74
C VAL D 96 2.69 -17.93 -23.43
N MET D 97 2.58 -18.04 -24.76
CA MET D 97 1.79 -17.08 -25.52
C MET D 97 0.52 -17.76 -26.04
N GLY D 98 -0.62 -17.16 -25.73
CA GLY D 98 -1.90 -17.63 -26.23
C GLY D 98 -2.53 -16.60 -27.16
N ILE D 99 -3.44 -17.07 -28.02
CA ILE D 99 -4.24 -16.18 -28.89
C ILE D 99 -5.71 -16.50 -28.73
N GLN D 100 -6.53 -15.46 -28.56
CA GLN D 100 -7.97 -15.64 -28.49
C GLN D 100 -8.55 -15.44 -29.90
N LEU D 101 -9.03 -16.52 -30.51
CA LEU D 101 -9.67 -16.46 -31.83
C LEU D 101 -11.10 -16.07 -31.65
N ALA D 102 -11.51 -15.03 -32.36
CA ALA D 102 -12.75 -14.33 -32.07
C ALA D 102 -13.57 -14.04 -33.32
N HIS D 103 -14.87 -13.90 -33.10
CA HIS D 103 -15.80 -13.46 -34.12
C HIS D 103 -16.95 -12.74 -33.44
N ALA D 104 -17.03 -11.44 -33.69
CA ALA D 104 -17.98 -10.53 -33.04
C ALA D 104 -19.46 -10.79 -33.32
N GLY D 105 -19.79 -11.45 -34.43
CA GLY D 105 -21.19 -11.74 -34.71
C GLY D 105 -21.97 -10.44 -34.73
N ARG D 106 -23.13 -10.44 -34.09
CA ARG D 106 -24.05 -9.27 -34.16
C ARG D 106 -23.55 -8.06 -33.36
N LYS D 107 -22.49 -8.27 -32.57
CA LYS D 107 -21.88 -7.19 -31.80
C LYS D 107 -20.73 -6.50 -32.54
N CYS D 108 -20.50 -6.88 -33.79
CA CYS D 108 -19.60 -6.11 -34.68
C CYS D 108 -20.06 -4.65 -34.77
N ASN D 109 -19.19 -3.73 -34.36
CA ASN D 109 -19.53 -2.31 -34.23
C ASN D 109 -19.04 -1.48 -35.44
N ILE D 110 -18.64 -2.16 -36.51
CA ILE D 110 -18.17 -1.49 -37.72
C ILE D 110 -19.36 -1.27 -38.68
N SER D 111 -19.73 0.00 -38.88
CA SER D 111 -20.97 0.35 -39.61
C SER D 111 -21.02 -0.21 -41.04
N TYR D 112 -19.85 -0.38 -41.67
CA TYR D 112 -19.78 -0.83 -43.07
C TYR D 112 -19.53 -2.33 -43.25
N GLU D 113 -19.35 -3.06 -42.15
CA GLU D 113 -19.11 -4.49 -42.26
C GLU D 113 -20.39 -5.29 -42.50
N ASP D 114 -20.19 -6.52 -42.96
CA ASP D 114 -21.27 -7.46 -43.15
C ASP D 114 -21.57 -8.13 -41.81
N VAL D 115 -22.42 -7.48 -41.01
CA VAL D 115 -22.75 -7.96 -39.66
C VAL D 115 -23.70 -9.17 -39.72
N VAL D 116 -23.26 -10.28 -39.13
CA VAL D 116 -24.00 -11.54 -39.19
C VAL D 116 -24.31 -12.13 -37.82
N GLY D 117 -25.37 -12.92 -37.72
CA GLY D 117 -25.68 -13.63 -36.47
C GLY D 117 -26.53 -14.86 -36.74
N PRO D 118 -26.88 -15.63 -35.69
CA PRO D 118 -27.74 -16.79 -35.90
C PRO D 118 -29.19 -16.42 -36.27
N SER D 119 -29.65 -15.26 -35.78
CA SER D 119 -31.02 -14.81 -35.95
C SER D 119 -30.99 -13.27 -36.08
N PRO D 120 -31.92 -12.70 -36.87
CA PRO D 120 -31.95 -11.26 -37.10
C PRO D 120 -32.55 -10.48 -35.93
N ILE D 121 -31.76 -10.35 -34.87
CA ILE D 121 -32.15 -9.68 -33.64
C ILE D 121 -30.93 -8.85 -33.25
N LYS D 122 -31.14 -7.56 -32.96
CA LYS D 122 -30.04 -6.68 -32.56
C LYS D 122 -29.53 -7.05 -31.17
N ALA D 123 -28.24 -6.80 -30.94
CA ALA D 123 -27.63 -6.91 -29.60
C ALA D 123 -28.08 -5.80 -28.66
N GLY D 124 -28.63 -4.74 -29.24
CA GLY D 124 -29.06 -3.54 -28.50
C GLY D 124 -29.38 -2.45 -29.52
N ASP D 125 -29.96 -1.35 -29.04
CA ASP D 125 -30.47 -0.24 -29.86
CA ASP D 125 -30.49 -0.37 -29.98
C ASP D 125 -29.43 0.42 -30.75
N ARG D 126 -28.16 0.33 -30.35
CA ARG D 126 -27.10 1.05 -31.07
C ARG D 126 -26.39 0.19 -32.11
N TYR D 127 -26.79 -1.07 -32.18
CA TYR D 127 -26.16 -2.03 -33.09
C TYR D 127 -26.95 -2.18 -34.38
N LYS D 128 -26.27 -2.67 -35.40
CA LYS D 128 -26.87 -3.01 -36.69
C LYS D 128 -27.70 -4.29 -36.55
N LEU D 129 -28.80 -4.37 -37.29
CA LEU D 129 -29.56 -5.61 -37.40
C LEU D 129 -28.68 -6.63 -38.12
N PRO D 130 -28.45 -7.79 -37.49
CA PRO D 130 -27.59 -8.77 -38.14
C PRO D 130 -28.32 -9.52 -39.24
N ARG D 131 -27.55 -9.94 -40.25
CA ARG D 131 -28.01 -10.82 -41.31
C ARG D 131 -28.06 -12.26 -40.77
N GLU D 132 -29.16 -12.96 -41.04
CA GLU D 132 -29.34 -14.34 -40.58
C GLU D 132 -28.49 -15.29 -41.43
N LEU D 133 -27.56 -15.98 -40.79
CA LEU D 133 -26.60 -16.82 -41.51
C LEU D 133 -27.30 -18.04 -42.10
N SER D 134 -26.96 -18.39 -43.35
CA SER D 134 -27.37 -19.66 -43.94
C SER D 134 -26.43 -20.76 -43.46
N VAL D 135 -26.87 -22.01 -43.58
N VAL D 135 -26.86 -22.02 -43.59
CA VAL D 135 -26.04 -23.18 -43.22
CA VAL D 135 -26.00 -23.15 -43.17
C VAL D 135 -24.70 -23.16 -43.96
C VAL D 135 -24.70 -23.22 -43.98
N GLU D 136 -24.73 -22.78 -45.24
CA GLU D 136 -23.51 -22.69 -46.03
CA GLU D 136 -23.48 -22.71 -46.00
C GLU D 136 -22.56 -21.62 -45.46
N GLU D 137 -23.13 -20.48 -45.09
CA GLU D 137 -22.32 -19.40 -44.49
C GLU D 137 -21.71 -19.84 -43.15
N ILE D 138 -22.48 -20.57 -42.35
CA ILE D 138 -21.97 -21.11 -41.08
C ILE D 138 -20.75 -21.99 -41.35
N LYS D 139 -20.86 -22.86 -42.36
CA LYS D 139 -19.75 -23.72 -42.75
C LYS D 139 -18.48 -22.94 -43.12
N SER D 140 -18.66 -21.82 -43.81
CA SER D 140 -17.54 -20.94 -44.15
CA SER D 140 -17.53 -20.93 -44.15
C SER D 140 -16.89 -20.29 -42.92
N ILE D 141 -17.71 -19.93 -41.93
CA ILE D 141 -17.15 -19.35 -40.68
C ILE D 141 -16.41 -20.44 -39.90
N VAL D 142 -16.98 -21.64 -39.83
CA VAL D 142 -16.26 -22.79 -39.27
C VAL D 142 -14.89 -22.94 -39.93
N LYS D 143 -14.86 -22.87 -41.26
CA LYS D 143 -13.61 -22.97 -42.03
C LYS D 143 -12.62 -21.86 -41.66
N ALA D 144 -13.13 -20.64 -41.48
CA ALA D 144 -12.33 -19.47 -41.10
C ALA D 144 -11.60 -19.69 -39.75
N PHE D 145 -12.30 -20.25 -38.77
CA PHE D 145 -11.68 -20.59 -37.48
C PHE D 145 -10.55 -21.60 -37.68
N GLY D 146 -10.78 -22.61 -38.52
CA GLY D 146 -9.74 -23.59 -38.84
C GLY D 146 -8.50 -22.96 -39.47
N GLU D 147 -8.74 -22.08 -40.44
CA GLU D 147 -7.64 -21.38 -41.12
C GLU D 147 -6.91 -20.47 -40.14
N ALA D 148 -7.66 -19.82 -39.26
CA ALA D 148 -7.08 -18.99 -38.19
C ALA D 148 -6.15 -19.82 -37.27
N ALA D 149 -6.60 -21.01 -36.87
CA ALA D 149 -5.79 -21.88 -36.02
C ALA D 149 -4.50 -22.32 -36.74
N LYS D 150 -4.61 -22.62 -38.04
CA LYS D 150 -3.42 -22.93 -38.86
C LYS D 150 -2.41 -21.76 -38.86
N ARG D 151 -2.94 -20.54 -39.00
CA ARG D 151 -2.12 -19.33 -39.00
C ARG D 151 -1.48 -19.08 -37.62
N ALA D 152 -2.24 -19.38 -36.57
CA ALA D 152 -1.75 -19.20 -35.20
C ALA D 152 -0.60 -20.14 -34.93
N ASN D 153 -0.70 -21.36 -35.45
CA ASN D 153 0.35 -22.33 -35.27
C ASN D 153 1.61 -21.87 -35.99
N LEU D 154 1.48 -21.34 -37.22
CA LEU D 154 2.62 -20.80 -37.96
C LEU D 154 3.30 -19.61 -37.30
N ALA D 155 2.51 -18.74 -36.66
CA ALA D 155 3.03 -17.62 -35.90
C ALA D 155 3.78 -18.05 -34.64
N GLY D 156 3.49 -19.27 -34.18
CA GLY D 156 4.18 -19.87 -33.06
C GLY D 156 3.46 -19.78 -31.71
N TYR D 157 2.17 -19.39 -31.71
CA TYR D 157 1.40 -19.41 -30.44
C TYR D 157 1.43 -20.81 -29.79
N ASP D 158 1.49 -20.84 -28.44
CA ASP D 158 1.47 -22.08 -27.66
C ASP D 158 0.06 -22.63 -27.37
N VAL D 159 -0.92 -21.73 -27.29
CA VAL D 159 -2.27 -22.05 -26.82
C VAL D 159 -3.23 -21.29 -27.70
N VAL D 160 -4.33 -21.94 -28.09
CA VAL D 160 -5.40 -21.24 -28.78
C VAL D 160 -6.61 -21.21 -27.87
N GLU D 161 -7.28 -20.07 -27.81
CA GLU D 161 -8.54 -19.97 -27.10
C GLU D 161 -9.66 -19.56 -28.07
N ILE D 162 -10.78 -20.27 -27.98
CA ILE D 162 -11.95 -19.99 -28.80
C ILE D 162 -12.84 -19.07 -27.98
N HIS D 163 -13.15 -17.89 -28.52
CA HIS D 163 -13.98 -16.93 -27.80
C HIS D 163 -15.44 -17.25 -27.96
N ALA D 164 -15.99 -17.95 -26.97
CA ALA D 164 -17.40 -18.36 -27.03
C ALA D 164 -18.25 -17.56 -26.03
N ALA D 165 -17.76 -16.38 -25.65
CA ALA D 165 -18.39 -15.60 -24.59
C ALA D 165 -18.77 -14.17 -25.03
N HIS D 166 -19.20 -13.38 -24.05
CA HIS D 166 -19.33 -11.93 -24.14
C HIS D 166 -20.27 -11.43 -25.22
N GLY D 167 -21.24 -12.28 -25.58
CA GLY D 167 -22.31 -11.90 -26.49
C GLY D 167 -21.94 -11.94 -27.98
N TYR D 168 -20.77 -12.48 -28.31
CA TYR D 168 -20.28 -12.52 -29.68
C TYR D 168 -20.82 -13.75 -30.41
N LEU D 169 -20.29 -14.08 -31.59
CA LEU D 169 -20.99 -15.02 -32.51
C LEU D 169 -21.36 -16.36 -31.89
N ILE D 170 -20.36 -17.06 -31.33
CA ILE D 170 -20.66 -18.38 -30.77
C ILE D 170 -21.67 -18.33 -29.61
N HIS D 171 -21.48 -17.38 -28.69
CA HIS D 171 -22.41 -17.15 -27.57
C HIS D 171 -23.84 -16.94 -28.13
N GLU D 172 -23.94 -16.17 -29.22
CA GLU D 172 -25.24 -15.92 -29.86
C GLU D 172 -25.94 -17.23 -30.27
N PHE D 173 -25.19 -18.21 -30.76
CA PHE D 173 -25.74 -19.54 -31.10
C PHE D 173 -26.13 -20.34 -29.84
N LEU D 174 -25.33 -20.15 -28.78
CA LEU D 174 -25.53 -20.89 -27.52
C LEU D 174 -26.75 -20.46 -26.73
N SER D 175 -27.10 -19.18 -26.76
CA SER D 175 -28.19 -18.68 -25.93
C SER D 175 -29.55 -18.73 -26.63
N PRO D 176 -30.57 -19.29 -25.97
CA PRO D 176 -31.93 -19.26 -26.52
C PRO D 176 -32.46 -17.84 -26.72
N LEU D 177 -31.88 -16.86 -26.02
CA LEU D 177 -32.35 -15.46 -26.11
C LEU D 177 -31.98 -14.81 -27.46
N SER D 178 -30.92 -15.30 -28.08
CA SER D 178 -30.42 -14.76 -29.36
C SER D 178 -30.51 -15.75 -30.52
N ASN D 179 -30.75 -17.02 -30.22
CA ASN D 179 -30.83 -18.07 -31.26
C ASN D 179 -32.27 -18.58 -31.37
N LYS D 180 -32.97 -18.10 -32.41
CA LYS D 180 -34.36 -18.50 -32.64
C LYS D 180 -34.50 -19.41 -33.86
N ARG D 181 -33.38 -20.01 -34.29
CA ARG D 181 -33.36 -20.81 -35.51
C ARG D 181 -34.17 -22.09 -35.33
N LYS D 182 -34.66 -22.62 -36.45
CA LYS D 182 -35.47 -23.83 -36.43
C LYS D 182 -34.86 -24.94 -37.28
N ASP D 183 -33.62 -24.71 -37.72
CA ASP D 183 -32.86 -25.73 -38.44
C ASP D 183 -31.95 -26.46 -37.46
N GLU D 184 -30.95 -27.15 -37.98
CA GLU D 184 -30.09 -28.01 -37.17
C GLU D 184 -29.16 -27.21 -36.24
N TYR D 185 -29.22 -25.88 -36.32
CA TYR D 185 -28.41 -25.03 -35.41
C TYR D 185 -29.21 -24.34 -34.31
N GLY D 186 -30.50 -24.66 -34.22
CA GLY D 186 -31.36 -24.08 -33.19
C GLY D 186 -32.40 -25.04 -32.63
N ASN D 187 -33.10 -24.61 -31.59
CA ASN D 187 -34.33 -25.27 -31.08
C ASN D 187 -34.18 -26.56 -30.26
N SER D 188 -32.97 -26.85 -29.81
CA SER D 188 -32.70 -27.87 -28.79
C SER D 188 -31.30 -27.58 -28.32
N ILE D 189 -30.96 -28.04 -27.12
CA ILE D 189 -29.62 -27.80 -26.58
C ILE D 189 -28.50 -28.41 -27.46
N GLU D 190 -28.71 -29.61 -28.01
N GLU D 190 -28.73 -29.60 -28.00
CA GLU D 190 -27.69 -30.20 -28.89
CA GLU D 190 -27.77 -30.23 -28.89
C GLU D 190 -27.52 -29.38 -30.17
C GLU D 190 -27.53 -29.40 -30.15
N ASN D 191 -28.62 -28.86 -30.70
CA ASN D 191 -28.52 -28.02 -31.90
C ASN D 191 -27.86 -26.67 -31.62
N ARG D 192 -28.18 -26.07 -30.48
CA ARG D 192 -27.54 -24.79 -30.13
C ARG D 192 -26.04 -24.91 -29.90
N ALA D 193 -25.59 -26.08 -29.43
CA ALA D 193 -24.15 -26.34 -29.27
C ALA D 193 -23.43 -26.67 -30.57
N ARG D 194 -24.17 -26.92 -31.65
CA ARG D 194 -23.59 -27.46 -32.88
C ARG D 194 -22.47 -26.60 -33.44
N PHE D 195 -22.70 -25.28 -33.50
CA PHE D 195 -21.70 -24.37 -34.05
C PHE D 195 -20.41 -24.42 -33.21
N LEU D 196 -20.54 -24.34 -31.88
CA LEU D 196 -19.35 -24.43 -31.02
C LEU D 196 -18.56 -25.74 -31.24
N ILE D 197 -19.29 -26.84 -31.30
CA ILE D 197 -18.67 -28.15 -31.50
C ILE D 197 -17.96 -28.23 -32.86
N GLU D 198 -18.60 -27.71 -33.90
CA GLU D 198 -18.00 -27.69 -35.23
C GLU D 198 -16.73 -26.84 -35.28
N VAL D 199 -16.76 -25.68 -34.61
CA VAL D 199 -15.58 -24.80 -34.53
C VAL D 199 -14.44 -25.53 -33.83
N ILE D 200 -14.74 -26.17 -32.70
CA ILE D 200 -13.71 -26.89 -31.96
C ILE D 200 -13.11 -28.00 -32.85
N ASP D 201 -13.95 -28.76 -33.55
CA ASP D 201 -13.45 -29.86 -34.39
C ASP D 201 -12.55 -29.34 -35.52
N GLU D 202 -12.96 -28.22 -36.10
CA GLU D 202 -12.19 -27.61 -37.17
C GLU D 202 -10.85 -27.03 -36.71
N VAL D 203 -10.87 -26.34 -35.56
CA VAL D 203 -9.62 -25.92 -34.90
C VAL D 203 -8.67 -27.10 -34.65
N ARG D 204 -9.19 -28.22 -34.10
CA ARG D 204 -8.36 -29.41 -33.82
CA ARG D 204 -8.32 -29.37 -33.81
C ARG D 204 -7.71 -30.00 -35.08
N LYS D 205 -8.39 -29.86 -36.21
CA LYS D 205 -7.86 -30.36 -37.48
C LYS D 205 -6.62 -29.56 -37.89
N ASN D 206 -6.51 -28.34 -37.36
CA ASN D 206 -5.50 -27.36 -37.79
C ASN D 206 -4.54 -26.97 -36.67
N TRP D 207 -4.65 -27.64 -35.53
CA TRP D 207 -3.89 -27.28 -34.32
C TRP D 207 -3.23 -28.56 -33.80
N PRO D 208 -1.89 -28.52 -33.59
CA PRO D 208 -1.16 -29.73 -33.17
C PRO D 208 -1.73 -30.36 -31.90
N GLU D 209 -1.80 -31.69 -31.88
CA GLU D 209 -2.45 -32.42 -30.78
C GLU D 209 -1.79 -32.16 -29.44
N ASN D 210 -0.54 -31.73 -29.47
CA ASN D 210 0.24 -31.54 -28.27
C ASN D 210 0.20 -30.11 -27.71
N LYS D 211 -0.60 -29.24 -28.34
CA LYS D 211 -0.84 -27.89 -27.81
C LYS D 211 -2.28 -27.78 -27.30
N PRO D 212 -2.48 -27.09 -26.15
CA PRO D 212 -3.80 -26.96 -25.51
C PRO D 212 -4.79 -26.12 -26.34
N ILE D 213 -6.07 -26.43 -26.19
CA ILE D 213 -7.15 -25.54 -26.64
C ILE D 213 -7.93 -25.07 -25.41
N PHE D 214 -8.09 -23.77 -25.26
CA PHE D 214 -8.99 -23.24 -24.23
C PHE D 214 -10.29 -22.77 -24.91
N VAL D 215 -11.36 -22.68 -24.12
CA VAL D 215 -12.59 -22.03 -24.55
C VAL D 215 -13.03 -21.05 -23.48
N ARG D 216 -13.26 -19.80 -23.89
CA ARG D 216 -13.85 -18.82 -22.98
C ARG D 216 -15.37 -18.82 -23.12
N VAL D 217 -16.08 -18.93 -22.00
CA VAL D 217 -17.56 -18.99 -22.02
C VAL D 217 -18.19 -17.89 -21.14
N SER D 218 -19.45 -17.56 -21.44
CA SER D 218 -20.25 -16.75 -20.55
C SER D 218 -21.20 -17.71 -19.84
N ALA D 219 -20.98 -17.92 -18.54
CA ALA D 219 -21.68 -18.96 -17.78
C ALA D 219 -23.08 -18.53 -17.31
N ASP D 220 -23.42 -17.25 -17.52
CA ASP D 220 -24.72 -16.72 -17.13
C ASP D 220 -25.04 -15.50 -18.02
N ASP D 221 -26.28 -15.44 -18.51
CA ASP D 221 -26.81 -14.27 -19.24
C ASP D 221 -27.52 -13.33 -18.27
N TYR D 222 -27.75 -13.80 -17.04
CA TYR D 222 -28.45 -13.02 -16.01
C TYR D 222 -29.86 -12.61 -16.43
N MET D 223 -30.56 -13.49 -17.14
CA MET D 223 -31.88 -13.20 -17.68
C MET D 223 -32.65 -14.49 -17.79
N GLU D 224 -33.92 -14.46 -17.40
CA GLU D 224 -34.78 -15.63 -17.52
C GLU D 224 -34.79 -16.13 -18.96
N GLY D 225 -34.61 -17.43 -19.14
CA GLY D 225 -34.68 -18.03 -20.47
C GLY D 225 -33.33 -18.09 -21.18
N GLY D 226 -32.30 -17.46 -20.61
CA GLY D 226 -30.97 -17.49 -21.22
C GLY D 226 -30.07 -18.57 -20.64
N ILE D 227 -28.78 -18.48 -20.92
CA ILE D 227 -27.79 -19.37 -20.31
C ILE D 227 -27.74 -19.14 -18.79
N ASN D 228 -27.67 -20.23 -18.04
CA ASN D 228 -27.39 -20.19 -16.61
C ASN D 228 -26.37 -21.28 -16.31
N ILE D 229 -25.92 -21.40 -15.08
CA ILE D 229 -24.86 -22.37 -14.81
C ILE D 229 -25.26 -23.82 -15.18
N ASP D 230 -26.52 -24.20 -14.96
CA ASP D 230 -26.94 -25.57 -15.34
C ASP D 230 -26.81 -25.80 -16.84
N MET D 231 -27.24 -24.83 -17.64
CA MET D 231 -27.09 -24.95 -19.08
C MET D 231 -25.61 -25.01 -19.52
N MET D 232 -24.77 -24.19 -18.90
CA MET D 232 -23.35 -24.17 -19.30
C MET D 232 -22.66 -25.48 -18.93
N VAL D 233 -23.01 -26.06 -17.80
CA VAL D 233 -22.52 -27.39 -17.44
C VAL D 233 -22.86 -28.41 -18.54
N GLU D 234 -24.10 -28.39 -19.04
CA GLU D 234 -24.49 -29.26 -20.16
C GLU D 234 -23.59 -29.01 -21.41
N TYR D 235 -23.38 -27.74 -21.78
CA TYR D 235 -22.52 -27.44 -22.92
C TYR D 235 -21.09 -27.92 -22.70
N ILE D 236 -20.53 -27.68 -21.50
CA ILE D 236 -19.14 -28.07 -21.26
C ILE D 236 -19.03 -29.59 -21.30
N ASN D 237 -20.06 -30.29 -20.83
CA ASN D 237 -20.06 -31.77 -20.88
C ASN D 237 -19.94 -32.29 -22.33
N MET D 238 -20.47 -31.52 -23.28
CA MET D 238 -20.40 -31.90 -24.69
C MET D 238 -19.01 -31.72 -25.30
N ILE D 239 -18.20 -30.84 -24.72
CA ILE D 239 -16.91 -30.50 -25.32
C ILE D 239 -15.68 -30.87 -24.50
N LYS D 240 -15.88 -31.33 -23.28
CA LYS D 240 -14.76 -31.51 -22.33
CA LYS D 240 -14.75 -31.50 -22.35
C LYS D 240 -13.71 -32.52 -22.79
N ASP D 241 -14.09 -33.48 -23.62
CA ASP D 241 -13.15 -34.48 -24.10
C ASP D 241 -12.28 -33.94 -25.25
N LYS D 242 -12.58 -32.73 -25.70
CA LYS D 242 -11.89 -32.14 -26.84
C LYS D 242 -11.12 -30.85 -26.51
N VAL D 243 -11.34 -30.27 -25.33
CA VAL D 243 -10.62 -29.04 -24.94
C VAL D 243 -9.99 -29.24 -23.57
N ASP D 244 -9.07 -28.35 -23.21
CA ASP D 244 -8.17 -28.56 -22.09
C ASP D 244 -8.48 -27.70 -20.87
N LEU D 245 -9.08 -26.54 -21.09
CA LEU D 245 -9.39 -25.64 -19.98
C LEU D 245 -10.54 -24.71 -20.36
N ILE D 246 -11.45 -24.44 -19.42
CA ILE D 246 -12.54 -23.51 -19.66
C ILE D 246 -12.21 -22.21 -18.93
N ASP D 247 -12.09 -21.13 -19.70
CA ASP D 247 -11.84 -19.78 -19.20
C ASP D 247 -13.22 -19.17 -18.87
N VAL D 248 -13.56 -19.04 -17.59
CA VAL D 248 -14.94 -18.79 -17.21
C VAL D 248 -15.27 -17.32 -16.97
N SER D 249 -16.18 -16.79 -17.81
CA SER D 249 -16.65 -15.42 -17.68
C SER D 249 -18.18 -15.44 -17.66
N SER D 250 -18.80 -14.29 -17.92
CA SER D 250 -20.27 -14.19 -17.92
C SER D 250 -20.71 -12.94 -18.67
N GLY D 251 -22.00 -12.87 -18.94
CA GLY D 251 -22.64 -11.66 -19.49
C GLY D 251 -22.28 -11.36 -20.94
N GLY D 252 -22.76 -10.21 -21.42
CA GLY D 252 -22.39 -9.70 -22.72
C GLY D 252 -23.43 -9.83 -23.84
N LEU D 253 -24.41 -10.73 -23.68
CA LEU D 253 -25.36 -11.00 -24.78
C LEU D 253 -26.31 -9.81 -25.02
N LEU D 254 -26.88 -9.34 -23.92
CA LEU D 254 -27.80 -8.21 -23.89
C LEU D 254 -27.48 -7.40 -22.63
N ASN D 255 -27.77 -6.10 -22.68
CA ASN D 255 -27.59 -5.22 -21.51
C ASN D 255 -28.39 -5.66 -20.30
N VAL D 256 -27.69 -5.87 -19.18
CA VAL D 256 -28.30 -6.28 -17.91
CA VAL D 256 -28.30 -6.27 -17.91
C VAL D 256 -27.50 -5.69 -16.74
N ASP D 257 -28.20 -5.38 -15.65
CA ASP D 257 -27.53 -4.93 -14.43
C ASP D 257 -26.94 -6.15 -13.72
N ILE D 258 -25.64 -6.11 -13.52
CA ILE D 258 -24.91 -7.21 -12.87
C ILE D 258 -24.32 -6.60 -11.60
N ASN D 259 -24.48 -7.30 -10.49
CA ASN D 259 -23.85 -6.94 -9.23
C ASN D 259 -22.34 -7.23 -9.29
N LEU D 260 -21.51 -6.20 -9.20
CA LEU D 260 -20.06 -6.36 -9.38
C LEU D 260 -19.29 -6.26 -8.06
N TYR D 261 -18.37 -7.19 -7.87
CA TYR D 261 -17.56 -7.24 -6.64
C TYR D 261 -16.40 -8.19 -6.90
N PRO D 262 -15.34 -8.15 -6.06
CA PRO D 262 -14.19 -9.04 -6.25
C PRO D 262 -14.60 -10.50 -6.32
N GLY D 263 -14.22 -11.18 -7.39
CA GLY D 263 -14.51 -12.60 -7.52
C GLY D 263 -15.93 -12.95 -7.92
N TYR D 264 -16.64 -12.00 -8.56
CA TYR D 264 -18.06 -12.21 -8.87
C TYR D 264 -18.30 -13.30 -9.90
N GLN D 265 -17.25 -13.76 -10.58
CA GLN D 265 -17.36 -14.90 -11.53
C GLN D 265 -16.67 -16.16 -11.05
N VAL D 266 -16.11 -16.11 -9.85
CA VAL D 266 -15.39 -17.26 -9.31
C VAL D 266 -16.27 -18.48 -9.03
N LYS D 267 -17.49 -18.29 -8.55
CA LYS D 267 -18.38 -19.43 -8.27
CA LYS D 267 -18.34 -19.44 -8.26
C LYS D 267 -18.64 -20.24 -9.53
N TYR D 268 -18.81 -19.55 -10.65
CA TYR D 268 -19.03 -20.26 -11.90
C TYR D 268 -17.78 -21.08 -12.27
N ALA D 269 -16.59 -20.53 -12.07
CA ALA D 269 -15.34 -21.26 -12.37
C ALA D 269 -15.22 -22.52 -11.50
N GLU D 270 -15.57 -22.40 -10.22
CA GLU D 270 -15.47 -23.54 -9.31
C GLU D 270 -16.52 -24.61 -9.66
N THR D 271 -17.72 -24.15 -9.98
CA THR D 271 -18.82 -25.06 -10.30
C THR D 271 -18.54 -25.88 -11.57
N ILE D 272 -18.09 -25.21 -12.63
CA ILE D 272 -17.70 -25.92 -13.84
C ILE D 272 -16.57 -26.89 -13.57
N LYS D 273 -15.56 -26.43 -12.82
CA LYS D 273 -14.40 -27.28 -12.51
C LYS D 273 -14.83 -28.58 -11.84
N LYS D 274 -15.72 -28.48 -10.85
CA LYS D 274 -16.15 -29.64 -10.07
C LYS D 274 -17.21 -30.50 -10.78
N ARG D 275 -18.21 -29.85 -11.39
CA ARG D 275 -19.28 -30.59 -12.05
C ARG D 275 -18.88 -31.26 -13.36
N CYS D 276 -17.93 -30.67 -14.10
CA CYS D 276 -17.52 -31.20 -15.40
C CYS D 276 -16.15 -31.89 -15.34
N ASN D 277 -15.50 -31.80 -14.19
CA ASN D 277 -14.16 -32.37 -14.01
C ASN D 277 -13.18 -31.89 -15.10
N ILE D 278 -13.05 -30.57 -15.20
CA ILE D 278 -12.20 -29.95 -16.21
C ILE D 278 -11.45 -28.79 -15.54
N LYS D 279 -10.27 -28.48 -16.05
CA LYS D 279 -9.53 -27.31 -15.55
C LYS D 279 -10.28 -26.04 -15.92
N THR D 280 -10.21 -25.04 -15.04
CA THR D 280 -10.83 -23.75 -15.31
C THR D 280 -9.89 -22.61 -14.93
N SER D 281 -10.16 -21.43 -15.49
CA SER D 281 -9.52 -20.21 -15.05
CA SER D 281 -9.53 -20.20 -15.06
C SER D 281 -10.60 -19.24 -14.53
N ALA D 282 -10.25 -18.47 -13.52
CA ALA D 282 -11.19 -17.54 -12.88
C ALA D 282 -10.78 -16.13 -13.24
N VAL D 283 -11.74 -15.24 -13.40
CA VAL D 283 -11.43 -13.86 -13.78
C VAL D 283 -12.57 -12.98 -13.29
N GLY D 284 -12.21 -11.75 -12.92
CA GLY D 284 -13.20 -10.71 -12.68
C GLY D 284 -12.97 -10.02 -11.36
N LEU D 285 -12.37 -8.82 -11.44
CA LEU D 285 -12.17 -7.96 -10.26
C LEU D 285 -11.24 -8.54 -9.19
N ILE D 286 -10.33 -9.41 -9.64
CA ILE D 286 -9.30 -9.93 -8.76
C ILE D 286 -8.09 -9.03 -8.91
N THR D 287 -7.64 -8.43 -7.81
CA THR D 287 -6.46 -7.54 -7.87
C THR D 287 -5.32 -7.84 -6.88
N THR D 288 -5.61 -8.65 -5.85
CA THR D 288 -4.66 -8.85 -4.75
C THR D 288 -4.07 -10.24 -4.78
N GLN D 289 -2.82 -10.35 -4.33
CA GLN D 289 -2.18 -11.63 -4.18
C GLN D 289 -3.01 -12.48 -3.22
N GLU D 290 -3.58 -11.84 -2.22
CA GLU D 290 -4.37 -12.56 -1.21
C GLU D 290 -5.57 -13.32 -1.81
N LEU D 291 -6.38 -12.62 -2.61
CA LEU D 291 -7.53 -13.27 -3.24
C LEU D 291 -7.07 -14.34 -4.24
N ALA D 292 -6.02 -14.03 -5.01
CA ALA D 292 -5.51 -15.00 -6.01
C ALA D 292 -5.08 -16.29 -5.32
N GLU D 293 -4.37 -16.14 -4.20
CA GLU D 293 -3.95 -17.30 -3.42
C GLU D 293 -5.15 -18.08 -2.85
N GLU D 294 -6.16 -17.37 -2.34
CA GLU D 294 -7.36 -18.07 -1.81
C GLU D 294 -8.03 -18.92 -2.88
N ILE D 295 -8.20 -18.35 -4.07
CA ILE D 295 -8.83 -19.01 -5.20
C ILE D 295 -8.10 -20.31 -5.57
N LEU D 296 -6.79 -20.23 -5.72
CA LEU D 296 -6.01 -21.39 -6.10
C LEU D 296 -5.92 -22.43 -4.98
N SER D 297 -5.70 -21.98 -3.76
CA SER D 297 -5.53 -22.90 -2.62
C SER D 297 -6.80 -23.62 -2.25
N ASN D 298 -7.94 -22.94 -2.39
CA ASN D 298 -9.23 -23.57 -2.14
C ASN D 298 -9.73 -24.37 -3.35
N GLU D 299 -8.87 -24.48 -4.37
N GLU D 299 -8.87 -24.48 -4.37
CA GLU D 299 -9.10 -25.25 -5.60
CA GLU D 299 -9.13 -25.26 -5.59
C GLU D 299 -10.37 -24.81 -6.33
C GLU D 299 -10.40 -24.81 -6.31
N ARG D 300 -10.56 -23.51 -6.42
CA ARG D 300 -11.74 -22.98 -7.09
CA ARG D 300 -11.72 -22.93 -7.08
C ARG D 300 -11.47 -22.78 -8.59
N ALA D 301 -10.19 -22.79 -8.97
CA ALA D 301 -9.74 -22.69 -10.37
C ALA D 301 -8.28 -23.14 -10.45
N ASP D 302 -7.80 -23.41 -11.66
CA ASP D 302 -6.42 -23.85 -11.89
C ASP D 302 -5.50 -22.67 -12.26
N LEU D 303 -6.10 -21.65 -12.86
CA LEU D 303 -5.40 -20.43 -13.25
C LEU D 303 -6.20 -19.24 -12.74
N VAL D 304 -5.51 -18.18 -12.39
CA VAL D 304 -6.13 -16.90 -12.09
C VAL D 304 -5.78 -15.92 -13.19
N ALA D 305 -6.80 -15.36 -13.81
CA ALA D 305 -6.61 -14.36 -14.88
C ALA D 305 -6.79 -12.94 -14.33
N LEU D 306 -5.87 -12.05 -14.67
CA LEU D 306 -5.94 -10.66 -14.27
C LEU D 306 -6.06 -9.82 -15.55
N GLY D 307 -7.03 -8.92 -15.58
CA GLY D 307 -7.15 -8.00 -16.70
C GLY D 307 -6.67 -6.61 -16.31
N ARG D 308 -7.59 -5.81 -15.79
CA ARG D 308 -7.30 -4.42 -15.52
C ARG D 308 -6.11 -4.23 -14.57
N GLU D 309 -5.95 -5.13 -13.60
CA GLU D 309 -4.79 -5.01 -12.70
C GLU D 309 -3.46 -5.03 -13.44
N LEU D 310 -3.35 -5.82 -14.51
CA LEU D 310 -2.09 -5.92 -15.27
C LEU D 310 -1.92 -4.74 -16.23
N LEU D 311 -3.00 -4.01 -16.50
CA LEU D 311 -2.90 -2.78 -17.28
C LEU D 311 -2.25 -1.71 -16.43
N ARG D 312 -2.71 -1.55 -15.19
CA ARG D 312 -2.17 -0.51 -14.29
C ARG D 312 -0.88 -0.93 -13.56
N ASN D 313 -0.66 -2.23 -13.43
CA ASN D 313 0.43 -2.76 -12.57
C ASN D 313 1.06 -3.96 -13.30
N PRO D 314 1.82 -3.69 -14.39
CA PRO D 314 2.31 -4.73 -15.27
C PRO D 314 3.26 -5.72 -14.59
N TYR D 315 3.93 -5.32 -13.49
CA TYR D 315 4.94 -6.17 -12.83
C TYR D 315 4.37 -6.82 -11.55
N TRP D 316 3.04 -6.91 -11.49
CA TRP D 316 2.34 -7.57 -10.36
C TRP D 316 2.97 -8.89 -9.94
N VAL D 317 3.29 -9.78 -10.89
CA VAL D 317 3.89 -11.06 -10.56
C VAL D 317 5.28 -10.89 -9.91
N LEU D 318 6.11 -10.00 -10.45
CA LEU D 318 7.45 -9.80 -9.87
C LEU D 318 7.35 -9.41 -8.40
N HIS D 319 6.34 -8.61 -8.08
CA HIS D 319 6.16 -8.11 -6.72
C HIS D 319 5.83 -9.22 -5.74
N THR D 320 5.39 -10.37 -6.24
CA THR D 320 5.07 -11.53 -5.40
C THR D 320 6.32 -12.40 -5.11
N TYR D 321 7.40 -12.23 -5.86
CA TYR D 321 8.60 -13.06 -5.68
C TYR D 321 9.31 -12.78 -4.36
N THR D 322 9.88 -13.84 -3.78
CA THR D 322 10.50 -13.74 -2.46
C THR D 322 12.02 -13.64 -2.50
N SER D 323 12.59 -13.64 -3.71
CA SER D 323 14.04 -13.62 -3.88
C SER D 323 14.48 -12.79 -5.08
N LYS D 324 15.64 -12.14 -4.98
CA LYS D 324 16.17 -11.35 -6.11
C LYS D 324 16.48 -12.19 -7.37
N GLU D 325 16.85 -13.47 -7.22
CA GLU D 325 17.16 -14.30 -8.39
C GLU D 325 15.95 -14.70 -9.23
N ASP D 326 14.76 -14.46 -8.69
CA ASP D 326 13.50 -14.64 -9.43
C ASP D 326 13.26 -13.49 -10.44
N TRP D 327 13.90 -12.34 -10.21
CA TRP D 327 13.70 -11.14 -11.04
C TRP D 327 14.50 -11.23 -12.34
N PRO D 328 14.07 -10.50 -13.40
CA PRO D 328 14.94 -10.38 -14.58
C PRO D 328 16.30 -9.93 -14.11
N LYS D 329 17.37 -10.45 -14.71
CA LYS D 329 18.72 -10.15 -14.23
C LYS D 329 18.99 -8.63 -14.24
N GLN D 330 18.50 -7.95 -15.26
CA GLN D 330 18.72 -6.52 -15.42
C GLN D 330 18.15 -5.69 -14.25
N TYR D 331 17.14 -6.26 -13.57
CA TYR D 331 16.41 -5.54 -12.53
C TYR D 331 16.69 -6.04 -11.11
N GLU D 332 17.64 -6.95 -10.97
CA GLU D 332 17.94 -7.58 -9.69
C GLU D 332 18.25 -6.57 -8.56
N ARG D 333 18.96 -5.47 -8.88
CA ARG D 333 19.25 -4.43 -7.86
C ARG D 333 17.99 -3.76 -7.30
N ALA D 334 16.85 -3.95 -7.96
CA ALA D 334 15.60 -3.29 -7.56
C ALA D 334 14.75 -4.13 -6.60
N PHE D 335 15.16 -5.39 -6.37
CA PHE D 335 14.39 -6.26 -5.48
C PHE D 335 14.37 -5.65 -4.07
N LYS D 336 13.19 -5.59 -3.46
CA LYS D 336 13.04 -4.93 -2.16
C LYS D 336 12.31 -5.78 -1.12
N1 FMN E . -1.81 22.54 16.78
C2 FMN E . -1.48 22.93 18.04
O2 FMN E . -0.36 23.45 18.28
N3 FMN E . -2.34 22.70 19.06
C4 FMN E . -3.54 22.11 18.87
O4 FMN E . -4.27 21.87 19.85
C4A FMN E . -3.92 21.74 17.57
N5 FMN E . -5.14 21.19 17.30
C5A FMN E . -5.38 20.66 16.07
C6 FMN E . -6.55 19.92 15.86
C7 FMN E . -6.77 19.30 14.62
C7M FMN E . -8.06 18.50 14.50
C8 FMN E . -5.84 19.42 13.59
C8M FMN E . -6.07 18.77 12.23
C9 FMN E . -4.69 20.18 13.79
C9A FMN E . -4.43 20.79 15.04
N10 FMN E . -3.30 21.53 15.25
C10 FMN E . -3.01 21.95 16.52
C1' FMN E . -2.18 21.39 14.32
C2' FMN E . -1.41 20.05 14.33
O2' FMN E . -0.78 19.82 15.58
C3' FMN E . -0.35 19.97 13.22
O3' FMN E . 0.68 20.95 13.48
C4' FMN E . -0.87 20.20 11.79
O4' FMN E . -2.12 19.50 11.59
C5' FMN E . 0.18 19.81 10.74
O5' FMN E . 0.62 18.47 10.93
P FMN E . -0.05 17.20 10.18
O1P FMN E . -1.48 17.04 10.66
O2P FMN E . -0.01 17.58 8.70
O3P FMN E . 0.80 16.04 10.57
O7N TXD F . -3.20 25.34 17.53
C7N TXD F . -4.45 24.93 17.62
N7N TXD F . -5.02 24.81 18.76
C3N TXD F . -5.21 24.63 16.37
C2N TXD F . -4.57 24.80 15.14
C4N TXD F . -6.61 24.46 16.40
C5N TXD F . -7.34 24.46 15.13
C6N TXD F . -6.47 24.00 14.05
N1N TXD F . -5.19 24.46 14.00
C1'A TXD F . -4.55 24.87 12.73
O4'A TXD F . -5.09 26.09 12.23
C2'A TXD F . -4.72 23.85 11.61
O2'A TXD F . -3.63 22.94 11.63
C3'A TXD F . -4.69 24.70 10.35
O3'A TXD F . -3.36 24.84 9.85
C4'A TXD F . -5.09 26.10 10.79
C5'A TXD F . -6.47 26.46 10.26
O5'A TXD F . -7.32 25.37 10.59
PN TXD F . -8.90 25.38 10.31
O1N TXD F . -9.41 23.96 10.45
O2N TXD F . -9.51 26.45 11.17
O3 TXD F . -8.98 25.83 8.77
PA TXD F . -8.32 24.95 7.59
O2P TXD F . -8.01 23.57 8.11
O1P TXD F . -7.25 25.76 6.92
O5' TXD F . -9.57 24.85 6.58
C1' TXD F . -5.07 28.28 7.24
N9A TXD F . -3.74 28.03 7.88
C4A TXD F . -2.94 26.99 7.61
N3A TXD F . -3.06 25.94 6.75
C2A TXD F . -2.09 25.01 6.68
N1A TXD F . -0.98 25.10 7.43
C6A TXD F . -0.80 26.12 8.30
N6A TXD F . 0.33 26.16 9.06
C5A TXD F . -1.80 27.10 8.41
N7A TXD F . -1.96 28.22 9.15
C8A TXD F . -3.14 28.79 8.82
N1 FMN G . -9.94 -17.94 19.31
C2 FMN G . -11.01 -18.04 20.13
O2 FMN G . -12.06 -18.62 19.73
N3 FMN G . -10.97 -17.49 21.38
C4 FMN G . -9.87 -16.82 21.85
O4 FMN G . -9.90 -16.31 23.02
C4A FMN G . -8.74 -16.76 21.03
N5 FMN G . -7.60 -16.16 21.44
C5A FMN G . -6.59 -15.88 20.54
C6 FMN G . -5.52 -15.08 20.96
C7 FMN G . -4.52 -14.74 20.06
C7M FMN G . -3.37 -13.88 20.55
C8 FMN G . -4.60 -15.18 18.73
C8M FMN G . -3.55 -14.83 17.70
C9 FMN G . -5.68 -15.97 18.33
C9A FMN G . -6.70 -16.32 19.21
N10 FMN G . -7.76 -17.13 18.84
C10 FMN G . -8.80 -17.30 19.71
C1' FMN G . -8.02 -17.36 17.38
C2' FMN G . -8.54 -16.12 16.63
O2' FMN G . -9.80 -15.70 17.13
C3' FMN G . -8.70 -16.35 15.12
O3' FMN G . -9.74 -17.33 14.95
C4' FMN G . -7.42 -16.85 14.43
O4' FMN G . -6.31 -16.06 14.88
C5' FMN G . -7.47 -16.81 12.89
O5' FMN G . -7.93 -15.54 12.44
P FMN G . -6.86 -14.41 11.99
O1P FMN G . -6.09 -14.06 13.24
O2P FMN G . -6.00 -15.07 10.97
O3P FMN G . -7.76 -13.28 11.53
O7N TXD H . -9.45 -20.37 21.41
C7N TXD H . -8.49 -19.80 22.14
N7N TXD H . -8.76 -19.32 23.29
C3N TXD H . -7.08 -19.72 21.63
C2N TXD H . -6.79 -20.14 20.33
C4N TXD H . -6.03 -19.28 22.44
C5N TXD H . -4.65 -19.56 22.03
C6N TXD H . -4.54 -19.54 20.57
N1N TXD H . -5.58 -19.97 19.81
C1'A TXD H . -5.33 -20.73 18.59
O4'A TXD H . -4.65 -21.94 18.88
C2'A TXD H . -4.48 -20.00 17.57
O2'A TXD H . -5.31 -19.23 16.71
C3'A TXD H . -3.78 -21.13 16.82
O3'A TXD H . -4.50 -21.55 15.65
C4'A TXD H . -3.81 -22.32 17.79
C5'A TXD H . -2.42 -22.63 18.33
O5'A TXD H . -1.89 -21.37 18.74
PN TXD H . -0.43 -21.19 19.38
O1N TXD H . 0.03 -19.79 19.03
O2N TXD H . -0.53 -21.56 20.84
O3 TXD H . 0.44 -22.28 18.61
PA TXD H . 1.46 -21.85 17.44
O2P TXD H . 2.80 -21.54 18.06
O1P TXD H . 0.78 -20.92 16.46
C4' TXD H . 0.26 -24.47 15.54
C3' TXD H . 0.32 -25.70 14.66
O3' TXD H . 1.03 -26.73 15.35
C2' TXD H . -1.13 -26.09 14.42
O2' TXD H . -1.30 -27.49 14.54
C1' TXD H . -1.88 -25.42 15.55
O4' TXD H . -1.11 -24.27 15.90
N9A TXD H . -3.27 -25.04 15.16
C4A TXD H . -3.62 -24.23 14.13
N3A TXD H . -2.91 -23.55 13.20
C2A TXD H . -3.56 -22.81 12.27
N1A TXD H . -4.89 -22.73 12.25
C6A TXD H . -5.64 -23.37 13.15
N6A TXD H . -7.00 -23.24 13.09
C5A TXD H . -5.02 -24.15 14.13
N7A TXD H . -5.46 -24.91 15.16
C8A TXD H . -4.39 -25.44 15.79
N1 FMN I . 24.37 6.00 -12.93
C2 FMN I . 24.78 6.64 -14.06
O2 FMN I . 25.07 7.84 -13.98
N3 FMN I . 24.86 5.99 -15.24
C4 FMN I . 24.56 4.68 -15.35
O4 FMN I . 24.62 4.11 -16.48
C4A FMN I . 24.15 4.00 -14.20
N5 FMN I . 23.87 2.67 -14.22
C5A FMN I . 23.28 2.07 -13.16
C6 FMN I . 22.80 0.76 -13.28
C7 FMN I . 22.13 0.15 -12.21
C7M FMN I . 21.62 -1.28 -12.40
C8 FMN I . 21.92 0.84 -11.03
C8M FMN I . 21.21 0.21 -9.85
C9 FMN I . 22.40 2.14 -10.92
C9A FMN I . 23.08 2.79 -11.98
N10 FMN I . 23.58 4.05 -11.87
C10 FMN I . 24.03 4.69 -12.98
C1' FMN I . 23.15 4.92 -10.74
C2' FMN I . 21.67 5.36 -10.82
O2' FMN I . 21.43 6.21 -11.96
C3' FMN I . 21.19 6.12 -9.57
O3' FMN I . 21.90 7.36 -9.47
C4' FMN I . 21.33 5.36 -8.24
O4' FMN I . 20.85 4.02 -8.37
C5' FMN I . 20.59 6.08 -7.10
O5' FMN I . 19.21 6.30 -7.41
P FMN I . 18.08 5.28 -6.93
O1P FMN I . 18.35 3.95 -7.62
O2P FMN I . 18.25 5.08 -5.43
O3P FMN I . 16.80 5.93 -7.40
O7N TXD J . 27.47 5.37 -13.48
C7N TXD J . 27.39 4.09 -13.83
N7N TXD J . 27.60 3.75 -15.05
C3N TXD J . 27.09 3.04 -12.82
C2N TXD J . 26.97 3.40 -11.47
C4N TXD J . 27.16 1.67 -13.14
C5N TXD J . 27.37 0.73 -12.04
C6N TXD J . 26.59 1.18 -10.87
N1N TXD J . 26.50 2.50 -10.58
C1'A TXD J . 26.62 2.96 -9.19
O4'A TXD J . 27.90 2.59 -8.65
C2'A TXD J . 25.58 2.37 -8.24
O2'A TXD J . 24.45 3.21 -8.17
C3'A TXD J . 26.31 2.35 -6.90
O3'A TXD J . 26.00 3.53 -6.16
C4'A TXD J . 27.79 2.38 -7.24
C5'A TXD J . 28.48 1.07 -6.86
O5'A TXD J . 27.58 0.03 -7.25
PN TXD J . 28.04 -1.50 -7.40
O1N TXD J . 26.83 -2.31 -7.75
O2N TXD J . 29.25 -1.55 -8.32
O3 TXD J . 28.54 -1.85 -5.91
PA TXD J . 27.55 -1.81 -4.64
O2P TXD J . 26.16 -1.38 -5.06
O1P TXD J . 28.28 -1.05 -3.54
O5' TXD J . 27.46 -3.37 -4.23
C1' TXD J . 29.31 1.97 -3.14
N9A TXD J . 28.93 3.31 -3.66
C4A TXD J . 27.77 3.92 -3.41
N3A TXD J . 26.70 3.55 -2.65
C2A TXD J . 25.64 4.37 -2.55
N1A TXD J . 25.60 5.57 -3.18
C6A TXD J . 26.64 5.98 -3.94
N6A TXD J . 26.55 7.19 -4.56
C5A TXD J . 27.76 5.14 -4.07
N7A TXD J . 28.94 5.23 -4.72
C8A TXD J . 29.64 4.11 -4.47
N1 FMN K . -12.39 -10.19 -22.78
C2 FMN K . -12.14 -11.07 -23.79
O2 FMN K . -12.49 -12.25 -23.70
N3 FMN K . -11.51 -10.66 -24.93
C4 FMN K . -11.11 -9.38 -25.08
O4 FMN K . -10.50 -9.05 -26.12
C4A FMN K . -11.37 -8.47 -24.07
N5 FMN K . -11.02 -7.16 -24.22
C5A FMN K . -11.13 -6.32 -23.17
C6 FMN K . -10.60 -5.02 -23.27
C7 FMN K . -10.61 -4.15 -22.17
C7M FMN K . -10.03 -2.77 -22.38
C8 FMN K . -11.15 -4.57 -20.95
C8M FMN K . -11.23 -3.71 -19.70
C9 FMN K . -11.67 -5.88 -20.86
C9A FMN K . -11.65 -6.77 -21.96
N10 FMN K . -12.16 -8.02 -21.87
C10 FMN K . -11.99 -8.90 -22.89
C1' FMN K . -12.48 -8.55 -20.53
C2' FMN K . -11.25 -8.96 -19.67
O2' FMN K . -10.49 -10.00 -20.30
C3' FMN K . -11.67 -9.51 -18.29
O3' FMN K . -12.40 -10.74 -18.44
C4' FMN K . -12.55 -8.56 -17.49
O4' FMN K . -12.01 -7.24 -17.62
C5' FMN K . -12.62 -8.94 -16.00
O5' FMN K . -11.32 -9.08 -15.40
P FMN K . -10.55 -7.88 -14.62
O1P FMN K . -10.27 -6.82 -15.65
O2P FMN K . -11.51 -7.36 -13.59
O3P FMN K . -9.31 -8.56 -14.11
O7N TXD L . -14.57 -9.85 -25.11
C7N TXD L . -14.26 -8.67 -25.63
N7N TXD L . -13.72 -8.64 -26.79
C3N TXD L . -14.55 -7.42 -24.83
C2N TXD L . -15.20 -7.56 -23.60
C4N TXD L . -14.47 -6.16 -25.41
C5N TXD L . -15.13 -5.03 -24.71
C6N TXD L . -15.10 -5.27 -23.27
N1N TXD L . -15.39 -6.51 -22.80
C1'A TXD L . -16.33 -6.68 -21.69
O4'A TXD L . -17.66 -6.27 -22.01
C2'A TXD L . -15.94 -5.90 -20.44
O2'A TXD L . -15.07 -6.68 -19.64
C3'A TXD L . -17.27 -5.65 -19.75
O3'A TXD L . -17.55 -6.70 -18.81
C4'A TXD L . -18.32 -5.74 -20.85
C5'A TXD L . -18.96 -4.40 -21.13
O5'A TXD L . -17.92 -3.57 -21.63
PN TXD L . -18.02 -1.97 -21.74
O1N TXD L . -16.80 -1.37 -21.06
O2N TXD L . -18.27 -1.69 -23.20
O3 TXD L . -19.34 -1.64 -20.90
PA TXD L . -19.31 -0.83 -19.52
O2P TXD L . -18.36 -1.50 -18.56
O1P TXD L . -20.75 -0.60 -19.12
O5' TXD L . -18.69 0.59 -19.98
C1' TXD L . -21.89 -4.82 -18.73
N9A TXD L . -21.35 -6.22 -18.63
C4A TXD L . -20.54 -6.65 -17.66
N3A TXD L . -20.00 -6.03 -16.58
C2A TXD L . -19.19 -6.70 -15.76
N1A TXD L . -18.89 -8.00 -15.96
C6A TXD L . -19.39 -8.68 -17.01
N6A TXD L . -19.05 -9.99 -17.17
C5A TXD L . -20.24 -8.00 -17.91
N7A TXD L . -20.90 -8.34 -19.04
C8A TXD L . -21.58 -7.25 -19.48
#